data_5X1V
#
_entry.id   5X1V
#
_cell.length_a   80.468
_cell.length_b   151.658
_cell.length_c   92.079
_cell.angle_alpha   90.00
_cell.angle_beta   102.44
_cell.angle_gamma   90.00
#
_symmetry.space_group_name_H-M   'P 1 21 1'
#
loop_
_entity.id
_entity.type
_entity.pdbx_description
1 polymer 'Pyruvate kinase PKM'
2 non-polymer 1,6-di-O-phosphono-beta-D-fructofuranose
3 non-polymer 4-[2,3-bis(chloranyl)phenyl]carbonyl-1-methyl-pyrrole-2-carboxamide
4 water water
#
_entity_poly.entity_id   1
_entity_poly.type   'polypeptide(L)'
_entity_poly.pdbx_seq_one_letter_code
;MGSSHHHHHHSSGLVPRGSMSKPHSEAGTAFIQTQQLHAAMADTFLEHMCRLDIDSPPITARNTGIICTIGPASRSVETL
KEMIKSGMNVARLNFSHGTHEYHAETIKNVRTATESFASDPILYRPVAVALDTKGPEIRTGLIKGSGTAEVELKKGATLK
ITLDNAYMEKCDENILWLDYKNICKVVEVGSKIYVDDGLISLQVKQKGADFLVTEVENGGSLGSKKGVNLPGAAVDLPAV
SEKDIQDLKFGVEQDVDMVFASFIRKASDVHEVRKVLGEKGKNIKIISKIENHEGVRRFDEILEASDGIMVARGDLGIEI
PAEKVFLAQKMMIGRCNRAGKPVICATQMLESMIKKPRPTRAEGSDVANAVLDGADCIMLSGETAKGDYPLEAVRMQHLI
AREAEAAIYHLQLFEELRRLAPITSDPTEATAVGAVEASFKCCSGAIIVLTKSGRSAHQVARYRPRAPIIAVTRNPQTAR
QAHLYRGIFPVLCKDPVQEAWAEDVDLRVNFAMNVGKARGFFKKGDVVIVLTGWRPGSGFTNTMRVVPVP
;
_entity_poly.pdbx_strand_id   A,B,C,D
#
# COMPACT_ATOMS: atom_id res chain seq x y z
N GLN A 33 15.67 -18.92 2.92
CA GLN A 33 15.22 -20.08 2.08
C GLN A 33 14.41 -21.08 2.89
N THR A 34 14.23 -20.78 4.17
CA THR A 34 13.33 -21.54 5.03
C THR A 34 12.13 -20.63 5.36
N GLN A 35 11.08 -21.21 6.00
CA GLN A 35 9.89 -20.51 6.56
C GLN A 35 9.04 -19.65 5.60
N GLN A 36 9.14 -19.94 4.29
CA GLN A 36 8.76 -19.06 3.17
C GLN A 36 9.20 -17.59 3.33
N LEU A 37 10.49 -17.40 3.63
CA LEU A 37 11.01 -16.05 3.87
C LEU A 37 11.28 -15.29 2.57
N HIS A 38 11.42 -16.02 1.47
CA HIS A 38 11.48 -15.43 0.13
C HIS A 38 10.11 -14.81 -0.20
N ALA A 39 9.04 -15.54 0.14
CA ALA A 39 7.66 -15.08 0.02
C ALA A 39 7.34 -13.89 0.94
N ALA A 40 7.92 -13.88 2.14
CA ALA A 40 7.69 -12.86 3.16
C ALA A 40 8.23 -11.48 2.77
N MET A 41 9.30 -11.47 1.98
CA MET A 41 9.92 -10.27 1.44
C MET A 41 9.25 -9.65 0.20
N ALA A 42 8.18 -10.25 -0.30
CA ALA A 42 7.43 -9.70 -1.44
C ALA A 42 6.67 -8.42 -1.12
N ASP A 43 6.59 -7.55 -2.12
CA ASP A 43 5.98 -6.24 -1.97
C ASP A 43 4.50 -6.25 -2.29
N THR A 44 4.04 -7.32 -2.94
CA THR A 44 2.63 -7.49 -3.26
C THR A 44 2.14 -8.87 -2.80
N PHE A 45 0.82 -8.99 -2.66
CA PHE A 45 0.12 -10.21 -2.26
C PHE A 45 0.24 -11.25 -3.37
N LEU A 46 0.08 -10.81 -4.61
CA LEU A 46 0.24 -11.68 -5.79
C LEU A 46 1.66 -12.28 -5.94
N GLU A 47 2.69 -11.47 -5.72
CA GLU A 47 4.08 -11.94 -5.80
C GLU A 47 4.46 -12.87 -4.63
N HIS A 48 3.86 -12.61 -3.45
CA HIS A 48 3.89 -13.54 -2.28
C HIS A 48 3.34 -14.94 -2.62
N MET A 49 2.22 -14.98 -3.35
CA MET A 49 1.66 -16.21 -3.86
C MET A 49 2.57 -16.90 -4.86
N CYS A 50 3.15 -16.12 -5.79
CA CYS A 50 4.13 -16.59 -6.80
C CYS A 50 5.42 -17.22 -6.25
N ARG A 51 5.82 -16.75 -5.07
CA ARG A 51 7.06 -17.17 -4.43
C ARG A 51 6.90 -18.29 -3.43
N LEU A 52 5.68 -18.81 -3.27
CA LEU A 52 5.40 -19.94 -2.37
C LEU A 52 6.11 -21.20 -2.88
N ASP A 53 6.89 -21.79 -1.99
CA ASP A 53 7.95 -22.70 -2.37
C ASP A 53 7.85 -23.99 -1.57
N ILE A 54 7.53 -25.08 -2.29
CA ILE A 54 7.47 -26.44 -1.73
C ILE A 54 8.78 -27.00 -1.13
N ASP A 55 9.93 -26.46 -1.53
CA ASP A 55 11.24 -26.87 -0.99
C ASP A 55 11.74 -25.93 0.11
N SER A 56 10.86 -25.06 0.61
CA SER A 56 11.19 -24.19 1.74
C SER A 56 10.52 -24.74 3.01
N PRO A 57 11.30 -25.40 3.90
CA PRO A 57 10.72 -26.06 5.09
C PRO A 57 10.34 -25.08 6.22
N PRO A 58 9.29 -25.42 7.00
CA PRO A 58 8.91 -24.56 8.14
C PRO A 58 9.73 -24.77 9.42
N ILE A 59 9.49 -23.91 10.42
CA ILE A 59 9.96 -24.10 11.81
C ILE A 59 9.24 -25.24 12.53
N THR A 60 9.79 -25.64 13.69
CA THR A 60 9.25 -26.73 14.53
C THR A 60 7.92 -26.35 15.22
N ALA A 61 7.73 -25.06 15.49
CA ALA A 61 6.54 -24.56 16.17
C ALA A 61 5.31 -24.55 15.25
N ARG A 62 4.21 -25.07 15.77
CA ARG A 62 2.92 -25.05 15.08
C ARG A 62 1.93 -24.24 15.92
N ASN A 63 1.54 -23.10 15.40
CA ASN A 63 0.78 -22.10 16.12
C ASN A 63 -0.74 -22.33 16.26
N THR A 64 -1.35 -23.05 15.33
CA THR A 64 -2.80 -23.21 15.30
C THR A 64 -3.19 -24.36 16.25
N GLY A 65 -4.17 -24.13 17.13
CA GLY A 65 -4.71 -25.19 18.01
C GLY A 65 -5.42 -26.31 17.27
N ILE A 66 -5.24 -27.54 17.74
CA ILE A 66 -5.96 -28.68 17.18
C ILE A 66 -6.91 -29.22 18.22
N ILE A 67 -8.20 -29.19 17.89
CA ILE A 67 -9.24 -29.69 18.79
C ILE A 67 -9.68 -31.03 18.25
N CYS A 68 -9.61 -32.06 19.09
CA CYS A 68 -10.04 -33.39 18.67
C CYS A 68 -11.26 -33.85 19.46
N THR A 69 -12.25 -34.32 18.74
CA THR A 69 -13.41 -34.92 19.36
C THR A 69 -13.08 -36.35 19.77
N ILE A 70 -13.28 -36.66 21.05
CA ILE A 70 -12.96 -38.01 21.56
C ILE A 70 -14.22 -38.87 21.60
N GLY A 71 -14.18 -40.03 20.97
CA GLY A 71 -15.27 -41.01 21.02
C GLY A 71 -14.63 -42.39 21.11
N PRO A 72 -15.29 -43.45 20.59
CA PRO A 72 -14.82 -44.87 20.62
C PRO A 72 -13.41 -45.13 20.09
N ALA A 73 -13.05 -44.51 18.96
CA ALA A 73 -11.73 -44.71 18.34
C ALA A 73 -10.54 -44.09 19.07
N SER A 74 -10.80 -43.12 19.93
CA SER A 74 -9.74 -42.37 20.59
C SER A 74 -9.81 -42.34 22.10
N ARG A 75 -10.83 -43.02 22.64
CA ARG A 75 -11.15 -43.13 24.06
C ARG A 75 -10.06 -43.60 25.04
N SER A 76 -9.30 -44.62 24.62
CA SER A 76 -8.32 -45.27 25.50
C SER A 76 -7.15 -44.35 25.80
N VAL A 77 -6.60 -44.51 27.01
CA VAL A 77 -5.42 -43.79 27.52
C VAL A 77 -4.21 -43.96 26.59
N GLU A 78 -4.05 -45.19 26.07
CA GLU A 78 -3.09 -45.57 25.02
C GLU A 78 -3.19 -44.70 23.75
N THR A 79 -4.39 -44.53 23.23
CA THR A 79 -4.62 -43.75 22.01
C THR A 79 -4.45 -42.26 22.30
N LEU A 80 -4.99 -41.84 23.45
CA LEU A 80 -4.87 -40.46 23.96
C LEU A 80 -3.47 -39.94 24.26
N LYS A 81 -2.59 -40.84 24.68
CA LYS A 81 -1.15 -40.53 24.84
C LYS A 81 -0.52 -40.22 23.49
N GLU A 82 -0.86 -41.04 22.49
CA GLU A 82 -0.39 -40.83 21.13
C GLU A 82 -1.08 -39.64 20.41
N MET A 83 -2.31 -39.27 20.84
CA MET A 83 -3.00 -38.04 20.36
C MET A 83 -2.23 -36.78 20.74
N ILE A 84 -1.90 -36.67 22.03
CA ILE A 84 -1.08 -35.59 22.63
C ILE A 84 0.31 -35.45 21.96
N LYS A 85 0.95 -36.59 21.71
CA LYS A 85 2.21 -36.66 20.95
C LYS A 85 2.08 -36.23 19.50
N SER A 86 0.95 -36.56 18.87
CA SER A 86 0.72 -36.17 17.47
C SER A 86 0.27 -34.72 17.30
N GLY A 87 -0.17 -34.11 18.40
CA GLY A 87 -0.35 -32.66 18.48
C GLY A 87 -1.69 -32.11 18.96
N MET A 88 -2.49 -32.95 19.63
CA MET A 88 -3.78 -32.55 20.21
C MET A 88 -3.65 -31.52 21.33
N ASN A 89 -4.38 -30.42 21.22
CA ASN A 89 -4.35 -29.41 22.25
C ASN A 89 -5.59 -29.40 23.11
N VAL A 90 -6.74 -29.70 22.50
CA VAL A 90 -8.03 -29.64 23.16
C VAL A 90 -8.74 -30.96 22.89
N ALA A 91 -9.26 -31.59 23.94
CA ALA A 91 -10.21 -32.67 23.80
C ALA A 91 -11.65 -32.14 23.88
N ARG A 92 -12.40 -32.37 22.80
CA ARG A 92 -13.83 -32.02 22.72
C ARG A 92 -14.72 -33.20 23.05
N LEU A 93 -15.66 -32.99 23.97
CA LEU A 93 -16.70 -33.97 24.19
C LEU A 93 -18.00 -33.47 23.62
N ASN A 94 -18.56 -34.30 22.75
CA ASN A 94 -19.80 -34.00 22.10
C ASN A 94 -20.91 -34.64 22.90
N PHE A 95 -21.78 -33.79 23.45
CA PHE A 95 -22.87 -34.27 24.29
C PHE A 95 -24.18 -34.43 23.53
N SER A 96 -24.11 -34.38 22.19
CA SER A 96 -25.23 -34.86 21.37
C SER A 96 -25.37 -36.39 21.48
N HIS A 97 -24.25 -37.09 21.72
CA HIS A 97 -24.30 -38.53 22.03
C HIS A 97 -23.72 -38.82 23.40
N GLY A 98 -24.23 -39.86 24.03
CA GLY A 98 -23.55 -40.45 25.16
C GLY A 98 -24.12 -40.03 26.49
N THR A 99 -23.87 -40.86 27.49
CA THR A 99 -24.30 -40.60 28.84
C THR A 99 -23.19 -39.87 29.57
N HIS A 100 -23.55 -39.35 30.75
CA HIS A 100 -22.66 -38.67 31.66
C HIS A 100 -21.55 -39.56 32.21
N GLU A 101 -21.84 -40.84 32.43
CA GLU A 101 -20.83 -41.86 32.81
C GLU A 101 -19.76 -42.08 31.73
N TYR A 102 -20.22 -42.15 30.48
CA TYR A 102 -19.35 -42.33 29.30
C TYR A 102 -18.40 -41.15 29.16
N HIS A 103 -18.95 -39.95 29.29
CA HIS A 103 -18.17 -38.72 29.23
C HIS A 103 -17.24 -38.47 30.41
N ALA A 104 -17.66 -38.81 31.64
CA ALA A 104 -16.78 -38.74 32.84
C ALA A 104 -15.58 -39.67 32.76
N GLU A 105 -15.81 -40.86 32.22
CA GLU A 105 -14.74 -41.84 32.02
C GLU A 105 -13.82 -41.44 30.87
N THR A 106 -14.37 -40.78 29.84
CA THR A 106 -13.57 -40.18 28.74
C THR A 106 -12.64 -39.05 29.26
N ILE A 107 -13.22 -38.18 30.10
CA ILE A 107 -12.53 -37.05 30.78
C ILE A 107 -11.37 -37.54 31.67
N LYS A 108 -11.65 -38.58 32.45
CA LYS A 108 -10.67 -39.23 33.34
C LYS A 108 -9.49 -39.81 32.57
N ASN A 109 -9.77 -40.44 31.44
CA ASN A 109 -8.74 -40.97 30.54
C ASN A 109 -7.93 -39.90 29.80
N VAL A 110 -8.54 -38.74 29.53
CA VAL A 110 -7.85 -37.57 28.95
C VAL A 110 -6.85 -37.05 29.98
N ARG A 111 -7.34 -36.92 31.22
CA ARG A 111 -6.53 -36.46 32.35
C ARG A 111 -5.47 -37.44 32.81
N THR A 112 -5.67 -38.74 32.60
CA THR A 112 -4.65 -39.75 32.89
C THR A 112 -3.50 -39.66 31.88
N ALA A 113 -3.85 -39.52 30.61
CA ALA A 113 -2.85 -39.40 29.54
C ALA A 113 -2.10 -38.06 29.55
N THR A 114 -2.78 -36.99 29.95
CA THR A 114 -2.18 -35.65 30.08
C THR A 114 -1.20 -35.63 31.23
N GLU A 115 -1.62 -36.13 32.39
CA GLU A 115 -0.75 -36.17 33.58
C GLU A 115 0.35 -37.23 33.60
N SER A 116 0.39 -38.11 32.60
CA SER A 116 1.49 -39.08 32.44
C SER A 116 2.82 -38.45 31.96
N PHE A 117 2.77 -37.20 31.51
CA PHE A 117 3.93 -36.39 31.15
C PHE A 117 4.22 -35.26 32.16
N ALA A 118 3.56 -35.28 33.31
CA ALA A 118 3.67 -34.18 34.29
C ALA A 118 4.95 -34.17 35.12
N SER A 119 5.64 -35.30 35.13
CA SER A 119 6.91 -35.51 35.86
C SER A 119 8.04 -34.57 35.44
N ASP A 120 8.14 -34.31 34.14
CA ASP A 120 9.01 -33.27 33.62
C ASP A 120 8.16 -32.11 33.11
N PRO A 121 8.09 -30.99 33.88
CA PRO A 121 7.31 -29.78 33.56
C PRO A 121 7.81 -29.00 32.33
N ILE A 122 9.08 -29.20 31.96
CA ILE A 122 9.65 -28.71 30.70
C ILE A 122 8.98 -29.38 29.47
N LEU A 123 8.66 -30.66 29.58
CA LEU A 123 8.03 -31.38 28.46
C LEU A 123 6.53 -31.68 28.63
N TYR A 124 5.93 -31.16 29.69
CA TYR A 124 4.49 -31.29 29.90
C TYR A 124 3.70 -30.36 28.97
N ARG A 125 2.69 -30.91 28.30
CA ARG A 125 1.80 -30.14 27.44
C ARG A 125 0.42 -30.16 28.08
N PRO A 126 -0.11 -28.97 28.45
CA PRO A 126 -1.47 -28.77 28.96
C PRO A 126 -2.47 -29.12 27.87
N VAL A 127 -3.50 -29.89 28.25
CA VAL A 127 -4.56 -30.32 27.34
C VAL A 127 -5.88 -29.84 27.88
N ALA A 128 -6.57 -28.99 27.13
CA ALA A 128 -7.87 -28.48 27.52
C ALA A 128 -9.01 -29.46 27.28
N VAL A 129 -10.07 -29.31 28.08
CA VAL A 129 -11.30 -30.11 27.97
C VAL A 129 -12.47 -29.18 27.61
N ALA A 130 -13.10 -29.48 26.49
CA ALA A 130 -14.23 -28.72 26.00
C ALA A 130 -15.50 -29.54 26.00
N LEU A 131 -16.58 -28.92 26.45
CA LEU A 131 -17.88 -29.53 26.39
C LEU A 131 -18.62 -28.92 25.21
N ASP A 132 -19.07 -29.74 24.27
CA ASP A 132 -19.87 -29.25 23.16
C ASP A 132 -21.30 -29.67 23.45
N THR A 133 -22.19 -28.68 23.47
CA THR A 133 -23.55 -28.93 23.89
C THR A 133 -24.38 -29.44 22.77
N LYS A 134 -25.41 -30.22 23.12
CA LYS A 134 -26.49 -30.63 22.23
C LYS A 134 -27.27 -29.47 21.63
N GLY A 135 -27.87 -28.61 22.45
CA GLY A 135 -28.59 -27.48 21.87
C GLY A 135 -29.97 -27.87 21.36
N PRO A 136 -30.59 -27.00 20.57
CA PRO A 136 -31.92 -27.20 20.00
C PRO A 136 -31.87 -28.06 18.74
N GLU A 137 -31.57 -29.34 18.93
CA GLU A 137 -31.50 -30.29 17.84
C GLU A 137 -32.86 -30.88 17.60
N ILE A 138 -33.12 -31.24 16.36
CA ILE A 138 -34.23 -32.13 16.07
C ILE A 138 -33.55 -33.44 15.67
N ARG A 139 -33.96 -34.55 16.32
CA ARG A 139 -33.44 -35.87 15.96
C ARG A 139 -34.49 -36.93 15.65
N THR A 140 -34.10 -37.85 14.77
CA THR A 140 -34.91 -39.01 14.38
C THR A 140 -34.95 -40.09 15.46
N GLY A 141 -35.86 -41.04 15.29
CA GLY A 141 -35.96 -42.20 16.18
C GLY A 141 -35.07 -43.36 15.77
N LEU A 142 -35.38 -44.54 16.33
CA LEU A 142 -34.61 -45.74 16.05
C LEU A 142 -35.16 -46.51 14.85
N ILE A 143 -34.27 -46.94 13.96
CA ILE A 143 -34.64 -47.84 12.86
C ILE A 143 -34.78 -49.24 13.44
N LYS A 144 -36.05 -49.69 13.49
CA LYS A 144 -36.49 -51.04 13.94
C LYS A 144 -36.13 -51.47 15.38
N GLY A 145 -35.84 -50.48 16.24
CA GLY A 145 -35.47 -50.74 17.64
C GLY A 145 -34.03 -50.47 18.05
N SER A 146 -33.13 -50.30 17.08
CA SER A 146 -31.71 -50.15 17.41
C SER A 146 -31.01 -48.97 16.76
N GLY A 147 -29.93 -48.55 17.42
CA GLY A 147 -29.08 -47.44 16.99
C GLY A 147 -28.25 -47.67 15.74
N THR A 148 -27.94 -48.93 15.44
CA THR A 148 -27.01 -49.24 14.34
C THR A 148 -27.67 -49.86 13.10
N ALA A 149 -28.98 -50.07 13.15
CA ALA A 149 -29.70 -50.59 11.98
C ALA A 149 -29.94 -49.48 10.96
N GLU A 150 -29.77 -49.82 9.69
CA GLU A 150 -29.94 -48.88 8.59
C GLU A 150 -30.93 -49.41 7.55
N VAL A 151 -31.73 -48.50 6.99
CA VAL A 151 -32.50 -48.81 5.77
C VAL A 151 -31.95 -48.01 4.57
N GLU A 152 -32.36 -48.40 3.37
CA GLU A 152 -31.97 -47.69 2.16
C GLU A 152 -33.14 -46.89 1.60
N LEU A 153 -32.83 -45.67 1.16
CA LEU A 153 -33.84 -44.79 0.57
C LEU A 153 -33.48 -44.50 -0.89
N LYS A 154 -34.51 -44.40 -1.72
CA LYS A 154 -34.32 -44.20 -3.16
C LYS A 154 -34.97 -42.90 -3.64
N LYS A 155 -34.41 -42.33 -4.70
CA LYS A 155 -34.85 -41.06 -5.29
C LYS A 155 -36.25 -41.14 -5.92
N GLY A 156 -37.16 -40.29 -5.46
CA GLY A 156 -38.52 -40.22 -5.99
C GLY A 156 -39.53 -41.03 -5.21
N ALA A 157 -39.11 -41.61 -4.09
CA ALA A 157 -39.99 -42.39 -3.22
C ALA A 157 -40.85 -41.50 -2.30
N THR A 158 -41.72 -42.12 -1.53
CA THR A 158 -42.59 -41.40 -0.60
C THR A 158 -42.49 -41.93 0.82
N LEU A 159 -42.32 -41.02 1.78
CA LEU A 159 -42.31 -41.38 3.21
C LEU A 159 -43.06 -40.37 4.07
N LYS A 160 -43.71 -40.88 5.13
CA LYS A 160 -44.61 -40.07 5.95
C LYS A 160 -44.08 -39.84 7.35
N ILE A 161 -43.68 -38.61 7.64
CA ILE A 161 -43.20 -38.26 8.97
C ILE A 161 -44.40 -38.03 9.90
N THR A 162 -44.45 -38.78 11.01
CA THR A 162 -45.57 -38.67 11.96
C THR A 162 -45.15 -38.17 13.35
N LEU A 163 -46.15 -37.81 14.15
CA LEU A 163 -45.93 -37.20 15.45
C LEU A 163 -46.33 -38.05 16.67
N ASP A 164 -47.14 -39.09 16.44
CA ASP A 164 -47.55 -39.98 17.54
C ASP A 164 -46.39 -40.89 17.99
N ASN A 165 -46.26 -41.02 19.31
CA ASN A 165 -45.04 -41.54 19.94
C ASN A 165 -44.91 -43.06 20.01
N ALA A 166 -45.88 -43.78 19.43
CA ALA A 166 -45.81 -45.22 19.26
C ALA A 166 -44.80 -45.61 18.16
N TYR A 167 -44.64 -44.74 17.17
CA TYR A 167 -43.72 -44.96 16.05
C TYR A 167 -42.28 -44.43 16.26
N MET A 168 -41.89 -44.25 17.53
CA MET A 168 -40.58 -43.65 17.85
C MET A 168 -39.41 -44.65 17.83
N GLU A 169 -39.73 -45.94 17.81
CA GLU A 169 -38.71 -46.97 17.79
C GLU A 169 -38.87 -47.96 16.63
N LYS A 170 -39.99 -47.85 15.92
CA LYS A 170 -40.20 -48.67 14.72
C LYS A 170 -40.24 -47.80 13.45
N CYS A 171 -39.22 -46.96 13.28
CA CYS A 171 -39.01 -46.22 12.05
C CYS A 171 -38.46 -47.15 10.98
N ASP A 172 -38.87 -46.95 9.73
CA ASP A 172 -38.41 -47.81 8.64
C ASP A 172 -38.15 -47.02 7.35
N GLU A 173 -38.63 -47.55 6.23
CA GLU A 173 -38.53 -46.90 4.93
C GLU A 173 -39.72 -46.00 4.67
N ASN A 174 -40.77 -46.17 5.48
CA ASN A 174 -42.08 -45.56 5.21
C ASN A 174 -42.50 -44.50 6.22
N ILE A 175 -42.26 -44.76 7.49
CA ILE A 175 -42.71 -43.91 8.59
C ILE A 175 -41.49 -43.41 9.39
N LEU A 176 -41.36 -42.10 9.57
CA LEU A 176 -40.31 -41.55 10.44
C LEU A 176 -40.91 -40.76 11.61
N TRP A 177 -40.21 -40.75 12.74
CA TRP A 177 -40.60 -39.94 13.88
C TRP A 177 -39.46 -38.99 14.26
N LEU A 178 -39.82 -37.75 14.61
CA LEU A 178 -38.87 -36.78 15.18
C LEU A 178 -39.42 -36.06 16.43
N ASP A 179 -38.50 -35.67 17.32
CA ASP A 179 -38.85 -35.23 18.67
C ASP A 179 -39.40 -33.80 18.81
N TYR A 180 -39.26 -32.99 17.77
CA TYR A 180 -39.79 -31.64 17.78
C TYR A 180 -41.28 -31.70 17.48
N LYS A 181 -42.09 -31.37 18.48
CA LYS A 181 -43.55 -31.49 18.40
C LYS A 181 -44.23 -30.42 17.53
N ASN A 182 -43.58 -29.27 17.38
CA ASN A 182 -44.13 -28.18 16.59
C ASN A 182 -43.64 -28.13 15.13
N ILE A 183 -43.51 -29.31 14.52
CA ILE A 183 -43.02 -29.47 13.13
C ILE A 183 -44.02 -28.94 12.10
N CYS A 184 -45.31 -29.23 12.32
CA CYS A 184 -46.41 -28.76 11.48
C CYS A 184 -46.72 -27.27 11.70
N LYS A 185 -46.34 -26.76 12.86
CA LYS A 185 -46.69 -25.42 13.31
C LYS A 185 -45.82 -24.29 12.73
N VAL A 186 -44.78 -24.64 11.98
CA VAL A 186 -43.92 -23.63 11.33
C VAL A 186 -43.71 -23.77 9.81
N VAL A 187 -43.59 -25.00 9.31
CA VAL A 187 -43.25 -25.22 7.89
C VAL A 187 -44.46 -25.13 6.95
N GLU A 188 -44.17 -25.06 5.65
CA GLU A 188 -45.22 -24.99 4.62
C GLU A 188 -45.12 -26.22 3.69
N VAL A 189 -46.10 -26.34 2.80
CA VAL A 189 -46.07 -27.37 1.76
C VAL A 189 -45.12 -26.91 0.66
N GLY A 190 -44.05 -27.67 0.45
CA GLY A 190 -43.00 -27.31 -0.50
C GLY A 190 -41.68 -26.96 0.18
N SER A 191 -41.70 -26.95 1.51
CA SER A 191 -40.49 -26.71 2.31
C SER A 191 -39.59 -27.94 2.30
N LYS A 192 -38.28 -27.70 2.37
CA LYS A 192 -37.32 -28.79 2.38
C LYS A 192 -36.93 -29.21 3.78
N ILE A 193 -36.92 -30.53 4.01
CA ILE A 193 -36.56 -31.14 5.29
C ILE A 193 -35.34 -32.03 5.06
N TYR A 194 -34.25 -31.74 5.76
CA TYR A 194 -33.00 -32.45 5.53
C TYR A 194 -32.64 -33.36 6.72
N VAL A 195 -32.33 -34.62 6.43
CA VAL A 195 -31.98 -35.63 7.45
C VAL A 195 -30.52 -36.08 7.24
N ASP A 196 -29.78 -36.26 8.34
CA ASP A 196 -28.44 -36.89 8.45
C ASP A 196 -27.35 -36.14 7.69
N ASP A 197 -26.94 -35.02 8.29
CA ASP A 197 -25.96 -34.06 7.75
C ASP A 197 -26.33 -33.48 6.37
N GLY A 198 -27.62 -33.28 6.15
CA GLY A 198 -28.17 -32.78 4.88
C GLY A 198 -28.23 -33.72 3.68
N LEU A 199 -27.78 -34.97 3.87
CA LEU A 199 -27.61 -35.94 2.79
C LEU A 199 -28.92 -36.47 2.23
N ILE A 200 -29.85 -36.81 3.11
CA ILE A 200 -31.20 -37.16 2.70
C ILE A 200 -32.01 -35.86 2.62
N SER A 201 -32.46 -35.51 1.42
CA SER A 201 -33.32 -34.35 1.25
C SER A 201 -34.76 -34.81 1.05
N LEU A 202 -35.67 -34.19 1.80
CA LEU A 202 -37.12 -34.43 1.63
C LEU A 202 -37.83 -33.12 1.25
N GLN A 203 -39.10 -33.22 0.88
CA GLN A 203 -39.92 -32.07 0.50
C GLN A 203 -41.40 -32.32 0.81
N VAL A 204 -41.97 -31.46 1.67
CA VAL A 204 -43.35 -31.58 2.17
C VAL A 204 -44.40 -31.32 1.09
N LYS A 205 -45.15 -32.36 0.74
CA LYS A 205 -46.21 -32.26 -0.26
C LYS A 205 -47.56 -32.55 0.38
N LEU A 212 -46.73 -35.22 8.08
CA LEU A 212 -46.44 -34.68 6.75
C LEU A 212 -46.12 -35.81 5.78
N VAL A 213 -46.66 -35.70 4.57
CA VAL A 213 -46.38 -36.67 3.50
C VAL A 213 -45.33 -36.07 2.57
N THR A 214 -44.17 -36.70 2.50
CA THR A 214 -43.03 -36.13 1.76
C THR A 214 -42.60 -36.90 0.52
N GLU A 215 -41.87 -36.18 -0.35
CA GLU A 215 -41.22 -36.73 -1.53
C GLU A 215 -39.72 -36.83 -1.23
N VAL A 216 -39.15 -38.02 -1.44
CA VAL A 216 -37.71 -38.22 -1.28
C VAL A 216 -36.99 -37.62 -2.49
N GLU A 217 -36.47 -36.40 -2.29
CA GLU A 217 -35.70 -35.65 -3.29
C GLU A 217 -34.36 -36.32 -3.51
N ASN A 218 -33.75 -36.74 -2.40
CA ASN A 218 -32.45 -37.38 -2.41
C ASN A 218 -32.44 -38.59 -1.50
N GLY A 219 -32.09 -39.74 -2.06
CA GLY A 219 -32.05 -40.98 -1.29
C GLY A 219 -30.73 -41.22 -0.59
N GLY A 220 -30.43 -42.49 -0.32
CA GLY A 220 -29.22 -42.87 0.39
C GLY A 220 -29.53 -43.69 1.62
N SER A 221 -28.53 -43.81 2.50
CA SER A 221 -28.68 -44.61 3.72
C SER A 221 -29.32 -43.83 4.86
N LEU A 222 -30.47 -44.30 5.34
CA LEU A 222 -31.12 -43.71 6.52
C LEU A 222 -30.81 -44.54 7.74
N GLY A 223 -30.27 -43.90 8.78
CA GLY A 223 -29.98 -44.58 10.05
C GLY A 223 -30.80 -44.07 11.23
N SER A 224 -30.36 -44.42 12.43
CA SER A 224 -31.04 -44.05 13.65
C SER A 224 -30.38 -42.86 14.32
N LYS A 225 -31.22 -42.03 14.93
CA LYS A 225 -30.85 -40.83 15.74
C LYS A 225 -30.01 -39.79 15.00
N LYS A 226 -30.56 -39.34 13.87
CA LYS A 226 -29.87 -38.46 12.94
C LYS A 226 -30.43 -37.04 13.02
N GLY A 227 -29.56 -36.04 12.77
CA GLY A 227 -29.93 -34.62 12.78
C GLY A 227 -30.92 -34.21 11.70
N VAL A 228 -31.93 -33.43 12.09
CA VAL A 228 -32.95 -32.93 11.16
C VAL A 228 -32.86 -31.40 11.08
N ASN A 229 -32.82 -30.87 9.86
CA ASN A 229 -32.80 -29.43 9.63
C ASN A 229 -34.00 -28.94 8.86
N LEU A 230 -34.46 -27.74 9.24
CA LEU A 230 -35.55 -26.99 8.60
C LEU A 230 -35.06 -25.55 8.36
N PRO A 231 -34.45 -25.29 7.19
CA PRO A 231 -33.82 -23.99 6.91
C PRO A 231 -34.81 -22.85 6.61
N GLY A 232 -35.99 -23.20 6.13
CA GLY A 232 -37.02 -22.21 5.85
C GLY A 232 -37.73 -21.75 7.11
N ALA A 233 -37.81 -22.65 8.10
CA ALA A 233 -38.62 -22.46 9.30
C ALA A 233 -38.00 -21.52 10.33
N ALA A 234 -38.87 -20.93 11.16
CA ALA A 234 -38.44 -20.16 12.32
C ALA A 234 -38.79 -20.99 13.55
N VAL A 235 -37.88 -21.90 13.90
CA VAL A 235 -38.04 -22.88 14.98
C VAL A 235 -37.93 -22.19 16.35
N ASP A 236 -38.99 -22.31 17.15
CA ASP A 236 -39.05 -21.69 18.47
C ASP A 236 -38.72 -22.67 19.61
N LEU A 237 -37.61 -23.39 19.43
CA LEU A 237 -37.06 -24.30 20.41
C LEU A 237 -36.25 -23.43 21.38
N PRO A 238 -36.14 -23.82 22.67
CA PRO A 238 -35.45 -22.94 23.63
C PRO A 238 -33.93 -22.94 23.46
N ALA A 239 -33.31 -21.85 23.93
CA ALA A 239 -31.87 -21.60 23.80
C ALA A 239 -31.06 -22.65 24.54
N VAL A 240 -31.37 -22.77 25.82
CA VAL A 240 -30.77 -23.74 26.71
C VAL A 240 -31.90 -24.68 27.15
N SER A 241 -31.90 -25.89 26.61
CA SER A 241 -32.90 -26.91 26.93
C SER A 241 -32.59 -27.58 28.25
N GLU A 242 -33.49 -28.45 28.69
CA GLU A 242 -33.35 -29.15 29.97
C GLU A 242 -32.18 -30.15 30.02
N LYS A 243 -31.91 -30.77 28.87
CA LYS A 243 -30.71 -31.61 28.67
C LYS A 243 -29.42 -30.78 28.74
N ASP A 244 -29.43 -29.61 28.08
CA ASP A 244 -28.32 -28.64 28.12
C ASP A 244 -27.93 -28.24 29.56
N ILE A 245 -28.94 -27.97 30.40
CA ILE A 245 -28.76 -27.64 31.84
C ILE A 245 -28.07 -28.74 32.65
N GLN A 246 -28.51 -29.99 32.48
CA GLN A 246 -27.86 -31.17 33.08
C GLN A 246 -26.41 -31.38 32.59
N ASP A 247 -26.18 -31.10 31.30
CA ASP A 247 -24.87 -31.20 30.70
C ASP A 247 -23.93 -30.06 31.14
N LEU A 248 -24.45 -28.84 31.23
CA LEU A 248 -23.68 -27.68 31.71
C LEU A 248 -23.31 -27.74 33.19
N LYS A 249 -24.24 -28.29 34.01
CA LYS A 249 -24.00 -28.64 35.42
C LYS A 249 -22.85 -29.63 35.58
N PHE A 250 -22.88 -30.67 34.74
CA PHE A 250 -21.86 -31.71 34.69
C PHE A 250 -20.49 -31.15 34.31
N GLY A 251 -20.47 -30.22 33.35
CA GLY A 251 -19.26 -29.51 32.92
C GLY A 251 -18.61 -28.70 34.00
N VAL A 252 -19.44 -28.05 34.83
CA VAL A 252 -18.98 -27.33 36.02
C VAL A 252 -18.37 -28.30 37.05
N GLU A 253 -19.06 -29.41 37.30
CA GLU A 253 -18.57 -30.45 38.23
C GLU A 253 -17.30 -31.18 37.77
N GLN A 254 -17.11 -31.28 36.46
CA GLN A 254 -15.95 -31.97 35.94
C GLN A 254 -14.78 -31.05 35.59
N ASP A 255 -14.91 -29.76 35.91
CA ASP A 255 -13.86 -28.72 35.74
C ASP A 255 -13.41 -28.54 34.25
N VAL A 256 -14.40 -28.44 33.35
CA VAL A 256 -14.11 -28.21 31.91
C VAL A 256 -13.63 -26.77 31.69
N ASP A 257 -12.84 -26.58 30.65
CA ASP A 257 -12.20 -25.29 30.42
C ASP A 257 -13.05 -24.37 29.58
N MET A 258 -13.83 -24.97 28.67
CA MET A 258 -14.65 -24.21 27.74
C MET A 258 -15.92 -24.96 27.37
N VAL A 259 -16.91 -24.19 26.92
CA VAL A 259 -18.20 -24.70 26.47
C VAL A 259 -18.36 -24.23 25.04
N PHE A 260 -18.66 -25.17 24.15
CA PHE A 260 -18.92 -24.88 22.77
C PHE A 260 -20.45 -24.91 22.74
N ALA A 261 -21.09 -23.73 22.72
CA ALA A 261 -22.55 -23.66 22.82
C ALA A 261 -23.27 -23.66 21.47
N SER A 262 -24.17 -24.63 21.28
CA SER A 262 -24.76 -24.91 19.98
C SER A 262 -25.87 -23.96 19.59
N PHE A 263 -25.93 -23.63 18.28
CA PHE A 263 -26.97 -22.82 17.64
C PHE A 263 -27.24 -21.47 18.31
N ILE A 264 -26.22 -20.64 18.47
CA ILE A 264 -26.40 -19.35 19.14
C ILE A 264 -27.01 -18.38 18.13
N ARG A 265 -28.13 -17.73 18.50
CA ARG A 265 -28.90 -16.90 17.57
C ARG A 265 -28.77 -15.39 17.80
N LYS A 266 -28.41 -14.99 19.01
CA LYS A 266 -28.54 -13.60 19.46
C LYS A 266 -27.71 -13.46 20.73
N ALA A 267 -27.48 -12.23 21.19
CA ALA A 267 -26.64 -11.96 22.37
C ALA A 267 -27.22 -12.50 23.69
N SER A 268 -28.54 -12.58 23.76
CA SER A 268 -29.20 -13.08 24.95
C SER A 268 -29.14 -14.60 25.11
N ASP A 269 -28.83 -15.33 24.01
CA ASP A 269 -28.51 -16.74 24.09
C ASP A 269 -27.20 -16.96 24.83
N VAL A 270 -26.21 -16.10 24.58
CA VAL A 270 -24.89 -16.13 25.23
C VAL A 270 -25.02 -15.79 26.72
N HIS A 271 -25.82 -14.75 26.99
CA HIS A 271 -26.12 -14.32 28.37
C HIS A 271 -26.85 -15.38 29.17
N GLU A 272 -27.77 -16.11 28.53
CA GLU A 272 -28.41 -17.26 29.14
C GLU A 272 -27.48 -18.41 29.55
N VAL A 273 -26.48 -18.72 28.73
CA VAL A 273 -25.47 -19.75 29.06
C VAL A 273 -24.55 -19.29 30.20
N ARG A 274 -24.11 -18.04 30.11
CA ARG A 274 -23.37 -17.32 31.17
C ARG A 274 -24.03 -17.34 32.55
N LYS A 275 -25.35 -17.15 32.57
CA LYS A 275 -26.09 -17.18 33.82
C LYS A 275 -26.39 -18.60 34.30
N VAL A 276 -26.48 -19.59 33.38
CA VAL A 276 -26.62 -21.03 33.75
C VAL A 276 -25.34 -21.53 34.44
N LEU A 277 -24.20 -21.12 33.90
CA LEU A 277 -22.88 -21.46 34.47
C LEU A 277 -22.64 -20.81 35.85
N GLY A 278 -23.17 -19.60 36.02
CA GLY A 278 -23.27 -18.91 37.33
C GLY A 278 -21.96 -18.43 37.90
N GLU A 279 -21.85 -18.46 39.24
CA GLU A 279 -20.63 -18.12 39.95
C GLU A 279 -19.60 -19.22 39.79
N LYS A 280 -20.07 -20.47 39.91
CA LYS A 280 -19.21 -21.65 39.90
C LYS A 280 -18.49 -21.92 38.57
N GLY A 281 -19.09 -21.49 37.46
CA GLY A 281 -18.46 -21.61 36.14
C GLY A 281 -18.15 -20.30 35.44
N LYS A 282 -17.76 -19.27 36.23
CA LYS A 282 -17.50 -17.92 35.70
C LYS A 282 -16.21 -17.81 34.89
N ASN A 283 -15.25 -18.70 35.14
CA ASN A 283 -13.97 -18.69 34.45
C ASN A 283 -13.95 -19.66 33.27
N ILE A 284 -15.07 -20.35 33.05
CA ILE A 284 -15.24 -21.22 31.89
C ILE A 284 -15.57 -20.34 30.67
N LYS A 285 -14.78 -20.48 29.60
CA LYS A 285 -14.99 -19.70 28.38
C LYS A 285 -16.20 -20.15 27.57
N ILE A 286 -16.95 -19.19 27.06
CA ILE A 286 -18.10 -19.53 26.23
C ILE A 286 -17.79 -19.28 24.76
N ILE A 287 -17.68 -20.38 24.01
CA ILE A 287 -17.52 -20.31 22.58
C ILE A 287 -18.88 -20.48 21.92
N SER A 288 -19.29 -19.51 21.12
CA SER A 288 -20.61 -19.59 20.52
C SER A 288 -20.51 -20.17 19.13
N LYS A 289 -21.17 -21.31 18.91
CA LYS A 289 -21.25 -21.93 17.59
C LYS A 289 -22.29 -21.24 16.76
N ILE A 290 -21.83 -20.72 15.63
CA ILE A 290 -22.67 -20.06 14.66
C ILE A 290 -23.02 -21.05 13.57
N GLU A 291 -24.30 -21.40 13.50
CA GLU A 291 -24.76 -22.60 12.81
C GLU A 291 -25.98 -22.38 11.98
N ASN A 292 -26.53 -21.16 12.01
CA ASN A 292 -27.71 -20.84 11.21
C ASN A 292 -27.68 -19.41 10.68
N HIS A 293 -28.76 -19.00 10.00
CA HIS A 293 -28.82 -17.73 9.33
C HIS A 293 -28.91 -16.55 10.31
N GLU A 294 -29.69 -16.75 11.38
CA GLU A 294 -29.86 -15.73 12.40
C GLU A 294 -28.59 -15.40 13.15
N GLY A 295 -27.84 -16.45 13.51
CA GLY A 295 -26.52 -16.30 14.12
C GLY A 295 -25.50 -15.52 13.31
N VAL A 296 -25.50 -15.73 11.97
CA VAL A 296 -24.67 -14.96 11.04
C VAL A 296 -25.09 -13.46 10.99
N ARG A 297 -26.38 -13.24 10.81
CA ARG A 297 -27.00 -11.91 10.80
C ARG A 297 -26.76 -11.11 12.08
N ARG A 298 -26.81 -11.79 13.22
CA ARG A 298 -26.62 -11.10 14.49
C ARG A 298 -25.25 -11.37 15.08
N PHE A 299 -24.25 -11.60 14.21
CA PHE A 299 -22.87 -11.96 14.59
C PHE A 299 -22.18 -10.99 15.51
N ASP A 300 -22.28 -9.69 15.18
CA ASP A 300 -21.62 -8.65 15.97
C ASP A 300 -22.06 -8.59 17.42
N GLU A 301 -23.34 -8.80 17.68
CA GLU A 301 -23.81 -8.81 19.08
C GLU A 301 -23.46 -10.12 19.80
N ILE A 302 -23.32 -11.20 19.04
CA ILE A 302 -22.95 -12.51 19.60
C ILE A 302 -21.50 -12.49 20.07
N LEU A 303 -20.64 -11.99 19.19
CA LEU A 303 -19.20 -11.91 19.37
C LEU A 303 -18.78 -11.03 20.56
N GLU A 304 -19.44 -9.88 20.71
CA GLU A 304 -19.14 -8.98 21.84
C GLU A 304 -19.47 -9.63 23.21
N ALA A 305 -20.58 -10.38 23.27
CA ALA A 305 -20.98 -11.19 24.41
C ALA A 305 -20.15 -12.48 24.64
N SER A 306 -19.66 -13.12 23.57
CA SER A 306 -18.98 -14.41 23.71
C SER A 306 -17.52 -14.28 24.07
N ASP A 307 -16.89 -15.41 24.44
CA ASP A 307 -15.44 -15.47 24.65
C ASP A 307 -14.73 -15.90 23.36
N GLY A 308 -15.50 -16.36 22.39
CA GLY A 308 -14.95 -16.86 21.15
C GLY A 308 -16.03 -17.45 20.28
N ILE A 309 -15.67 -17.90 19.07
CA ILE A 309 -16.63 -18.28 18.03
C ILE A 309 -16.24 -19.64 17.39
N MET A 310 -17.21 -20.50 17.13
CA MET A 310 -16.98 -21.61 16.26
C MET A 310 -17.79 -21.41 14.99
N VAL A 311 -17.09 -21.46 13.85
CA VAL A 311 -17.74 -21.59 12.54
C VAL A 311 -18.12 -23.07 12.46
N ALA A 312 -19.38 -23.37 12.78
CA ALA A 312 -19.88 -24.74 12.76
C ALA A 312 -20.43 -25.08 11.39
N ARG A 313 -19.51 -25.36 10.48
CA ARG A 313 -19.82 -25.46 9.05
C ARG A 313 -20.84 -26.50 8.59
N GLY A 314 -20.96 -27.58 9.36
CA GLY A 314 -21.90 -28.69 9.12
C GLY A 314 -23.35 -28.30 9.12
N ASP A 315 -23.83 -27.79 10.26
CA ASP A 315 -25.16 -27.24 10.33
C ASP A 315 -25.34 -25.97 9.53
N LEU A 316 -24.32 -25.10 9.51
CA LEU A 316 -24.32 -23.86 8.70
C LEU A 316 -24.58 -24.08 7.21
N GLY A 317 -23.92 -25.10 6.67
CA GLY A 317 -24.16 -25.56 5.31
C GLY A 317 -25.45 -26.20 4.92
N ILE A 318 -26.31 -26.46 5.89
CA ILE A 318 -27.64 -26.94 5.60
C ILE A 318 -28.62 -25.80 5.77
N GLU A 319 -28.39 -24.99 6.81
CA GLU A 319 -29.25 -23.85 7.13
C GLU A 319 -29.18 -22.73 6.12
N ILE A 320 -28.00 -22.51 5.55
CA ILE A 320 -27.79 -21.53 4.49
C ILE A 320 -27.32 -22.37 3.28
N PRO A 321 -27.51 -21.84 2.04
CA PRO A 321 -26.94 -22.45 0.83
C PRO A 321 -25.47 -22.78 1.01
N ALA A 322 -25.12 -24.05 0.83
CA ALA A 322 -23.73 -24.57 1.01
C ALA A 322 -22.63 -23.78 0.28
N GLU A 323 -22.99 -23.14 -0.81
CA GLU A 323 -22.10 -22.28 -1.57
C GLU A 323 -21.76 -20.94 -0.93
N LYS A 324 -22.47 -20.58 0.16
CA LYS A 324 -22.23 -19.34 0.87
C LYS A 324 -21.39 -19.57 2.13
N VAL A 325 -21.03 -20.82 2.46
CA VAL A 325 -20.32 -21.17 3.74
C VAL A 325 -18.97 -20.47 3.90
N PHE A 326 -18.23 -20.38 2.79
CA PHE A 326 -16.93 -19.71 2.75
C PHE A 326 -17.01 -18.18 3.00
N LEU A 327 -18.09 -17.54 2.56
CA LEU A 327 -18.34 -16.11 2.84
C LEU A 327 -18.45 -15.95 4.32
N ALA A 328 -19.33 -16.76 4.92
CA ALA A 328 -19.63 -16.80 6.35
C ALA A 328 -18.42 -17.18 7.18
N GLN A 329 -17.63 -18.17 6.71
CA GLN A 329 -16.37 -18.52 7.35
C GLN A 329 -15.36 -17.36 7.37
N LYS A 330 -15.18 -16.66 6.25
CA LYS A 330 -14.18 -15.60 6.19
C LYS A 330 -14.61 -14.31 6.89
N MET A 331 -15.92 -14.06 6.89
CA MET A 331 -16.51 -12.93 7.64
C MET A 331 -16.18 -13.09 9.10
N MET A 332 -16.52 -14.25 9.64
CA MET A 332 -16.40 -14.54 11.05
C MET A 332 -14.98 -14.63 11.52
N ILE A 333 -14.09 -15.21 10.71
CA ILE A 333 -12.69 -15.30 11.07
C ILE A 333 -12.05 -13.90 11.06
N GLY A 334 -12.43 -13.11 10.04
CA GLY A 334 -11.98 -11.72 9.88
C GLY A 334 -12.39 -10.84 11.05
N ARG A 335 -13.68 -10.91 11.41
CA ARG A 335 -14.21 -10.10 12.55
C ARG A 335 -13.67 -10.54 13.90
N CYS A 336 -13.39 -11.84 14.06
CA CYS A 336 -12.79 -12.31 15.30
C CYS A 336 -11.34 -11.92 15.45
N ASN A 337 -10.63 -11.88 14.31
CA ASN A 337 -9.26 -11.38 14.26
C ASN A 337 -9.21 -9.87 14.56
N ARG A 338 -10.20 -9.14 14.07
CA ARG A 338 -10.35 -7.68 14.28
C ARG A 338 -10.70 -7.38 15.75
N ALA A 339 -11.50 -8.25 16.39
CA ALA A 339 -11.92 -8.03 17.79
C ALA A 339 -10.93 -8.63 18.81
N GLY A 340 -10.05 -9.50 18.34
CA GLY A 340 -9.12 -10.16 19.23
C GLY A 340 -9.70 -11.35 19.99
N LYS A 341 -10.83 -11.88 19.52
CA LYS A 341 -11.43 -13.05 20.18
C LYS A 341 -11.16 -14.32 19.35
N PRO A 342 -10.96 -15.50 20.00
CA PRO A 342 -10.69 -16.79 19.30
C PRO A 342 -11.72 -17.24 18.27
N VAL A 343 -11.25 -17.82 17.18
CA VAL A 343 -12.17 -18.43 16.20
C VAL A 343 -11.75 -19.86 15.87
N ILE A 344 -12.71 -20.78 15.88
CA ILE A 344 -12.50 -22.18 15.56
C ILE A 344 -13.17 -22.46 14.23
N CYS A 345 -12.40 -23.02 13.30
CA CYS A 345 -12.97 -23.57 12.09
C CYS A 345 -13.24 -25.03 12.37
N ALA A 346 -14.46 -25.46 12.08
CA ALA A 346 -14.86 -26.82 12.40
C ALA A 346 -15.59 -27.46 11.25
N THR A 347 -15.50 -28.80 11.21
CA THR A 347 -16.42 -29.78 10.57
C THR A 347 -15.97 -30.22 9.16
N GLN A 348 -15.73 -31.53 9.02
CA GLN A 348 -15.42 -32.23 7.76
C GLN A 348 -14.16 -31.75 7.08
N MET A 349 -13.18 -31.34 7.89
CA MET A 349 -11.96 -30.73 7.40
C MET A 349 -11.11 -31.82 6.77
N LEU A 350 -11.20 -33.03 7.30
CA LEU A 350 -10.48 -34.19 6.77
C LEU A 350 -11.42 -35.38 6.72
N GLU A 351 -12.67 -35.16 6.29
CA GLU A 351 -13.78 -36.16 6.37
C GLU A 351 -13.53 -37.58 5.80
N SER A 352 -12.83 -37.67 4.67
CA SER A 352 -12.44 -38.98 4.05
C SER A 352 -11.46 -39.80 4.88
N MET A 353 -10.74 -39.15 5.79
CA MET A 353 -9.86 -39.85 6.72
C MET A 353 -10.49 -40.72 7.81
N ILE A 354 -11.82 -40.63 7.99
CA ILE A 354 -12.66 -41.62 8.69
C ILE A 354 -12.40 -43.07 8.15
N LYS A 355 -12.30 -43.23 6.83
CA LYS A 355 -11.94 -44.53 6.25
C LYS A 355 -10.57 -44.67 5.56
N LYS A 356 -9.94 -43.54 5.22
CA LYS A 356 -8.66 -43.57 4.48
C LYS A 356 -7.45 -43.05 5.29
N PRO A 357 -6.24 -43.60 5.06
CA PRO A 357 -5.04 -43.08 5.76
C PRO A 357 -4.48 -41.76 5.23
N ARG A 358 -4.98 -41.31 4.08
CA ARG A 358 -4.59 -40.05 3.47
C ARG A 358 -5.82 -39.18 3.17
N PRO A 359 -5.67 -37.83 3.18
CA PRO A 359 -6.86 -37.06 2.80
C PRO A 359 -7.00 -36.78 1.32
N THR A 360 -8.20 -36.40 0.90
CA THR A 360 -8.39 -35.81 -0.43
C THR A 360 -7.75 -34.44 -0.59
N ARG A 361 -7.64 -34.00 -1.85
CA ARG A 361 -6.96 -32.75 -2.20
C ARG A 361 -7.73 -31.52 -1.71
N ALA A 362 -9.05 -31.62 -1.75
CA ALA A 362 -9.96 -30.65 -1.09
C ALA A 362 -9.73 -30.45 0.38
N GLU A 363 -9.43 -31.55 1.06
CA GLU A 363 -9.24 -31.58 2.51
C GLU A 363 -7.94 -30.92 2.95
N GLY A 364 -6.86 -31.19 2.23
CA GLY A 364 -5.55 -30.55 2.43
C GLY A 364 -5.55 -29.05 2.16
N SER A 365 -6.39 -28.67 1.19
CA SER A 365 -6.59 -27.30 0.82
C SER A 365 -7.40 -26.54 1.87
N ASP A 366 -8.45 -27.18 2.41
CA ASP A 366 -9.38 -26.60 3.44
C ASP A 366 -8.67 -26.27 4.71
N VAL A 367 -7.87 -27.23 5.20
CA VAL A 367 -7.07 -27.03 6.42
C VAL A 367 -6.09 -25.86 6.27
N ALA A 368 -5.40 -25.81 5.13
CA ALA A 368 -4.47 -24.74 4.79
C ALA A 368 -5.14 -23.39 4.72
N ASN A 369 -6.27 -23.34 4.04
CA ASN A 369 -6.98 -22.09 3.80
C ASN A 369 -7.65 -21.53 5.03
N ALA A 370 -8.06 -22.40 5.96
CA ALA A 370 -8.60 -22.01 7.27
C ALA A 370 -7.53 -21.39 8.14
N VAL A 371 -6.32 -21.98 8.11
CA VAL A 371 -5.17 -21.42 8.85
C VAL A 371 -4.74 -20.07 8.24
N LEU A 372 -4.68 -20.04 6.89
CA LEU A 372 -4.38 -18.84 6.13
C LEU A 372 -5.41 -17.72 6.35
N ASP A 373 -6.70 -18.05 6.38
CA ASP A 373 -7.79 -17.11 6.79
C ASP A 373 -7.57 -16.47 8.16
N GLY A 374 -7.08 -17.26 9.12
CA GLY A 374 -6.73 -16.75 10.45
C GLY A 374 -7.43 -17.44 11.61
N ALA A 375 -7.87 -18.69 11.39
CA ALA A 375 -8.50 -19.46 12.44
C ALA A 375 -7.49 -19.80 13.50
N ASP A 376 -7.85 -19.51 14.74
CA ASP A 376 -7.01 -19.79 15.88
C ASP A 376 -6.93 -21.27 16.15
N CYS A 377 -8.03 -21.97 15.94
CA CYS A 377 -8.06 -23.41 16.12
C CYS A 377 -8.66 -24.11 14.95
N ILE A 378 -8.18 -25.32 14.68
CA ILE A 378 -8.87 -26.21 13.77
C ILE A 378 -9.42 -27.42 14.52
N MET A 379 -10.44 -28.03 13.94
CA MET A 379 -11.13 -29.10 14.61
C MET A 379 -11.18 -30.42 13.80
N LEU A 380 -11.13 -31.54 14.50
CA LEU A 380 -11.57 -32.83 13.98
C LEU A 380 -12.77 -33.37 14.75
N SER A 381 -13.81 -33.82 14.03
CA SER A 381 -14.93 -34.54 14.63
C SER A 381 -14.85 -36.07 14.52
N GLY A 382 -15.57 -36.65 13.55
CA GLY A 382 -15.60 -38.10 13.32
C GLY A 382 -14.29 -38.75 12.88
N GLU A 383 -13.37 -37.92 12.37
CA GLU A 383 -11.97 -38.28 12.12
C GLU A 383 -11.18 -38.69 13.35
N THR A 384 -11.53 -38.15 14.51
CA THR A 384 -10.90 -38.61 15.72
C THR A 384 -11.86 -39.39 16.60
N ALA A 385 -13.18 -39.12 16.49
CA ALA A 385 -14.18 -39.80 17.32
C ALA A 385 -14.41 -41.29 17.00
N LYS A 386 -14.56 -41.64 15.73
CA LYS A 386 -15.03 -42.97 15.38
C LYS A 386 -14.29 -43.61 14.19
N GLY A 387 -13.30 -42.91 13.64
CA GLY A 387 -12.70 -43.33 12.39
C GLY A 387 -11.55 -44.30 12.51
N ASP A 388 -11.14 -44.87 11.38
CA ASP A 388 -10.11 -45.93 11.37
C ASP A 388 -8.70 -45.42 11.54
N TYR A 389 -8.47 -44.14 11.24
CA TYR A 389 -7.09 -43.64 11.28
C TYR A 389 -6.92 -42.37 12.09
N PRO A 390 -7.16 -42.41 13.43
CA PRO A 390 -7.31 -41.14 14.14
C PRO A 390 -6.02 -40.38 14.45
N LEU A 391 -4.92 -41.10 14.64
CA LEU A 391 -3.61 -40.48 14.84
C LEU A 391 -3.06 -39.88 13.56
N GLU A 392 -3.45 -40.45 12.43
CA GLU A 392 -3.08 -39.93 11.12
C GLU A 392 -3.84 -38.67 10.78
N ALA A 393 -5.02 -38.45 11.35
CA ALA A 393 -5.74 -37.20 11.13
C ALA A 393 -5.15 -36.04 11.93
N VAL A 394 -4.69 -36.31 13.16
CA VAL A 394 -4.11 -35.29 14.05
C VAL A 394 -2.77 -34.82 13.48
N ARG A 395 -1.99 -35.81 13.01
CA ARG A 395 -0.71 -35.60 12.35
C ARG A 395 -0.82 -34.79 11.07
N MET A 396 -1.85 -35.09 10.28
CA MET A 396 -2.09 -34.41 9.01
C MET A 396 -2.51 -32.97 9.23
N GLN A 397 -3.33 -32.71 10.27
CA GLN A 397 -3.64 -31.34 10.67
C GLN A 397 -2.43 -30.60 11.18
N HIS A 398 -1.56 -31.26 11.96
CA HIS A 398 -0.28 -30.69 12.44
C HIS A 398 0.64 -30.25 11.29
N LEU A 399 0.75 -31.10 10.27
CA LEU A 399 1.60 -30.86 9.11
C LEU A 399 1.12 -29.72 8.22
N ILE A 400 -0.16 -29.76 7.81
CA ILE A 400 -0.78 -28.74 6.95
C ILE A 400 -0.73 -27.33 7.57
N ALA A 401 -1.09 -27.25 8.86
CA ALA A 401 -1.13 -25.99 9.64
C ALA A 401 0.21 -25.30 9.76
N ARG A 402 1.24 -26.10 9.96
CA ARG A 402 2.62 -25.64 10.07
C ARG A 402 3.16 -25.14 8.71
N GLU A 403 2.73 -25.75 7.61
CA GLU A 403 3.10 -25.27 6.27
C GLU A 403 2.34 -23.99 5.94
N ALA A 404 1.10 -23.90 6.42
CA ALA A 404 0.27 -22.72 6.18
C ALA A 404 0.65 -21.48 6.97
N GLU A 405 1.17 -21.68 8.18
CA GLU A 405 1.64 -20.57 9.04
C GLU A 405 2.84 -19.80 8.50
N ALA A 406 3.72 -20.53 7.79
CA ALA A 406 4.83 -19.95 7.04
C ALA A 406 4.33 -19.14 5.82
N ALA A 407 3.23 -19.60 5.22
CA ALA A 407 2.64 -18.99 4.04
C ALA A 407 1.79 -17.71 4.26
N ILE A 408 1.56 -17.35 5.53
CA ILE A 408 0.92 -16.09 5.93
C ILE A 408 1.74 -14.90 5.46
N TYR A 409 1.10 -13.99 4.73
CA TYR A 409 1.74 -12.75 4.30
C TYR A 409 1.69 -11.71 5.42
N HIS A 410 2.66 -11.88 6.33
CA HIS A 410 2.81 -11.13 7.58
C HIS A 410 2.99 -9.62 7.43
N LEU A 411 3.59 -9.19 6.32
CA LEU A 411 3.85 -7.79 6.02
C LEU A 411 2.56 -6.97 5.83
N GLN A 412 1.63 -7.52 5.05
CA GLN A 412 0.29 -6.92 4.89
C GLN A 412 -0.54 -7.05 6.17
N LEU A 413 -0.52 -8.25 6.76
CA LEU A 413 -1.38 -8.62 7.88
C LEU A 413 -1.17 -7.78 9.15
N PHE A 414 0.10 -7.64 9.54
CA PHE A 414 0.49 -6.83 10.69
C PHE A 414 0.22 -5.35 10.48
N GLU A 415 0.41 -4.87 9.25
CA GLU A 415 0.07 -3.49 8.88
C GLU A 415 -1.42 -3.19 8.94
N GLU A 416 -2.22 -4.18 8.56
CA GLU A 416 -3.66 -4.04 8.61
C GLU A 416 -4.20 -4.18 10.01
N LEU A 417 -3.61 -5.08 10.81
CA LEU A 417 -4.01 -5.27 12.22
C LEU A 417 -3.66 -4.06 13.11
N ARG A 418 -2.54 -3.41 12.80
CA ARG A 418 -2.14 -2.16 13.46
C ARG A 418 -3.02 -0.96 13.16
N ARG A 419 -3.42 -0.84 11.90
CA ARG A 419 -4.22 0.27 11.38
C ARG A 419 -5.65 0.24 11.91
N LEU A 420 -6.16 -0.98 12.10
CA LEU A 420 -7.50 -1.21 12.60
C LEU A 420 -7.55 -1.31 14.11
N ALA A 421 -6.37 -1.32 14.74
CA ALA A 421 -6.27 -1.22 16.18
C ALA A 421 -6.56 0.23 16.59
N PRO A 422 -7.35 0.41 17.67
CA PRO A 422 -7.56 1.74 18.23
C PRO A 422 -6.29 2.23 18.92
N ILE A 423 -6.06 3.53 18.85
CA ILE A 423 -4.90 4.13 19.48
C ILE A 423 -5.39 4.41 20.89
N THR A 424 -4.84 3.68 21.86
CA THR A 424 -5.41 3.60 23.20
C THR A 424 -4.44 4.07 24.25
N SER A 425 -4.97 4.34 25.44
CA SER A 425 -4.19 4.71 26.62
C SER A 425 -3.83 3.52 27.52
N ASP A 426 -3.87 2.32 26.96
CA ASP A 426 -3.57 1.08 27.65
C ASP A 426 -2.11 0.71 27.41
N PRO A 427 -1.30 0.64 28.49
CA PRO A 427 0.13 0.31 28.45
C PRO A 427 0.44 -1.13 28.03
N THR A 428 -0.48 -2.04 28.32
CA THR A 428 -0.34 -3.46 28.01
C THR A 428 -0.50 -3.72 26.51
N GLU A 429 -1.35 -2.92 25.87
CA GLU A 429 -1.63 -3.00 24.44
C GLU A 429 -0.44 -2.47 23.64
N ALA A 430 0.16 -1.38 24.15
CA ALA A 430 1.36 -0.77 23.55
C ALA A 430 2.60 -1.67 23.67
N THR A 431 2.69 -2.40 24.79
CA THR A 431 3.79 -3.33 25.04
C THR A 431 3.74 -4.53 24.11
N ALA A 432 2.53 -5.10 23.95
CA ALA A 432 2.28 -6.26 23.11
C ALA A 432 2.56 -5.99 21.64
N VAL A 433 2.20 -4.80 21.18
CA VAL A 433 2.39 -4.45 19.78
C VAL A 433 3.86 -4.10 19.50
N GLY A 434 4.58 -3.63 20.52
CA GLY A 434 6.01 -3.33 20.44
C GLY A 434 6.78 -4.63 20.43
N ALA A 435 6.30 -5.61 21.20
CA ALA A 435 6.87 -6.95 21.28
C ALA A 435 6.79 -7.74 19.98
N VAL A 436 5.67 -7.61 19.28
CA VAL A 436 5.43 -8.29 18.00
C VAL A 436 6.31 -7.68 16.89
N GLU A 437 6.36 -6.35 16.87
CA GLU A 437 7.23 -5.53 16.01
C GLU A 437 8.70 -5.86 16.17
N ALA A 438 9.15 -5.93 17.43
CA ALA A 438 10.50 -6.37 17.79
C ALA A 438 10.79 -7.80 17.37
N SER A 439 9.80 -8.70 17.48
CA SER A 439 9.94 -10.11 17.06
C SER A 439 10.05 -10.31 15.55
N PHE A 440 9.43 -9.42 14.78
CA PHE A 440 9.62 -9.41 13.33
C PHE A 440 11.00 -8.90 12.94
N LYS A 441 11.52 -7.90 13.66
CA LYS A 441 12.81 -7.28 13.38
C LYS A 441 14.03 -8.19 13.67
N CYS A 442 13.95 -8.99 14.73
CA CYS A 442 15.06 -9.89 15.00
C CYS A 442 14.86 -11.31 14.50
N CYS A 443 13.72 -11.53 13.83
CA CYS A 443 13.17 -12.83 13.40
C CYS A 443 13.23 -13.86 14.52
N SER A 444 12.41 -13.60 15.53
CA SER A 444 12.61 -14.15 16.85
C SER A 444 12.22 -15.60 16.99
N GLY A 445 12.96 -16.29 17.86
CA GLY A 445 12.74 -17.69 18.16
C GLY A 445 11.47 -17.95 18.93
N ALA A 446 11.13 -17.02 19.83
CA ALA A 446 9.84 -16.95 20.53
C ALA A 446 9.52 -15.55 21.10
N ILE A 447 8.28 -15.38 21.57
CA ILE A 447 7.93 -14.29 22.50
C ILE A 447 7.51 -14.88 23.84
N ILE A 448 8.32 -14.67 24.87
CA ILE A 448 8.05 -15.24 26.19
C ILE A 448 7.20 -14.27 26.99
N VAL A 449 6.01 -14.71 27.42
CA VAL A 449 5.08 -13.83 28.16
C VAL A 449 4.69 -14.43 29.52
N LEU A 450 4.98 -13.74 30.62
CA LEU A 450 4.44 -14.19 31.92
C LEU A 450 3.03 -13.69 31.99
N THR A 451 2.09 -14.56 32.38
CA THR A 451 0.69 -14.18 32.43
C THR A 451 -0.07 -14.88 33.56
N LYS A 452 -0.98 -14.20 34.23
CA LYS A 452 -1.76 -14.88 35.27
C LYS A 452 -3.05 -15.46 34.71
N SER A 453 -3.80 -14.61 33.99
CA SER A 453 -5.13 -14.94 33.48
C SER A 453 -5.14 -15.39 32.01
N GLY A 454 -4.03 -15.18 31.31
CA GLY A 454 -3.97 -15.48 29.90
C GLY A 454 -3.81 -14.20 29.11
N ARG A 455 -4.35 -13.12 29.69
CA ARG A 455 -4.62 -11.83 29.03
C ARG A 455 -3.47 -11.13 28.27
N SER A 456 -2.29 -11.00 28.90
CA SER A 456 -1.10 -10.42 28.26
C SER A 456 -0.64 -11.21 27.03
N ALA A 457 -0.75 -12.53 27.10
CA ALA A 457 -0.42 -13.39 25.99
C ALA A 457 -1.47 -13.36 24.86
N HIS A 458 -2.73 -13.06 25.21
CA HIS A 458 -3.83 -12.94 24.24
C HIS A 458 -3.66 -11.68 23.40
N GLN A 459 -3.22 -10.62 24.08
CA GLN A 459 -2.89 -9.33 23.47
C GLN A 459 -1.70 -9.38 22.49
N VAL A 460 -0.77 -10.31 22.67
CA VAL A 460 0.32 -10.55 21.71
C VAL A 460 -0.23 -11.27 20.48
N ALA A 461 -1.02 -12.30 20.74
CA ALA A 461 -1.60 -13.23 19.76
C ALA A 461 -2.47 -12.58 18.70
N ARG A 462 -3.23 -11.56 19.12
CA ARG A 462 -4.07 -10.76 18.19
C ARG A 462 -3.33 -9.91 17.12
N TYR A 463 -2.02 -9.67 17.29
CA TYR A 463 -1.21 -9.00 16.26
C TYR A 463 -0.52 -9.95 15.30
N ARG A 464 -0.83 -11.22 15.47
CA ARG A 464 -0.35 -12.35 14.66
C ARG A 464 1.17 -12.46 14.38
N PRO A 465 2.05 -12.61 15.42
CA PRO A 465 3.47 -12.79 15.08
C PRO A 465 3.79 -14.16 14.49
N ARG A 466 4.90 -14.27 13.77
CA ARG A 466 5.35 -15.53 13.21
C ARG A 466 5.91 -16.39 14.35
N ALA A 467 6.60 -15.71 15.26
CA ALA A 467 7.21 -16.28 16.45
C ALA A 467 6.15 -16.84 17.40
N PRO A 468 6.37 -18.09 17.87
CA PRO A 468 5.55 -18.75 18.88
C PRO A 468 5.51 -17.96 20.18
N ILE A 469 4.36 -17.88 20.80
CA ILE A 469 4.27 -17.21 22.06
C ILE A 469 4.37 -18.23 23.17
N ILE A 470 5.46 -18.18 23.94
CA ILE A 470 5.55 -19.05 25.10
C ILE A 470 4.90 -18.34 26.29
N ALA A 471 3.70 -18.78 26.65
CA ALA A 471 3.04 -18.21 27.83
C ALA A 471 3.33 -19.01 29.09
N VAL A 472 3.99 -18.36 30.03
CA VAL A 472 4.36 -19.01 31.29
C VAL A 472 3.41 -18.59 32.39
N THR A 473 2.75 -19.58 32.99
CA THR A 473 1.75 -19.34 34.02
C THR A 473 1.85 -20.36 35.16
N ARG A 474 1.28 -20.02 36.31
CA ARG A 474 1.12 -20.96 37.41
C ARG A 474 -0.33 -21.45 37.55
N ASN A 475 -1.27 -20.70 36.95
CA ASN A 475 -2.69 -21.06 36.88
C ASN A 475 -2.86 -22.16 35.82
N PRO A 476 -3.32 -23.35 36.23
CA PRO A 476 -3.48 -24.48 35.29
C PRO A 476 -4.64 -24.34 34.32
N GLN A 477 -5.65 -23.56 34.69
CA GLN A 477 -6.82 -23.35 33.86
C GLN A 477 -6.52 -22.38 32.71
N THR A 478 -5.77 -21.32 33.03
CA THR A 478 -5.14 -20.37 32.09
C THR A 478 -4.29 -21.09 31.03
N ALA A 479 -3.47 -22.04 31.48
CA ALA A 479 -2.66 -22.91 30.62
C ALA A 479 -3.48 -23.77 29.64
N ARG A 480 -4.65 -24.23 30.06
CA ARG A 480 -5.50 -25.01 29.18
C ARG A 480 -6.25 -24.11 28.20
N GLN A 481 -6.76 -22.98 28.71
CA GLN A 481 -7.54 -22.00 27.93
C GLN A 481 -6.76 -21.18 26.90
N ALA A 482 -5.43 -21.15 27.04
CA ALA A 482 -4.51 -20.45 26.15
C ALA A 482 -4.38 -21.10 24.79
N HIS A 483 -4.65 -22.41 24.72
CA HIS A 483 -4.80 -23.17 23.47
C HIS A 483 -5.85 -22.70 22.47
N LEU A 484 -6.80 -21.87 22.91
CA LEU A 484 -7.74 -21.18 22.05
C LEU A 484 -7.16 -20.07 21.16
N TYR A 485 -5.88 -19.74 21.28
CA TYR A 485 -5.36 -18.56 20.65
C TYR A 485 -4.15 -18.96 19.88
N ARG A 486 -4.12 -18.51 18.63
CA ARG A 486 -3.05 -18.75 17.68
C ARG A 486 -1.71 -18.26 18.19
N GLY A 487 -0.71 -19.15 18.17
CA GLY A 487 0.62 -18.73 18.54
C GLY A 487 1.03 -19.16 19.92
N ILE A 488 0.05 -19.31 20.80
CA ILE A 488 0.33 -19.48 22.21
C ILE A 488 0.70 -20.91 22.62
N PHE A 489 1.94 -21.10 23.05
CA PHE A 489 2.43 -22.36 23.57
C PHE A 489 2.47 -22.24 25.09
N PRO A 490 1.48 -22.81 25.77
CA PRO A 490 1.35 -22.63 27.21
C PRO A 490 2.21 -23.59 28.06
N VAL A 491 2.90 -23.04 29.03
CA VAL A 491 3.69 -23.88 29.94
C VAL A 491 3.28 -23.64 31.37
N LEU A 492 3.16 -24.74 32.10
CA LEU A 492 2.71 -24.67 33.47
C LEU A 492 3.89 -24.78 34.42
N CYS A 493 4.10 -23.73 35.20
CA CYS A 493 5.18 -23.70 36.16
C CYS A 493 4.74 -24.37 37.45
N LYS A 494 5.48 -25.40 37.84
CA LYS A 494 5.19 -26.18 39.04
C LYS A 494 6.22 -25.88 40.14
N ASP A 495 7.16 -24.99 39.82
CA ASP A 495 8.15 -24.50 40.79
C ASP A 495 7.49 -23.62 41.84
N PRO A 496 7.94 -23.74 43.12
CA PRO A 496 7.36 -22.90 44.18
C PRO A 496 7.82 -21.43 44.10
N VAL A 497 7.10 -20.57 44.82
CA VAL A 497 7.32 -19.14 44.79
C VAL A 497 8.57 -18.76 45.58
N GLN A 498 9.50 -18.10 44.89
CA GLN A 498 10.66 -17.50 45.53
C GLN A 498 10.20 -16.23 46.22
N GLU A 499 10.85 -15.94 47.36
CA GLU A 499 10.44 -14.89 48.30
C GLU A 499 10.71 -13.48 47.78
N ALA A 500 11.79 -13.32 47.01
CA ALA A 500 12.03 -12.13 46.25
C ALA A 500 11.29 -12.33 44.92
N TRP A 501 10.52 -11.31 44.53
CA TRP A 501 9.61 -11.41 43.38
C TRP A 501 10.35 -11.40 42.03
N ALA A 502 11.42 -10.61 41.93
CA ALA A 502 12.29 -10.55 40.74
C ALA A 502 13.06 -11.85 40.45
N GLU A 503 13.36 -12.61 41.50
CA GLU A 503 13.91 -13.97 41.39
C GLU A 503 12.89 -14.91 40.77
N ASP A 504 11.65 -14.83 41.25
CA ASP A 504 10.52 -15.65 40.79
C ASP A 504 10.12 -15.39 39.33
N VAL A 505 10.21 -14.13 38.91
CA VAL A 505 10.02 -13.69 37.54
C VAL A 505 11.09 -14.27 36.62
N ASP A 506 12.36 -14.20 37.05
CA ASP A 506 13.48 -14.72 36.27
C ASP A 506 13.57 -16.24 36.27
N LEU A 507 12.98 -16.88 37.28
CA LEU A 507 12.87 -18.33 37.33
C LEU A 507 11.87 -18.81 36.29
N ARG A 508 10.79 -18.06 36.10
CA ARG A 508 9.77 -18.38 35.10
C ARG A 508 10.23 -18.11 33.67
N VAL A 509 11.06 -17.06 33.51
CA VAL A 509 11.64 -16.67 32.22
C VAL A 509 12.65 -17.75 31.77
N ASN A 510 13.51 -18.18 32.68
CA ASN A 510 14.46 -19.26 32.41
C ASN A 510 13.84 -20.67 32.28
N PHE A 511 12.66 -20.86 32.86
CA PHE A 511 11.85 -22.06 32.67
C PHE A 511 11.35 -22.20 31.23
N ALA A 512 10.91 -21.07 30.68
CA ALA A 512 10.39 -20.97 29.31
C ALA A 512 11.49 -21.10 28.30
N MET A 513 12.65 -20.57 28.67
CA MET A 513 13.88 -20.66 27.93
C MET A 513 14.33 -22.11 27.75
N ASN A 514 14.24 -22.90 28.83
CA ASN A 514 14.51 -24.34 28.80
C ASN A 514 13.55 -25.15 27.92
N VAL A 515 12.28 -24.74 27.89
CA VAL A 515 11.21 -25.36 27.08
C VAL A 515 11.50 -25.28 25.58
N GLY A 516 11.82 -24.09 25.08
CA GLY A 516 12.08 -23.88 23.66
C GLY A 516 13.41 -24.45 23.18
N LYS A 517 14.36 -24.53 24.11
CA LYS A 517 15.59 -25.30 23.91
C LYS A 517 15.30 -26.80 23.81
N ALA A 518 14.37 -27.30 24.62
CA ALA A 518 14.03 -28.74 24.59
C ALA A 518 13.12 -29.13 23.43
N ARG A 519 12.33 -28.18 22.94
CA ARG A 519 11.39 -28.48 21.84
C ARG A 519 11.94 -28.04 20.49
N GLY A 520 13.14 -27.46 20.49
CA GLY A 520 13.80 -27.03 19.26
C GLY A 520 13.23 -25.77 18.64
N PHE A 521 12.76 -24.83 19.46
CA PHE A 521 12.22 -23.55 18.97
C PHE A 521 13.38 -22.59 18.74
N PHE A 522 14.37 -22.68 19.61
CA PHE A 522 15.59 -21.86 19.55
C PHE A 522 16.78 -22.59 20.21
N LYS A 523 18.00 -22.15 19.88
CA LYS A 523 19.19 -22.64 20.59
C LYS A 523 19.84 -21.52 21.40
N LYS A 524 21.02 -21.80 21.96
CA LYS A 524 21.80 -20.86 22.76
C LYS A 524 22.40 -19.79 21.86
N GLY A 525 22.22 -18.52 22.23
CA GLY A 525 22.69 -17.41 21.40
C GLY A 525 21.63 -16.84 20.47
N ASP A 526 20.48 -17.49 20.38
CA ASP A 526 19.33 -16.95 19.65
C ASP A 526 18.66 -15.86 20.46
N VAL A 527 17.86 -15.04 19.78
CA VAL A 527 17.32 -13.85 20.39
C VAL A 527 15.81 -14.01 20.60
N VAL A 528 15.35 -13.88 21.85
CA VAL A 528 13.91 -13.90 22.17
C VAL A 528 13.35 -12.60 22.77
N ILE A 529 12.03 -12.45 22.67
CA ILE A 529 11.34 -11.31 23.25
C ILE A 529 10.75 -11.76 24.59
N VAL A 530 10.97 -11.00 25.65
CA VAL A 530 10.43 -11.33 26.97
C VAL A 530 9.43 -10.26 27.44
N LEU A 531 8.21 -10.68 27.77
CA LEU A 531 7.17 -9.81 28.33
C LEU A 531 6.89 -10.05 29.80
N THR A 532 7.10 -9.01 30.60
CA THR A 532 6.89 -9.07 32.04
C THR A 532 6.20 -7.78 32.46
N GLY A 533 5.92 -7.63 33.76
CA GLY A 533 5.39 -6.37 34.26
C GLY A 533 6.14 -5.76 35.42
N TRP A 534 5.65 -4.62 35.90
CA TRP A 534 6.40 -3.84 36.89
C TRP A 534 6.10 -4.19 38.35
N ARG A 535 5.00 -4.91 38.59
CA ARG A 535 4.58 -5.33 39.94
C ARG A 535 3.81 -6.67 39.83
N PRO A 536 3.70 -7.48 40.93
CA PRO A 536 2.91 -8.74 40.79
C PRO A 536 1.39 -8.54 40.68
N GLY A 537 0.71 -9.59 40.22
CA GLY A 537 -0.75 -9.56 39.95
C GLY A 537 -1.07 -9.16 38.52
N SER A 538 -2.28 -9.51 38.06
CA SER A 538 -2.78 -9.20 36.71
C SER A 538 -2.92 -7.72 36.34
N GLY A 539 -2.64 -7.38 35.07
CA GLY A 539 -2.94 -6.05 34.54
C GLY A 539 -1.81 -5.03 34.53
N PHE A 540 -0.58 -5.48 34.75
CA PHE A 540 0.54 -4.55 34.83
C PHE A 540 1.71 -4.82 33.87
N THR A 541 1.50 -5.62 32.81
CA THR A 541 2.53 -5.93 31.79
C THR A 541 2.91 -4.68 31.01
N ASN A 542 4.12 -4.21 31.24
CA ASN A 542 4.54 -2.96 30.63
C ASN A 542 5.97 -3.02 30.13
N THR A 543 6.57 -4.21 30.22
CA THR A 543 8.01 -4.35 30.05
C THR A 543 8.34 -5.33 28.94
N MET A 544 9.05 -4.83 27.94
CA MET A 544 9.48 -5.62 26.81
C MET A 544 11.00 -5.76 26.83
N ARG A 545 11.47 -7.00 26.91
CA ARG A 545 12.92 -7.23 26.86
C ARG A 545 13.37 -8.08 25.69
N VAL A 546 14.44 -7.64 25.04
CA VAL A 546 15.03 -8.38 23.92
C VAL A 546 16.31 -9.07 24.40
N VAL A 547 16.23 -10.36 24.69
CA VAL A 547 17.35 -11.06 25.36
C VAL A 547 17.97 -12.22 24.56
N PRO A 548 19.30 -12.42 24.68
CA PRO A 548 19.91 -13.66 24.18
C PRO A 548 19.53 -14.85 25.03
N VAL A 549 19.41 -16.01 24.39
CA VAL A 549 19.13 -17.26 25.10
C VAL A 549 20.44 -17.75 25.72
N PRO A 550 20.44 -17.95 27.06
CA PRO A 550 21.60 -18.48 27.79
C PRO A 550 21.84 -19.98 27.60
N GLN B 33 -25.72 -3.42 -1.96
CA GLN B 33 -26.44 -4.62 -1.42
C GLN B 33 -26.14 -5.91 -2.23
N THR B 34 -25.81 -5.80 -3.52
CA THR B 34 -25.59 -7.01 -4.34
C THR B 34 -24.14 -7.17 -4.72
N GLN B 35 -23.78 -8.39 -5.15
CA GLN B 35 -22.46 -8.78 -5.72
C GLN B 35 -21.19 -8.46 -4.89
N GLN B 36 -21.39 -8.48 -3.56
CA GLN B 36 -20.42 -8.06 -2.55
C GLN B 36 -19.85 -6.64 -2.72
N LEU B 37 -20.70 -5.71 -3.18
CA LEU B 37 -20.25 -4.35 -3.51
C LEU B 37 -19.82 -3.50 -2.34
N HIS B 38 -20.40 -3.77 -1.17
CA HIS B 38 -19.99 -3.17 0.10
C HIS B 38 -18.59 -3.63 0.49
N ALA B 39 -18.33 -4.94 0.42
CA ALA B 39 -16.98 -5.53 0.61
C ALA B 39 -15.91 -5.05 -0.36
N ALA B 40 -16.34 -4.79 -1.59
CA ALA B 40 -15.52 -4.20 -2.63
C ALA B 40 -15.00 -2.79 -2.33
N MET B 41 -15.77 -2.02 -1.54
CA MET B 41 -15.37 -0.66 -1.18
C MET B 41 -14.36 -0.59 -0.04
N ALA B 42 -14.09 -1.72 0.63
CA ALA B 42 -13.19 -1.76 1.80
C ALA B 42 -11.72 -1.41 1.54
N ASP B 43 -11.14 -0.72 2.51
CA ASP B 43 -9.81 -0.14 2.35
C ASP B 43 -8.70 -1.09 2.67
N THR B 44 -9.01 -2.23 3.28
CA THR B 44 -8.00 -3.27 3.63
C THR B 44 -8.49 -4.68 3.25
N PHE B 45 -7.58 -5.66 3.13
CA PHE B 45 -7.92 -7.09 2.89
C PHE B 45 -8.75 -7.68 4.05
N LEU B 46 -8.34 -7.36 5.26
CA LEU B 46 -9.07 -7.73 6.47
C LEU B 46 -10.54 -7.24 6.53
N GLU B 47 -10.78 -5.97 6.24
CA GLU B 47 -12.13 -5.40 6.28
C GLU B 47 -12.96 -5.92 5.11
N HIS B 48 -12.30 -6.17 3.98
CA HIS B 48 -12.91 -6.92 2.88
C HIS B 48 -13.45 -8.29 3.29
N MET B 49 -12.65 -9.05 4.06
CA MET B 49 -13.07 -10.35 4.62
C MET B 49 -14.23 -10.17 5.62
N CYS B 50 -14.09 -9.23 6.54
CA CYS B 50 -15.18 -8.80 7.50
C CYS B 50 -16.50 -8.37 6.89
N ARG B 51 -16.46 -7.82 5.68
CA ARG B 51 -17.67 -7.37 5.05
C ARG B 51 -18.36 -8.35 4.15
N LEU B 52 -17.78 -9.56 4.00
CA LEU B 52 -18.37 -10.60 3.16
C LEU B 52 -19.72 -11.04 3.68
N ASP B 53 -20.73 -10.96 2.84
CA ASP B 53 -22.10 -11.03 3.31
C ASP B 53 -22.92 -12.04 2.57
N ILE B 54 -23.53 -12.95 3.34
CA ILE B 54 -24.26 -14.10 2.74
C ILE B 54 -25.62 -13.73 2.15
N ASP B 55 -26.13 -12.54 2.49
CA ASP B 55 -27.37 -12.04 1.91
C ASP B 55 -27.13 -11.08 0.75
N SER B 56 -25.90 -11.04 0.23
CA SER B 56 -25.57 -10.19 -0.90
C SER B 56 -25.50 -11.06 -2.14
N PRO B 57 -26.54 -10.99 -3.00
CA PRO B 57 -26.66 -11.93 -4.12
C PRO B 57 -25.70 -11.60 -5.26
N PRO B 58 -25.08 -12.64 -5.86
CA PRO B 58 -24.28 -12.40 -7.05
C PRO B 58 -25.16 -12.16 -8.28
N ILE B 59 -24.58 -11.53 -9.31
CA ILE B 59 -25.15 -11.47 -10.66
C ILE B 59 -25.28 -12.88 -11.26
N THR B 60 -26.08 -13.03 -12.33
CA THR B 60 -26.23 -14.34 -13.03
C THR B 60 -24.97 -14.81 -13.80
N ALA B 61 -24.01 -13.91 -14.00
CA ALA B 61 -22.74 -14.25 -14.63
C ALA B 61 -21.87 -15.12 -13.74
N ARG B 62 -21.39 -16.20 -14.33
CA ARG B 62 -20.41 -17.06 -13.69
C ARG B 62 -19.27 -17.07 -14.68
N ASN B 63 -18.09 -16.68 -14.21
CA ASN B 63 -16.88 -16.42 -15.03
C ASN B 63 -15.91 -17.60 -15.21
N THR B 64 -15.91 -18.53 -14.27
CA THR B 64 -14.93 -19.61 -14.21
C THR B 64 -15.43 -20.77 -15.10
N GLY B 65 -14.59 -21.24 -16.02
CA GLY B 65 -14.91 -22.45 -16.81
C GLY B 65 -15.03 -23.72 -16.01
N ILE B 66 -16.07 -24.49 -16.28
CA ILE B 66 -16.25 -25.78 -15.64
C ILE B 66 -15.89 -26.86 -16.69
N ILE B 67 -14.94 -27.71 -16.33
CA ILE B 67 -14.49 -28.77 -17.22
C ILE B 67 -15.03 -30.07 -16.62
N CYS B 68 -15.94 -30.72 -17.31
CA CYS B 68 -16.45 -32.00 -16.85
C CYS B 68 -15.84 -33.17 -17.60
N THR B 69 -15.37 -34.17 -16.87
CA THR B 69 -14.89 -35.41 -17.45
C THR B 69 -16.07 -36.32 -17.76
N ILE B 70 -16.15 -36.77 -19.02
CA ILE B 70 -17.27 -37.61 -19.47
C ILE B 70 -16.83 -39.09 -19.31
N GLY B 71 -17.75 -39.95 -18.95
CA GLY B 71 -17.53 -41.37 -18.67
C GLY B 71 -18.93 -41.93 -18.71
N PRO B 72 -19.13 -43.13 -18.12
CA PRO B 72 -20.42 -43.85 -18.02
C PRO B 72 -21.63 -43.14 -17.38
N ALA B 73 -21.41 -42.15 -16.50
CA ALA B 73 -22.53 -41.47 -15.84
C ALA B 73 -23.17 -40.39 -16.69
N SER B 74 -22.41 -39.85 -17.63
CA SER B 74 -22.82 -38.62 -18.30
C SER B 74 -22.74 -38.69 -19.81
N ARG B 75 -22.65 -39.89 -20.37
CA ARG B 75 -22.27 -40.07 -21.77
C ARG B 75 -23.34 -39.87 -22.82
N SER B 76 -24.59 -40.15 -22.43
CA SER B 76 -25.72 -40.10 -23.36
C SER B 76 -26.06 -38.66 -23.77
N VAL B 77 -26.70 -38.53 -24.94
CA VAL B 77 -27.10 -37.25 -25.54
C VAL B 77 -28.07 -36.49 -24.63
N GLU B 78 -29.04 -37.23 -24.08
CA GLU B 78 -30.00 -36.77 -23.06
C GLU B 78 -29.35 -36.20 -21.77
N THR B 79 -28.33 -36.89 -21.25
CA THR B 79 -27.64 -36.46 -20.03
C THR B 79 -26.75 -35.26 -20.31
N LEU B 80 -26.01 -35.32 -21.42
CA LEU B 80 -25.17 -34.21 -21.87
C LEU B 80 -25.88 -32.88 -22.15
N LYS B 81 -27.12 -32.92 -22.64
CA LYS B 81 -28.00 -31.73 -22.77
C LYS B 81 -28.30 -31.07 -21.41
N GLU B 82 -28.48 -31.89 -20.39
CA GLU B 82 -28.68 -31.40 -19.03
C GLU B 82 -27.38 -30.87 -18.43
N MET B 83 -26.25 -31.50 -18.74
CA MET B 83 -24.90 -31.05 -18.33
C MET B 83 -24.55 -29.62 -18.78
N ILE B 84 -24.91 -29.27 -20.02
CA ILE B 84 -24.74 -27.95 -20.61
C ILE B 84 -25.71 -26.95 -19.93
N LYS B 85 -26.94 -27.42 -19.68
CA LYS B 85 -27.95 -26.63 -18.94
C LYS B 85 -27.54 -26.38 -17.50
N SER B 86 -26.88 -27.38 -16.89
CA SER B 86 -26.28 -27.25 -15.57
C SER B 86 -25.01 -26.40 -15.55
N GLY B 87 -24.36 -26.24 -16.71
CA GLY B 87 -23.26 -25.30 -16.83
C GLY B 87 -21.88 -25.79 -17.22
N MET B 88 -21.83 -26.94 -17.90
CA MET B 88 -20.58 -27.48 -18.47
C MET B 88 -20.12 -26.62 -19.62
N ASN B 89 -18.82 -26.32 -19.65
CA ASN B 89 -18.19 -25.58 -20.73
C ASN B 89 -17.26 -26.44 -21.58
N VAL B 90 -16.53 -27.35 -20.93
CA VAL B 90 -15.51 -28.13 -21.60
C VAL B 90 -15.79 -29.61 -21.29
N ALA B 91 -15.91 -30.43 -22.31
CA ALA B 91 -16.05 -31.87 -22.08
C ALA B 91 -14.67 -32.48 -22.15
N ARG B 92 -14.20 -33.02 -21.04
CA ARG B 92 -12.86 -33.63 -20.99
C ARG B 92 -12.90 -35.14 -21.30
N LEU B 93 -12.05 -35.57 -22.23
CA LEU B 93 -11.96 -37.00 -22.55
C LEU B 93 -10.62 -37.62 -22.13
N ASN B 94 -10.70 -38.57 -21.21
CA ASN B 94 -9.53 -39.19 -20.63
C ASN B 94 -9.09 -40.41 -21.45
N PHE B 95 -7.95 -40.25 -22.12
CA PHE B 95 -7.43 -41.27 -23.05
C PHE B 95 -6.49 -42.28 -22.39
N SER B 96 -6.54 -42.34 -21.05
CA SER B 96 -5.87 -43.37 -20.25
C SER B 96 -6.45 -44.76 -20.44
N HIS B 97 -7.76 -44.82 -20.70
CA HIS B 97 -8.47 -46.08 -20.98
C HIS B 97 -9.47 -45.76 -22.09
N GLY B 98 -9.96 -46.79 -22.78
CA GLY B 98 -10.98 -46.64 -23.80
C GLY B 98 -10.44 -46.55 -25.21
N THR B 99 -11.16 -47.16 -26.15
CA THR B 99 -10.73 -47.28 -27.56
C THR B 99 -11.07 -45.98 -28.27
N HIS B 100 -10.42 -45.73 -29.42
CA HIS B 100 -10.65 -44.53 -30.26
C HIS B 100 -12.08 -44.42 -30.77
N GLU B 101 -12.64 -45.56 -31.17
CA GLU B 101 -14.04 -45.73 -31.55
C GLU B 101 -15.05 -45.29 -30.46
N TYR B 102 -14.75 -45.68 -29.22
CA TYR B 102 -15.53 -45.31 -28.02
C TYR B 102 -15.52 -43.80 -27.77
N HIS B 103 -14.30 -43.23 -27.79
CA HIS B 103 -14.06 -41.80 -27.58
C HIS B 103 -14.67 -40.90 -28.67
N ALA B 104 -14.62 -41.35 -29.93
CA ALA B 104 -15.24 -40.63 -31.05
C ALA B 104 -16.77 -40.58 -30.97
N GLU B 105 -17.37 -41.69 -30.52
CA GLU B 105 -18.81 -41.74 -30.17
C GLU B 105 -19.19 -40.77 -29.01
N THR B 106 -18.30 -40.63 -28.02
CA THR B 106 -18.46 -39.65 -26.90
C THR B 106 -18.49 -38.21 -27.42
N ILE B 107 -17.50 -37.90 -28.26
CA ILE B 107 -17.33 -36.61 -28.96
C ILE B 107 -18.52 -36.25 -29.86
N LYS B 108 -19.03 -37.25 -30.58
CA LYS B 108 -20.23 -37.11 -31.43
C LYS B 108 -21.49 -36.86 -30.60
N ASN B 109 -21.59 -37.54 -29.45
CA ASN B 109 -22.65 -37.31 -28.46
C ASN B 109 -22.61 -35.91 -27.85
N VAL B 110 -21.40 -35.43 -27.55
CA VAL B 110 -21.12 -34.07 -27.04
C VAL B 110 -21.62 -33.02 -28.02
N ARG B 111 -21.28 -33.22 -29.30
CA ARG B 111 -21.62 -32.30 -30.37
C ARG B 111 -23.08 -32.32 -30.76
N THR B 112 -23.73 -33.48 -30.67
CA THR B 112 -25.18 -33.60 -30.89
C THR B 112 -25.99 -32.84 -29.81
N ALA B 113 -25.59 -33.00 -28.56
CA ALA B 113 -26.24 -32.33 -27.42
C ALA B 113 -26.04 -30.82 -27.45
N THR B 114 -24.81 -30.40 -27.76
CA THR B 114 -24.44 -28.99 -28.01
C THR B 114 -25.23 -28.37 -29.16
N GLU B 115 -25.33 -29.07 -30.30
CA GLU B 115 -26.03 -28.49 -31.46
C GLU B 115 -27.55 -28.52 -31.39
N SER B 116 -28.11 -29.19 -30.39
CA SER B 116 -29.58 -29.15 -30.12
C SER B 116 -30.11 -27.78 -29.65
N PHE B 117 -29.21 -26.93 -29.16
CA PHE B 117 -29.56 -25.58 -28.68
C PHE B 117 -29.30 -24.50 -29.72
N ALA B 118 -28.82 -24.88 -30.91
CA ALA B 118 -28.37 -23.92 -31.94
C ALA B 118 -29.47 -23.17 -32.70
N SER B 119 -30.72 -23.62 -32.54
CA SER B 119 -31.90 -22.94 -33.04
C SER B 119 -32.17 -21.54 -32.39
N ASP B 120 -31.71 -21.35 -31.15
CA ASP B 120 -31.63 -20.03 -30.51
C ASP B 120 -30.15 -19.65 -30.24
N PRO B 121 -29.55 -18.86 -31.15
CA PRO B 121 -28.14 -18.38 -31.11
C PRO B 121 -27.83 -17.44 -29.95
N ILE B 122 -28.85 -16.70 -29.52
CA ILE B 122 -28.81 -15.82 -28.35
C ILE B 122 -28.61 -16.66 -27.08
N LEU B 123 -29.32 -17.78 -27.00
CA LEU B 123 -29.20 -18.71 -25.87
C LEU B 123 -28.15 -19.83 -26.01
N TYR B 124 -27.58 -19.99 -27.21
CA TYR B 124 -26.60 -21.06 -27.52
C TYR B 124 -25.29 -20.91 -26.77
N ARG B 125 -24.88 -21.95 -26.06
CA ARG B 125 -23.59 -21.94 -25.40
C ARG B 125 -22.61 -22.87 -26.10
N PRO B 126 -21.43 -22.35 -26.50
CA PRO B 126 -20.34 -23.15 -27.11
C PRO B 126 -19.76 -24.16 -26.12
N VAL B 127 -19.45 -25.38 -26.57
CA VAL B 127 -18.94 -26.39 -25.64
C VAL B 127 -17.62 -26.92 -26.16
N ALA B 128 -16.54 -26.77 -25.39
CA ALA B 128 -15.25 -27.26 -25.85
C ALA B 128 -15.07 -28.80 -25.73
N VAL B 129 -14.15 -29.36 -26.52
CA VAL B 129 -13.74 -30.78 -26.36
C VAL B 129 -12.26 -30.79 -25.97
N ALA B 130 -11.93 -31.49 -24.89
CA ALA B 130 -10.57 -31.60 -24.38
C ALA B 130 -10.06 -33.02 -24.45
N LEU B 131 -8.80 -33.16 -24.83
CA LEU B 131 -8.16 -34.47 -24.87
C LEU B 131 -7.11 -34.56 -23.78
N ASP B 132 -7.35 -35.46 -22.83
CA ASP B 132 -6.39 -35.68 -21.78
C ASP B 132 -5.58 -36.93 -22.11
N THR B 133 -4.27 -36.77 -22.24
CA THR B 133 -3.40 -37.91 -22.59
C THR B 133 -3.19 -38.87 -21.43
N LYS B 134 -2.88 -40.14 -21.75
CA LYS B 134 -2.39 -41.10 -20.74
C LYS B 134 -1.03 -40.70 -20.14
N GLY B 135 -0.11 -40.24 -20.97
CA GLY B 135 1.23 -39.98 -20.45
C GLY B 135 2.11 -41.22 -20.33
N PRO B 136 3.40 -41.00 -20.06
CA PRO B 136 4.28 -42.11 -19.75
C PRO B 136 4.07 -42.58 -18.30
N GLU B 137 4.19 -43.87 -18.07
CA GLU B 137 4.04 -44.39 -16.72
C GLU B 137 5.02 -45.51 -16.45
N ILE B 138 5.32 -45.72 -15.17
CA ILE B 138 6.05 -46.89 -14.71
C ILE B 138 5.03 -47.83 -14.09
N ARG B 139 5.05 -49.08 -14.56
CA ARG B 139 4.13 -50.14 -14.11
C ARG B 139 4.90 -51.31 -13.51
N THR B 140 4.25 -52.07 -12.63
CA THR B 140 4.83 -53.33 -12.13
C THR B 140 4.52 -54.49 -13.09
N GLY B 141 5.06 -55.68 -12.77
CA GLY B 141 4.80 -56.88 -13.56
C GLY B 141 3.67 -57.73 -13.00
N LEU B 142 3.73 -59.04 -13.27
CA LEU B 142 2.66 -59.96 -12.92
C LEU B 142 3.02 -60.80 -11.70
N ILE B 143 2.08 -60.93 -10.77
CA ILE B 143 2.23 -61.87 -9.63
C ILE B 143 2.07 -63.32 -10.11
N ALA B 149 -4.56 -61.65 -9.32
CA ALA B 149 -3.65 -62.31 -8.38
C ALA B 149 -2.75 -61.32 -7.65
N GLU B 150 -2.75 -61.38 -6.32
CA GLU B 150 -1.97 -60.43 -5.50
C GLU B 150 -1.19 -61.12 -4.38
N VAL B 151 -0.21 -60.39 -3.83
CA VAL B 151 0.60 -60.86 -2.69
C VAL B 151 0.47 -59.94 -1.48
N GLU B 152 1.37 -60.10 -0.51
CA GLU B 152 1.31 -59.35 0.75
C GLU B 152 2.64 -58.70 1.13
N LEU B 153 2.66 -57.38 1.08
CA LEU B 153 3.84 -56.62 1.51
C LEU B 153 3.71 -56.20 2.97
N LYS B 154 4.64 -56.74 3.75
CA LYS B 154 4.65 -56.60 5.20
C LYS B 154 5.47 -55.38 5.61
N LYS B 155 4.92 -54.63 6.56
CA LYS B 155 5.47 -53.36 7.03
C LYS B 155 6.72 -53.56 7.88
N GLY B 156 7.82 -52.93 7.46
CA GLY B 156 9.09 -53.04 8.16
C GLY B 156 10.02 -54.10 7.59
N ALA B 157 9.55 -54.84 6.60
CA ALA B 157 10.34 -55.92 5.99
C ALA B 157 11.23 -55.43 4.85
N THR B 158 11.84 -56.36 4.11
CA THR B 158 12.78 -56.03 3.05
C THR B 158 12.32 -56.63 1.70
N LEU B 159 12.39 -55.81 0.65
CA LEU B 159 11.91 -56.13 -0.69
C LEU B 159 13.06 -55.92 -1.68
N LYS B 160 13.00 -56.55 -2.86
CA LYS B 160 14.05 -56.37 -3.87
C LYS B 160 13.51 -56.05 -5.27
N ILE B 161 14.04 -55.01 -5.89
CA ILE B 161 13.62 -54.57 -7.22
C ILE B 161 14.54 -55.18 -8.29
N THR B 162 13.94 -55.80 -9.31
CA THR B 162 14.70 -56.35 -10.45
C THR B 162 14.24 -55.75 -11.78
N LEU B 163 15.18 -55.68 -12.71
CA LEU B 163 14.91 -55.27 -14.09
C LEU B 163 15.11 -56.44 -15.02
N ASP B 164 15.51 -57.57 -14.42
CA ASP B 164 15.74 -58.83 -15.11
C ASP B 164 14.41 -59.43 -15.57
N ASN B 165 14.31 -59.65 -16.88
CA ASN B 165 13.05 -60.01 -17.54
C ASN B 165 12.57 -61.46 -17.37
N ALA B 166 13.36 -62.28 -16.67
CA ALA B 166 12.96 -63.63 -16.26
C ALA B 166 12.01 -63.58 -15.05
N TYR B 167 12.11 -62.50 -14.27
CA TYR B 167 11.26 -62.31 -13.09
C TYR B 167 10.09 -61.35 -13.35
N MET B 168 9.78 -61.15 -14.63
CA MET B 168 8.71 -60.26 -15.11
C MET B 168 7.32 -60.73 -14.72
N GLU B 169 7.10 -62.04 -14.83
CA GLU B 169 5.85 -62.64 -14.42
C GLU B 169 6.01 -63.44 -13.13
N LYS B 170 7.09 -63.14 -12.40
CA LYS B 170 7.36 -63.76 -11.11
C LYS B 170 7.55 -62.71 -10.01
N CYS B 171 6.55 -61.85 -9.85
CA CYS B 171 6.54 -60.89 -8.75
C CYS B 171 5.96 -61.55 -7.51
N ASP B 172 6.58 -61.28 -6.37
CA ASP B 172 6.16 -61.84 -5.09
C ASP B 172 6.46 -60.86 -3.96
N GLU B 173 6.50 -61.35 -2.72
CA GLU B 173 6.75 -60.51 -1.54
C GLU B 173 8.24 -60.21 -1.26
N ASN B 174 9.12 -60.76 -2.10
CA ASN B 174 10.57 -60.59 -1.98
C ASN B 174 11.15 -59.92 -3.24
N ILE B 175 10.62 -60.31 -4.41
CA ILE B 175 11.09 -59.83 -5.71
C ILE B 175 9.98 -59.04 -6.45
N LEU B 176 10.31 -57.83 -6.92
CA LEU B 176 9.40 -57.05 -7.75
C LEU B 176 10.06 -56.60 -9.06
N TRP B 177 9.35 -56.82 -10.17
CA TRP B 177 9.79 -56.33 -11.48
C TRP B 177 9.01 -55.06 -11.85
N LEU B 178 9.69 -54.15 -12.53
CA LEU B 178 9.04 -53.00 -13.18
C LEU B 178 9.60 -52.76 -14.60
N ASP B 179 8.94 -51.88 -15.35
CA ASP B 179 9.17 -51.76 -16.80
C ASP B 179 10.05 -50.59 -17.28
N TYR B 180 10.50 -49.76 -16.34
CA TYR B 180 11.37 -48.61 -16.66
C TYR B 180 12.83 -48.94 -16.32
N LYS B 181 13.65 -49.11 -17.37
CA LYS B 181 14.97 -49.72 -17.24
C LYS B 181 16.08 -48.80 -16.71
N ASN B 182 15.81 -47.49 -16.67
CA ASN B 182 16.77 -46.51 -16.16
C ASN B 182 16.55 -46.11 -14.70
N ILE B 183 15.97 -47.01 -13.91
CA ILE B 183 15.52 -46.72 -12.54
C ILE B 183 16.67 -46.56 -11.53
N CYS B 184 17.74 -47.32 -11.73
CA CYS B 184 18.94 -47.28 -10.88
C CYS B 184 19.76 -45.99 -11.04
N LYS B 185 19.70 -45.41 -12.23
CA LYS B 185 20.36 -44.14 -12.53
C LYS B 185 19.62 -42.96 -11.88
N VAL B 186 18.29 -43.04 -11.83
CA VAL B 186 17.47 -41.90 -11.39
C VAL B 186 17.13 -41.88 -9.90
N VAL B 187 17.43 -42.97 -9.19
CA VAL B 187 17.37 -42.95 -7.71
C VAL B 187 18.76 -43.10 -7.07
N GLU B 188 18.92 -42.54 -5.88
CA GLU B 188 20.10 -42.72 -5.05
C GLU B 188 19.68 -43.36 -3.74
N VAL B 189 20.64 -43.63 -2.84
CA VAL B 189 20.36 -44.28 -1.55
C VAL B 189 19.65 -43.38 -0.56
N GLY B 190 18.61 -43.92 0.08
CA GLY B 190 17.78 -43.17 1.02
C GLY B 190 16.54 -42.55 0.40
N SER B 191 16.39 -42.70 -0.91
CA SER B 191 15.25 -42.12 -1.63
C SER B 191 14.00 -43.04 -1.59
N LYS B 192 12.85 -42.46 -1.90
CA LYS B 192 11.56 -43.18 -1.78
C LYS B 192 11.06 -43.70 -3.12
N ILE B 193 10.36 -44.84 -3.09
CA ILE B 193 9.67 -45.40 -4.26
C ILE B 193 8.23 -45.70 -3.83
N TYR B 194 7.25 -45.15 -4.55
CA TYR B 194 5.85 -45.39 -4.19
C TYR B 194 5.22 -46.38 -5.18
N VAL B 195 4.40 -47.30 -4.67
CA VAL B 195 3.68 -48.27 -5.52
C VAL B 195 2.18 -48.15 -5.26
N ASP B 196 1.37 -48.20 -6.35
CA ASP B 196 -0.11 -48.26 -6.37
C ASP B 196 -0.80 -47.02 -5.77
N ASP B 197 -0.58 -45.87 -6.42
CA ASP B 197 -1.01 -44.52 -6.00
C ASP B 197 -0.50 -44.12 -4.61
N GLY B 198 0.73 -44.51 -4.30
CA GLY B 198 1.33 -44.29 -2.99
C GLY B 198 0.72 -45.05 -1.82
N LEU B 199 0.13 -46.21 -2.10
CA LEU B 199 -0.39 -47.12 -1.05
C LEU B 199 0.78 -47.77 -0.33
N ILE B 200 1.77 -48.19 -1.11
CA ILE B 200 2.95 -48.85 -0.59
C ILE B 200 4.14 -47.92 -0.75
N SER B 201 4.77 -47.57 0.36
CA SER B 201 5.97 -46.75 0.39
C SER B 201 7.17 -47.66 0.55
N LEU B 202 8.27 -47.29 -0.09
CA LEU B 202 9.51 -48.03 0.01
C LEU B 202 10.65 -47.05 0.27
N GLN B 203 11.80 -47.59 0.68
CA GLN B 203 13.03 -46.81 0.77
C GLN B 203 14.19 -47.69 0.40
N VAL B 204 14.94 -47.29 -0.64
CA VAL B 204 16.11 -48.04 -1.08
C VAL B 204 17.30 -47.91 -0.12
N LYS B 205 17.75 -49.08 0.34
CA LYS B 205 18.88 -49.19 1.26
C LYS B 205 20.15 -49.52 0.49
N GLN B 206 20.00 -50.34 -0.55
CA GLN B 206 21.12 -50.72 -1.40
C GLN B 206 20.71 -50.67 -2.87
N LYS B 207 21.60 -50.13 -3.70
CA LYS B 207 21.38 -50.09 -5.14
C LYS B 207 22.55 -50.69 -5.94
N GLY B 208 22.21 -51.37 -7.03
CA GLY B 208 23.21 -51.89 -7.95
C GLY B 208 23.07 -51.25 -9.31
N ALA B 209 23.60 -51.90 -10.33
CA ALA B 209 23.50 -51.42 -11.72
C ALA B 209 22.35 -52.09 -12.45
N ASP B 210 21.90 -53.23 -11.93
CA ASP B 210 20.81 -54.01 -12.53
C ASP B 210 19.57 -54.01 -11.64
N PHE B 211 19.76 -53.63 -10.38
CA PHE B 211 18.83 -54.03 -9.30
C PHE B 211 18.85 -53.09 -8.09
N LEU B 212 17.77 -53.10 -7.30
CA LEU B 212 17.66 -52.31 -6.07
C LEU B 212 17.16 -53.16 -4.89
N VAL B 213 17.74 -52.92 -3.71
CA VAL B 213 17.33 -53.59 -2.47
C VAL B 213 16.66 -52.55 -1.56
N THR B 214 15.41 -52.82 -1.16
CA THR B 214 14.63 -51.83 -0.44
C THR B 214 13.90 -52.30 0.82
N GLU B 215 13.87 -51.44 1.83
CA GLU B 215 13.08 -51.70 3.03
C GLU B 215 11.65 -51.21 2.83
N VAL B 216 10.68 -51.97 3.34
CA VAL B 216 9.28 -51.59 3.20
C VAL B 216 8.89 -50.59 4.29
N GLU B 217 8.43 -49.41 3.88
CA GLU B 217 8.05 -48.33 4.81
C GLU B 217 6.59 -48.39 5.22
N ASN B 218 5.69 -48.39 4.23
CA ASN B 218 4.26 -48.61 4.45
C ASN B 218 3.87 -49.94 3.82
N GLY B 219 3.30 -50.83 4.63
CA GLY B 219 2.84 -52.12 4.14
C GLY B 219 1.51 -52.04 3.40
N GLY B 220 1.16 -53.12 2.70
CA GLY B 220 -0.11 -53.18 2.00
C GLY B 220 -0.20 -54.29 0.98
N SER B 221 -1.36 -54.39 0.34
CA SER B 221 -1.62 -55.39 -0.68
C SER B 221 -0.93 -55.05 -1.99
N LEU B 222 0.02 -55.88 -2.41
CA LEU B 222 0.71 -55.67 -3.68
C LEU B 222 0.07 -56.50 -4.78
N GLY B 223 -0.58 -55.81 -5.71
CA GLY B 223 -1.24 -56.44 -6.85
C GLY B 223 -0.39 -56.40 -8.11
N SER B 224 -0.99 -56.87 -9.20
CA SER B 224 -0.34 -56.93 -10.51
C SER B 224 -0.59 -55.68 -11.34
N LYS B 225 0.42 -55.31 -12.15
CA LYS B 225 0.42 -54.13 -13.07
C LYS B 225 0.08 -52.77 -12.44
N LYS B 226 0.76 -52.49 -11.34
CA LYS B 226 0.46 -51.34 -10.49
C LYS B 226 1.41 -50.20 -10.79
N GLY B 227 0.90 -48.96 -10.71
CA GLY B 227 1.65 -47.73 -10.96
C GLY B 227 2.79 -47.47 -9.99
N VAL B 228 3.89 -46.93 -10.51
CA VAL B 228 5.06 -46.63 -9.71
C VAL B 228 5.38 -45.15 -9.90
N ASN B 229 5.46 -44.44 -8.79
CA ASN B 229 5.98 -43.10 -8.79
C ASN B 229 7.35 -43.08 -8.17
N LEU B 230 8.18 -42.19 -8.70
CA LEU B 230 9.50 -41.93 -8.14
C LEU B 230 9.64 -40.46 -7.72
N PRO B 231 9.35 -40.18 -6.42
CA PRO B 231 9.33 -38.81 -5.85
C PRO B 231 10.70 -38.15 -5.79
N GLY B 232 10.79 -36.97 -6.39
CA GLY B 232 12.05 -36.22 -6.48
C GLY B 232 12.96 -36.57 -7.64
N ALA B 233 12.55 -37.56 -8.45
CA ALA B 233 13.42 -38.08 -9.52
C ALA B 233 13.25 -37.38 -10.87
N ALA B 234 14.38 -37.13 -11.52
CA ALA B 234 14.43 -36.62 -12.88
C ALA B 234 14.30 -37.81 -13.80
N VAL B 235 13.06 -38.20 -14.09
CA VAL B 235 12.78 -39.38 -14.90
C VAL B 235 12.98 -39.09 -16.40
N ASP B 236 13.52 -40.06 -17.14
CA ASP B 236 13.86 -39.84 -18.55
C ASP B 236 12.92 -40.57 -19.54
N LEU B 237 11.74 -40.94 -19.03
CA LEU B 237 10.57 -41.34 -19.83
C LEU B 237 10.23 -40.21 -20.80
N PRO B 238 9.94 -40.55 -22.08
CA PRO B 238 9.74 -39.52 -23.11
C PRO B 238 8.49 -38.68 -22.90
N ALA B 239 8.47 -37.51 -23.54
CA ALA B 239 7.40 -36.52 -23.43
C ALA B 239 6.07 -37.04 -23.92
N VAL B 240 6.19 -37.81 -24.99
CA VAL B 240 5.11 -38.40 -25.67
C VAL B 240 5.46 -39.91 -25.75
N SER B 241 4.53 -40.76 -25.34
CA SER B 241 4.73 -42.21 -25.49
C SER B 241 4.13 -42.61 -26.84
N GLU B 242 4.31 -43.87 -27.25
CA GLU B 242 3.80 -44.32 -28.57
C GLU B 242 2.26 -44.43 -28.62
N LYS B 243 1.63 -44.66 -27.47
CA LYS B 243 0.17 -44.56 -27.36
C LYS B 243 -0.27 -43.10 -27.43
N ASP B 244 0.50 -42.21 -26.79
CA ASP B 244 0.21 -40.77 -26.76
C ASP B 244 0.33 -40.14 -28.16
N ILE B 245 1.34 -40.55 -28.95
CA ILE B 245 1.54 -40.12 -30.36
C ILE B 245 0.26 -40.35 -31.19
N GLN B 246 -0.24 -41.59 -31.11
CA GLN B 246 -1.44 -42.10 -31.78
C GLN B 246 -2.71 -41.34 -31.40
N ASP B 247 -2.84 -41.06 -30.11
CA ASP B 247 -4.04 -40.36 -29.60
C ASP B 247 -4.05 -38.87 -29.93
N LEU B 248 -2.86 -38.28 -30.02
CA LEU B 248 -2.72 -36.86 -30.37
C LEU B 248 -3.04 -36.53 -31.82
N LYS B 249 -2.70 -37.44 -32.73
CA LYS B 249 -3.07 -37.29 -34.14
C LYS B 249 -4.56 -37.55 -34.34
N PHE B 250 -5.10 -38.46 -33.54
CA PHE B 250 -6.54 -38.73 -33.49
C PHE B 250 -7.41 -37.51 -33.05
N GLY B 251 -6.90 -36.68 -32.17
CA GLY B 251 -7.59 -35.44 -31.76
C GLY B 251 -7.69 -34.38 -32.84
N VAL B 252 -6.62 -34.26 -33.63
CA VAL B 252 -6.56 -33.44 -34.85
C VAL B 252 -7.66 -33.85 -35.86
N GLU B 253 -7.80 -35.17 -36.07
CA GLU B 253 -8.85 -35.77 -36.90
C GLU B 253 -10.24 -35.48 -36.33
N GLN B 254 -10.35 -35.62 -35.02
CA GLN B 254 -11.61 -35.39 -34.33
C GLN B 254 -11.93 -33.93 -33.99
N ASP B 255 -11.03 -33.01 -34.39
CA ASP B 255 -11.12 -31.53 -34.21
C ASP B 255 -11.28 -31.08 -32.73
N VAL B 256 -10.40 -31.57 -31.86
CA VAL B 256 -10.45 -31.21 -30.45
C VAL B 256 -9.90 -29.79 -30.27
N ASP B 257 -10.39 -29.10 -29.23
CA ASP B 257 -10.09 -27.69 -29.08
C ASP B 257 -8.80 -27.47 -28.31
N MET B 258 -8.39 -28.49 -27.57
CA MET B 258 -7.30 -28.38 -26.61
C MET B 258 -6.83 -29.74 -26.18
N VAL B 259 -5.62 -29.76 -25.67
CA VAL B 259 -4.96 -30.99 -25.26
C VAL B 259 -4.48 -30.82 -23.84
N PHE B 260 -4.86 -31.74 -22.97
CA PHE B 260 -4.34 -31.75 -21.61
C PHE B 260 -3.19 -32.76 -21.59
N ALA B 261 -1.95 -32.25 -21.67
CA ALA B 261 -0.80 -33.15 -21.90
C ALA B 261 -0.21 -33.59 -20.57
N SER B 262 -0.12 -34.90 -20.37
CA SER B 262 0.29 -35.46 -19.07
C SER B 262 1.79 -35.42 -18.82
N PHE B 263 2.14 -35.28 -17.53
CA PHE B 263 3.48 -35.52 -16.96
C PHE B 263 4.57 -34.59 -17.53
N ILE B 264 4.25 -33.31 -17.69
CA ILE B 264 5.17 -32.36 -18.36
C ILE B 264 6.29 -31.88 -17.42
N ARG B 265 7.55 -32.17 -17.77
CA ARG B 265 8.67 -31.90 -16.86
C ARG B 265 9.56 -30.72 -17.21
N LYS B 266 9.55 -30.29 -18.47
CA LYS B 266 10.51 -29.29 -19.03
C LYS B 266 9.95 -28.69 -20.32
N ALA B 267 10.56 -27.62 -20.84
CA ALA B 267 10.13 -26.92 -22.09
C ALA B 267 10.07 -27.77 -23.36
N SER B 268 11.08 -28.66 -23.51
CA SER B 268 11.20 -29.55 -24.66
C SER B 268 10.07 -30.58 -24.77
N ASP B 269 9.47 -30.92 -23.62
CA ASP B 269 8.27 -31.74 -23.54
C ASP B 269 7.05 -31.18 -24.21
N VAL B 270 6.79 -29.87 -24.03
CA VAL B 270 5.66 -29.17 -24.69
C VAL B 270 5.92 -29.01 -26.20
N HIS B 271 7.19 -28.79 -26.55
CA HIS B 271 7.63 -28.65 -27.94
C HIS B 271 7.40 -29.94 -28.74
N GLU B 272 7.71 -31.08 -28.11
CA GLU B 272 7.38 -32.42 -28.61
C GLU B 272 5.90 -32.67 -28.86
N VAL B 273 5.01 -32.16 -27.98
CA VAL B 273 3.55 -32.29 -28.12
C VAL B 273 3.07 -31.50 -29.32
N ARG B 274 3.56 -30.25 -29.40
CA ARG B 274 3.32 -29.30 -30.50
C ARG B 274 3.79 -29.81 -31.86
N LYS B 275 4.97 -30.44 -31.85
CA LYS B 275 5.54 -31.15 -33.02
C LYS B 275 4.65 -32.30 -33.50
N VAL B 276 4.17 -33.12 -32.56
CA VAL B 276 3.33 -34.31 -32.85
C VAL B 276 1.94 -33.92 -33.40
N LEU B 277 1.40 -32.81 -32.85
CA LEU B 277 0.16 -32.19 -33.36
C LEU B 277 0.30 -31.57 -34.77
N GLY B 278 1.50 -31.06 -35.07
CA GLY B 278 1.87 -30.53 -36.38
C GLY B 278 1.17 -29.24 -36.75
N GLU B 279 1.16 -28.93 -38.05
CA GLU B 279 0.51 -27.71 -38.53
C GLU B 279 -1.00 -27.86 -38.73
N LYS B 280 -1.44 -29.12 -38.77
CA LYS B 280 -2.83 -29.48 -38.88
C LYS B 280 -3.50 -29.23 -37.51
N GLY B 281 -2.74 -29.42 -36.43
CA GLY B 281 -3.22 -29.08 -35.10
C GLY B 281 -2.58 -27.86 -34.47
N LYS B 282 -2.22 -26.85 -35.28
CA LYS B 282 -1.46 -25.67 -34.79
C LYS B 282 -2.24 -24.70 -33.88
N ASN B 283 -3.57 -24.74 -33.97
CA ASN B 283 -4.47 -23.88 -33.18
C ASN B 283 -5.04 -24.58 -31.97
N ILE B 284 -4.69 -25.85 -31.79
CA ILE B 284 -5.11 -26.65 -30.64
C ILE B 284 -4.27 -26.19 -29.44
N LYS B 285 -4.92 -25.85 -28.31
CA LYS B 285 -4.20 -25.32 -27.15
C LYS B 285 -3.50 -26.44 -26.39
N ILE B 286 -2.25 -26.22 -26.00
CA ILE B 286 -1.59 -27.19 -25.16
C ILE B 286 -1.53 -26.76 -23.72
N ILE B 287 -2.28 -27.49 -22.91
CA ILE B 287 -2.28 -27.27 -21.51
C ILE B 287 -1.39 -28.33 -20.87
N SER B 288 -0.27 -27.89 -20.30
CA SER B 288 0.59 -28.77 -19.53
C SER B 288 0.04 -29.17 -18.18
N LYS B 289 0.10 -30.46 -17.90
CA LYS B 289 -0.26 -30.96 -16.58
C LYS B 289 1.00 -31.05 -15.76
N ILE B 290 1.00 -30.35 -14.63
CA ILE B 290 2.15 -30.41 -13.75
C ILE B 290 1.90 -31.48 -12.69
N GLU B 291 2.67 -32.58 -12.74
CA GLU B 291 2.35 -33.79 -11.99
C GLU B 291 3.40 -34.25 -10.99
N ASN B 292 4.60 -33.67 -11.02
CA ASN B 292 5.64 -34.04 -10.07
C ASN B 292 6.51 -32.87 -9.62
N HIS B 293 7.53 -33.16 -8.78
CA HIS B 293 8.52 -32.21 -8.24
C HIS B 293 9.28 -31.42 -9.31
N GLU B 294 9.69 -32.14 -10.38
CA GLU B 294 10.47 -31.58 -11.48
C GLU B 294 9.71 -30.52 -12.26
N GLY B 295 8.48 -30.86 -12.64
CA GLY B 295 7.53 -29.95 -13.27
C GLY B 295 7.20 -28.68 -12.46
N VAL B 296 7.11 -28.84 -11.14
CA VAL B 296 6.95 -27.73 -10.19
C VAL B 296 8.22 -26.87 -10.15
N ARG B 297 9.39 -27.51 -10.06
CA ARG B 297 10.67 -26.79 -10.00
C ARG B 297 11.08 -26.09 -11.30
N ARG B 298 10.66 -26.68 -12.42
CA ARG B 298 10.97 -26.09 -13.72
C ARG B 298 9.72 -25.44 -14.29
N PHE B 299 8.91 -24.79 -13.43
CA PHE B 299 7.59 -24.25 -13.83
C PHE B 299 7.65 -23.15 -14.87
N ASP B 300 8.62 -22.24 -14.70
CA ASP B 300 8.74 -21.03 -15.53
C ASP B 300 9.02 -21.29 -16.99
N GLU B 301 9.85 -22.31 -17.27
CA GLU B 301 10.14 -22.69 -18.66
C GLU B 301 8.94 -23.40 -19.32
N ILE B 302 8.23 -24.22 -18.55
CA ILE B 302 7.04 -24.98 -19.00
C ILE B 302 5.87 -24.06 -19.38
N LEU B 303 5.63 -23.08 -18.49
CA LEU B 303 4.60 -22.04 -18.67
C LEU B 303 4.81 -21.21 -19.93
N GLU B 304 6.05 -20.78 -20.10
CA GLU B 304 6.52 -20.08 -21.32
C GLU B 304 6.38 -20.89 -22.63
N ALA B 305 6.54 -22.21 -22.56
CA ALA B 305 6.31 -23.06 -23.73
C ALA B 305 4.85 -23.47 -23.94
N SER B 306 3.98 -23.27 -22.93
CA SER B 306 2.59 -23.78 -23.00
C SER B 306 1.53 -22.71 -23.26
N ASP B 307 0.34 -23.18 -23.66
CA ASP B 307 -0.82 -22.31 -23.81
C ASP B 307 -1.47 -22.09 -22.46
N GLY B 308 -1.27 -23.01 -21.52
CA GLY B 308 -1.86 -22.95 -20.20
C GLY B 308 -1.37 -24.10 -19.35
N ILE B 309 -1.82 -24.15 -18.10
CA ILE B 309 -1.34 -25.10 -17.06
C ILE B 309 -2.50 -25.80 -16.31
N MET B 310 -2.45 -27.13 -16.16
CA MET B 310 -3.31 -27.80 -15.19
C MET B 310 -2.51 -28.11 -13.94
N VAL B 311 -3.05 -27.65 -12.80
CA VAL B 311 -2.60 -28.08 -11.46
C VAL B 311 -3.21 -29.46 -11.26
N ALA B 312 -2.48 -30.51 -11.71
CA ALA B 312 -2.95 -31.88 -11.66
C ALA B 312 -2.66 -32.47 -10.28
N ARG B 313 -3.50 -32.11 -9.29
CA ARG B 313 -3.25 -32.37 -7.85
C ARG B 313 -3.22 -33.85 -7.46
N GLY B 314 -4.02 -34.66 -8.17
CA GLY B 314 -4.07 -36.14 -8.04
C GLY B 314 -2.73 -36.83 -8.01
N ASP B 315 -2.03 -36.77 -9.15
CA ASP B 315 -0.66 -37.26 -9.23
C ASP B 315 0.36 -36.43 -8.48
N LEU B 316 0.11 -35.12 -8.35
CA LEU B 316 1.01 -34.19 -7.66
C LEU B 316 1.17 -34.50 -6.18
N GLY B 317 0.05 -34.71 -5.48
CA GLY B 317 0.05 -35.25 -4.11
C GLY B 317 0.45 -36.71 -3.91
N ILE B 318 0.49 -37.50 -4.99
CA ILE B 318 1.15 -38.82 -4.92
C ILE B 318 2.67 -38.58 -4.90
N GLU B 319 3.16 -37.68 -5.77
CA GLU B 319 4.61 -37.43 -5.88
C GLU B 319 5.19 -36.50 -4.79
N ILE B 320 4.45 -35.46 -4.40
CA ILE B 320 4.95 -34.51 -3.39
C ILE B 320 4.12 -34.71 -2.10
N PRO B 321 4.64 -34.33 -0.88
CA PRO B 321 3.84 -34.53 0.35
C PRO B 321 2.53 -33.73 0.32
N ALA B 322 1.45 -34.38 0.79
CA ALA B 322 0.07 -33.93 0.54
C ALA B 322 -0.29 -32.58 1.18
N GLU B 323 0.49 -32.19 2.20
CA GLU B 323 0.44 -30.88 2.85
C GLU B 323 1.21 -29.80 2.08
N LYS B 324 1.88 -30.15 0.98
CA LYS B 324 2.59 -29.13 0.22
C LYS B 324 1.88 -28.77 -1.06
N VAL B 325 0.78 -29.48 -1.37
CA VAL B 325 0.02 -29.29 -2.62
C VAL B 325 -0.55 -27.87 -2.79
N PHE B 326 -1.07 -27.32 -1.68
CA PHE B 326 -1.57 -25.94 -1.61
C PHE B 326 -0.55 -24.85 -1.97
N LEU B 327 0.71 -25.07 -1.56
CA LEU B 327 1.82 -24.17 -1.85
C LEU B 327 2.11 -24.18 -3.33
N ALA B 328 2.04 -25.36 -3.92
CA ALA B 328 2.24 -25.54 -5.36
C ALA B 328 1.02 -25.06 -6.14
N GLN B 329 -0.17 -25.17 -5.54
CA GLN B 329 -1.40 -24.67 -6.14
C GLN B 329 -1.38 -23.14 -6.27
N LYS B 330 -1.04 -22.45 -5.18
CA LYS B 330 -1.07 -20.97 -5.14
C LYS B 330 0.11 -20.33 -5.88
N MET B 331 1.21 -21.10 -6.03
CA MET B 331 2.38 -20.68 -6.81
C MET B 331 2.05 -20.66 -8.27
N MET B 332 1.53 -21.79 -8.75
CA MET B 332 1.25 -21.96 -10.16
C MET B 332 0.13 -21.05 -10.62
N ILE B 333 -0.91 -20.89 -9.80
CA ILE B 333 -2.02 -20.00 -10.12
C ILE B 333 -1.61 -18.54 -10.22
N GLY B 334 -0.82 -18.09 -9.25
CA GLY B 334 -0.31 -16.74 -9.21
C GLY B 334 0.61 -16.40 -10.37
N ARG B 335 1.44 -17.36 -10.77
CA ARG B 335 2.39 -17.10 -11.85
C ARG B 335 1.68 -17.06 -13.19
N CYS B 336 0.76 -18.01 -13.40
CA CYS B 336 -0.12 -18.02 -14.56
C CYS B 336 -0.98 -16.74 -14.71
N ASN B 337 -1.51 -16.25 -13.56
CA ASN B 337 -2.16 -14.94 -13.43
C ASN B 337 -1.26 -13.80 -13.88
N ARG B 338 -0.02 -13.81 -13.39
CA ARG B 338 1.01 -12.81 -13.70
C ARG B 338 1.42 -12.88 -15.17
N ALA B 339 1.45 -14.08 -15.73
CA ALA B 339 1.82 -14.28 -17.14
C ALA B 339 0.64 -14.07 -18.07
N GLY B 340 -0.57 -14.16 -17.53
CA GLY B 340 -1.77 -14.07 -18.36
C GLY B 340 -2.20 -15.31 -19.13
N LYS B 341 -1.80 -16.49 -18.65
CA LYS B 341 -2.10 -17.79 -19.31
C LYS B 341 -3.04 -18.60 -18.41
N PRO B 342 -4.01 -19.37 -18.99
CA PRO B 342 -5.00 -20.15 -18.23
C PRO B 342 -4.43 -21.14 -17.26
N VAL B 343 -5.09 -21.23 -16.11
CA VAL B 343 -4.74 -22.25 -15.15
C VAL B 343 -6.01 -22.99 -14.69
N ILE B 344 -5.93 -24.33 -14.68
CA ILE B 344 -7.02 -25.22 -14.33
C ILE B 344 -6.73 -25.74 -12.93
N CYS B 345 -7.71 -25.64 -12.02
CA CYS B 345 -7.59 -26.40 -10.78
C CYS B 345 -8.29 -27.74 -10.94
N ALA B 346 -7.66 -28.79 -10.43
CA ALA B 346 -8.11 -30.13 -10.78
C ALA B 346 -7.97 -31.16 -9.67
N THR B 347 -8.91 -32.11 -9.66
CA THR B 347 -8.92 -33.39 -8.90
C THR B 347 -9.42 -33.32 -7.46
N GLN B 348 -10.51 -34.06 -7.22
CA GLN B 348 -11.20 -34.27 -5.93
C GLN B 348 -11.78 -33.00 -5.31
N MET B 349 -12.19 -32.08 -6.18
CA MET B 349 -12.74 -30.80 -5.77
C MET B 349 -14.06 -31.01 -5.09
N LEU B 350 -14.89 -31.89 -5.65
CA LEU B 350 -16.14 -32.27 -5.09
C LEU B 350 -16.26 -33.78 -4.90
N GLU B 351 -15.18 -34.44 -4.44
CA GLU B 351 -15.04 -35.93 -4.37
C GLU B 351 -16.18 -36.80 -3.79
N SER B 352 -16.65 -36.46 -2.58
CA SER B 352 -17.80 -37.12 -1.92
C SER B 352 -19.09 -37.15 -2.72
N MET B 353 -19.25 -36.21 -3.65
CA MET B 353 -20.37 -36.22 -4.57
C MET B 353 -20.51 -37.34 -5.60
N ILE B 354 -19.47 -38.17 -5.77
CA ILE B 354 -19.56 -39.51 -6.41
C ILE B 354 -20.70 -40.37 -5.81
N LYS B 355 -20.72 -40.47 -4.48
CA LYS B 355 -21.75 -41.18 -3.75
C LYS B 355 -22.89 -40.31 -3.15
N LYS B 356 -22.66 -39.02 -2.95
CA LYS B 356 -23.58 -38.15 -2.15
C LYS B 356 -24.15 -36.97 -2.94
N PRO B 357 -25.38 -36.51 -2.63
CA PRO B 357 -25.86 -35.41 -3.49
C PRO B 357 -25.47 -33.96 -3.09
N ARG B 358 -24.78 -33.81 -1.96
CA ARG B 358 -24.24 -32.53 -1.49
C ARG B 358 -22.77 -32.80 -1.22
N PRO B 359 -21.88 -31.79 -1.39
CA PRO B 359 -20.49 -32.05 -1.02
C PRO B 359 -20.21 -31.83 0.44
N THR B 360 -18.98 -32.13 0.85
CA THR B 360 -18.58 -31.82 2.21
C THR B 360 -18.22 -30.33 2.40
N ARG B 361 -17.82 -29.96 3.60
CA ARG B 361 -17.50 -28.56 3.86
C ARG B 361 -16.09 -28.23 3.39
N ALA B 362 -15.20 -29.21 3.41
CA ALA B 362 -13.88 -29.08 2.80
C ALA B 362 -13.93 -28.86 1.30
N GLU B 363 -14.86 -29.56 0.66
CA GLU B 363 -15.07 -29.52 -0.77
C GLU B 363 -15.67 -28.20 -1.27
N GLY B 364 -16.57 -27.63 -0.47
CA GLY B 364 -17.13 -26.32 -0.75
C GLY B 364 -16.08 -25.23 -0.69
N SER B 365 -15.26 -25.31 0.34
CA SER B 365 -14.16 -24.43 0.58
C SER B 365 -13.04 -24.48 -0.48
N ASP B 366 -12.68 -25.69 -0.91
CA ASP B 366 -11.66 -25.92 -1.99
C ASP B 366 -12.02 -25.29 -3.31
N VAL B 367 -13.24 -25.46 -3.81
CA VAL B 367 -13.75 -24.80 -5.01
C VAL B 367 -13.76 -23.25 -4.85
N ALA B 368 -14.17 -22.79 -3.67
CA ALA B 368 -14.22 -21.34 -3.40
C ALA B 368 -12.86 -20.67 -3.43
N ASN B 369 -11.94 -21.25 -2.69
CA ASN B 369 -10.58 -20.77 -2.59
C ASN B 369 -9.75 -20.91 -3.82
N ALA B 370 -10.03 -21.91 -4.68
CA ALA B 370 -9.42 -22.01 -6.01
C ALA B 370 -9.83 -20.86 -6.91
N VAL B 371 -11.12 -20.55 -6.94
CA VAL B 371 -11.65 -19.38 -7.68
C VAL B 371 -11.08 -18.08 -7.11
N LEU B 372 -10.95 -18.03 -5.78
CA LEU B 372 -10.36 -16.88 -5.09
C LEU B 372 -8.88 -16.78 -5.34
N ASP B 373 -8.15 -17.90 -5.33
CA ASP B 373 -6.72 -17.95 -5.78
C ASP B 373 -6.49 -17.34 -7.17
N GLY B 374 -7.37 -17.65 -8.13
CA GLY B 374 -7.31 -17.05 -9.45
C GLY B 374 -7.35 -18.03 -10.61
N ALA B 375 -7.75 -19.29 -10.31
CA ALA B 375 -7.86 -20.40 -11.27
C ALA B 375 -8.90 -20.08 -12.32
N ASP B 376 -8.53 -20.27 -13.59
CA ASP B 376 -9.44 -19.86 -14.66
C ASP B 376 -10.52 -20.87 -14.89
N CYS B 377 -10.21 -22.09 -14.49
CA CYS B 377 -11.06 -23.19 -14.76
C CYS B 377 -10.97 -24.13 -13.60
N ILE B 378 -12.07 -24.83 -13.37
CA ILE B 378 -12.12 -25.85 -12.32
C ILE B 378 -12.64 -27.13 -12.96
N MET B 379 -12.19 -28.27 -12.44
CA MET B 379 -12.41 -29.54 -13.09
C MET B 379 -13.23 -30.50 -12.21
N LEU B 380 -13.95 -31.42 -12.87
CA LEU B 380 -14.56 -32.58 -12.25
C LEU B 380 -14.01 -33.83 -12.95
N SER B 381 -13.74 -34.89 -12.18
CA SER B 381 -13.26 -36.17 -12.72
C SER B 381 -14.33 -37.22 -12.55
N GLY B 382 -14.16 -38.09 -11.54
CA GLY B 382 -15.17 -39.10 -11.15
C GLY B 382 -16.58 -38.64 -10.78
N GLU B 383 -16.72 -37.37 -10.39
CA GLU B 383 -18.02 -36.74 -10.09
C GLU B 383 -18.92 -36.66 -11.32
N THR B 384 -18.33 -36.40 -12.47
CA THR B 384 -19.14 -36.43 -13.67
C THR B 384 -18.88 -37.72 -14.53
N ALA B 385 -17.74 -38.36 -14.33
CA ALA B 385 -17.45 -39.60 -15.11
C ALA B 385 -18.29 -40.83 -14.68
N LYS B 386 -18.35 -41.09 -13.37
CA LYS B 386 -18.84 -42.38 -12.87
C LYS B 386 -19.74 -42.31 -11.64
N GLY B 387 -19.92 -41.11 -11.09
CA GLY B 387 -20.64 -40.98 -9.84
C GLY B 387 -22.14 -40.93 -10.00
N ASP B 388 -22.85 -40.91 -8.88
CA ASP B 388 -24.29 -40.99 -8.90
C ASP B 388 -25.02 -39.67 -9.17
N TYR B 389 -24.33 -38.56 -8.99
CA TYR B 389 -25.01 -37.26 -9.08
C TYR B 389 -24.27 -36.25 -9.99
N PRO B 390 -24.11 -36.55 -11.33
CA PRO B 390 -23.21 -35.67 -12.11
C PRO B 390 -23.74 -34.26 -12.36
N LEU B 391 -25.07 -34.14 -12.48
CA LEU B 391 -25.75 -32.88 -12.74
C LEU B 391 -25.67 -31.96 -11.53
N GLU B 392 -25.79 -32.55 -10.34
CA GLU B 392 -25.70 -31.85 -9.06
C GLU B 392 -24.27 -31.35 -8.81
N ALA B 393 -23.26 -32.13 -9.24
CA ALA B 393 -21.85 -31.72 -9.15
C ALA B 393 -21.48 -30.49 -10.01
N VAL B 394 -21.95 -30.47 -11.26
CA VAL B 394 -21.80 -29.31 -12.18
C VAL B 394 -22.51 -28.07 -11.61
N ARG B 395 -23.74 -28.27 -11.13
CA ARG B 395 -24.54 -27.19 -10.51
C ARG B 395 -23.88 -26.60 -9.27
N MET B 396 -23.17 -27.43 -8.51
CA MET B 396 -22.45 -27.01 -7.31
C MET B 396 -21.19 -26.23 -7.61
N GLN B 397 -20.36 -26.72 -8.55
CA GLN B 397 -19.25 -25.90 -9.08
C GLN B 397 -19.69 -24.52 -9.65
N HIS B 398 -20.83 -24.47 -10.35
CA HIS B 398 -21.41 -23.22 -10.87
C HIS B 398 -21.88 -22.24 -9.76
N LEU B 399 -22.52 -22.79 -8.74
CA LEU B 399 -23.02 -22.00 -7.59
C LEU B 399 -21.86 -21.48 -6.74
N ILE B 400 -20.88 -22.32 -6.41
CA ILE B 400 -19.68 -21.90 -5.66
C ILE B 400 -18.77 -20.88 -6.39
N ALA B 401 -18.58 -21.05 -7.71
CA ALA B 401 -17.70 -20.17 -8.48
C ALA B 401 -18.27 -18.77 -8.56
N ARG B 402 -19.55 -18.68 -8.90
CA ARG B 402 -20.34 -17.43 -8.93
C ARG B 402 -20.29 -16.59 -7.63
N GLU B 403 -20.36 -17.26 -6.48
CA GLU B 403 -20.22 -16.63 -5.17
C GLU B 403 -18.80 -16.15 -4.92
N ALA B 404 -17.84 -17.00 -5.28
CA ALA B 404 -16.43 -16.68 -5.07
C ALA B 404 -15.88 -15.59 -5.94
N GLU B 405 -16.45 -15.43 -7.13
CA GLU B 405 -16.09 -14.34 -8.05
C GLU B 405 -16.51 -12.95 -7.53
N ALA B 406 -17.64 -12.90 -6.85
CA ALA B 406 -18.06 -11.63 -6.24
C ALA B 406 -17.27 -11.30 -4.98
N ALA B 407 -16.72 -12.30 -4.31
CA ALA B 407 -15.91 -12.09 -3.10
C ALA B 407 -14.43 -11.77 -3.34
N ILE B 408 -13.99 -11.78 -4.61
CA ILE B 408 -12.65 -11.29 -5.01
C ILE B 408 -12.46 -9.82 -4.59
N TYR B 409 -11.34 -9.52 -3.93
CA TYR B 409 -10.96 -8.14 -3.60
C TYR B 409 -10.29 -7.48 -4.83
N HIS B 410 -11.13 -6.93 -5.71
CA HIS B 410 -10.72 -6.45 -7.03
C HIS B 410 -9.84 -5.23 -6.94
N LEU B 411 -10.14 -4.38 -5.93
CA LEU B 411 -9.37 -3.18 -5.61
C LEU B 411 -7.88 -3.43 -5.37
N GLN B 412 -7.53 -4.37 -4.50
CA GLN B 412 -6.12 -4.73 -4.35
C GLN B 412 -5.60 -5.51 -5.58
N LEU B 413 -6.42 -6.43 -6.10
CA LEU B 413 -6.01 -7.33 -7.21
C LEU B 413 -5.66 -6.60 -8.52
N PHE B 414 -6.56 -5.72 -8.98
CA PHE B 414 -6.32 -4.86 -10.16
C PHE B 414 -5.18 -3.87 -9.99
N GLU B 415 -5.00 -3.37 -8.77
CA GLU B 415 -3.87 -2.50 -8.43
C GLU B 415 -2.56 -3.26 -8.53
N GLU B 416 -2.55 -4.50 -8.04
CA GLU B 416 -1.33 -5.32 -8.07
C GLU B 416 -1.01 -5.84 -9.46
N LEU B 417 -2.05 -6.12 -10.25
CA LEU B 417 -1.89 -6.64 -11.61
C LEU B 417 -1.26 -5.66 -12.61
N ARG B 418 -1.59 -4.38 -12.55
CA ARG B 418 -0.92 -3.40 -13.44
C ARG B 418 0.46 -2.98 -12.94
N ARG B 419 0.66 -3.03 -11.62
CA ARG B 419 1.94 -2.72 -10.97
C ARG B 419 3.01 -3.77 -11.32
N LEU B 420 2.57 -5.01 -11.53
CA LEU B 420 3.48 -6.04 -12.00
C LEU B 420 3.53 -6.18 -13.52
N ALA B 421 2.60 -5.53 -14.24
CA ALA B 421 2.53 -5.58 -15.70
C ALA B 421 3.64 -4.74 -16.35
N PRO B 422 4.30 -5.29 -17.38
CA PRO B 422 5.33 -4.55 -18.11
C PRO B 422 4.79 -3.44 -19.00
N ILE B 423 5.55 -2.35 -19.08
CA ILE B 423 5.29 -1.24 -20.01
C ILE B 423 5.74 -1.70 -21.40
N THR B 424 4.80 -1.99 -22.30
CA THR B 424 5.17 -2.33 -23.70
C THR B 424 4.49 -1.39 -24.69
N SER B 425 4.85 -1.51 -25.96
CA SER B 425 4.30 -0.62 -26.97
C SER B 425 3.15 -1.23 -27.74
N ASP B 426 2.61 -2.35 -27.26
CA ASP B 426 1.49 -3.01 -27.92
C ASP B 426 0.19 -2.26 -27.63
N PRO B 427 -0.53 -1.83 -28.69
CA PRO B 427 -1.80 -1.11 -28.65
C PRO B 427 -2.95 -1.87 -28.00
N THR B 428 -3.00 -3.19 -28.20
CA THR B 428 -4.09 -4.04 -27.70
C THR B 428 -4.05 -4.19 -26.18
N GLU B 429 -2.84 -4.43 -25.66
CA GLU B 429 -2.52 -4.55 -24.24
C GLU B 429 -2.87 -3.28 -23.47
N ALA B 430 -2.53 -2.12 -24.05
CA ALA B 430 -2.91 -0.83 -23.48
C ALA B 430 -4.41 -0.53 -23.52
N THR B 431 -5.07 -0.97 -24.60
CA THR B 431 -6.54 -0.89 -24.75
C THR B 431 -7.30 -1.72 -23.71
N ALA B 432 -6.82 -2.96 -23.53
CA ALA B 432 -7.29 -3.94 -22.56
C ALA B 432 -7.32 -3.43 -21.11
N VAL B 433 -6.19 -2.91 -20.63
CA VAL B 433 -6.09 -2.38 -19.28
C VAL B 433 -6.93 -1.09 -19.09
N GLY B 434 -7.02 -0.28 -20.17
CA GLY B 434 -7.84 0.91 -20.29
C GLY B 434 -9.31 0.57 -20.19
N ALA B 435 -9.72 -0.49 -20.89
CA ALA B 435 -11.08 -1.07 -20.82
C ALA B 435 -11.48 -1.60 -19.45
N VAL B 436 -10.55 -2.30 -18.78
CA VAL B 436 -10.78 -2.84 -17.43
C VAL B 436 -10.91 -1.71 -16.38
N GLU B 437 -9.99 -0.74 -16.43
CA GLU B 437 -10.04 0.52 -15.64
C GLU B 437 -11.37 1.24 -15.79
N ALA B 438 -11.74 1.49 -17.05
CA ALA B 438 -13.05 2.02 -17.40
C ALA B 438 -14.24 1.23 -16.87
N SER B 439 -14.14 -0.11 -16.95
CA SER B 439 -15.22 -0.98 -16.43
C SER B 439 -15.43 -0.92 -14.92
N PHE B 440 -14.36 -0.72 -14.15
CA PHE B 440 -14.45 -0.54 -12.70
C PHE B 440 -15.02 0.83 -12.34
N LYS B 441 -14.64 1.86 -13.10
CA LYS B 441 -15.06 3.25 -12.88
C LYS B 441 -16.57 3.46 -13.06
N CYS B 442 -17.14 2.76 -14.04
CA CYS B 442 -18.57 2.89 -14.26
C CYS B 442 -19.42 1.70 -13.86
N CYS B 443 -18.81 0.76 -13.11
CA CYS B 443 -19.39 -0.55 -12.72
C CYS B 443 -20.19 -1.20 -13.85
N SER B 444 -19.53 -1.40 -15.01
CA SER B 444 -20.24 -1.71 -16.26
C SER B 444 -20.86 -3.09 -16.23
N GLY B 445 -21.90 -3.29 -17.03
CA GLY B 445 -22.59 -4.57 -17.13
C GLY B 445 -21.69 -5.64 -17.76
N ALA B 446 -20.83 -5.21 -18.68
CA ALA B 446 -19.97 -6.13 -19.47
C ALA B 446 -18.85 -5.40 -20.18
N ILE B 447 -17.87 -6.17 -20.64
CA ILE B 447 -16.90 -5.69 -21.61
C ILE B 447 -17.15 -6.51 -22.85
N ILE B 448 -17.69 -5.87 -23.88
CA ILE B 448 -18.01 -6.56 -25.12
C ILE B 448 -16.77 -6.51 -26.01
N VAL B 449 -16.25 -7.69 -26.39
CA VAL B 449 -15.04 -7.74 -27.23
C VAL B 449 -15.31 -8.45 -28.56
N LEU B 450 -15.06 -7.81 -29.71
CA LEU B 450 -15.07 -8.56 -30.97
C LEU B 450 -13.72 -9.23 -31.12
N THR B 451 -13.73 -10.53 -31.41
CA THR B 451 -12.47 -11.26 -31.53
C THR B 451 -12.53 -12.31 -32.64
N LYS B 452 -11.39 -12.54 -33.30
CA LYS B 452 -11.28 -13.57 -34.37
C LYS B 452 -10.62 -14.82 -33.81
N SER B 453 -9.47 -14.64 -33.18
CA SER B 453 -8.71 -15.73 -32.59
C SER B 453 -8.86 -15.87 -31.07
N GLY B 454 -9.60 -14.98 -30.41
CA GLY B 454 -9.69 -15.09 -28.95
C GLY B 454 -8.89 -14.03 -28.22
N ARG B 455 -7.73 -13.70 -28.80
CA ARG B 455 -6.64 -12.99 -28.12
C ARG B 455 -6.95 -11.63 -27.43
N SER B 456 -7.87 -10.86 -28.03
CA SER B 456 -8.20 -9.51 -27.53
C SER B 456 -8.98 -9.65 -26.24
N ALA B 457 -9.92 -10.60 -26.23
CA ALA B 457 -10.67 -10.99 -25.04
C ALA B 457 -9.81 -11.62 -23.95
N HIS B 458 -8.75 -12.34 -24.37
CA HIS B 458 -7.77 -12.96 -23.46
C HIS B 458 -6.94 -11.91 -22.75
N GLN B 459 -6.64 -10.83 -23.45
CA GLN B 459 -5.86 -9.72 -22.90
C GLN B 459 -6.62 -8.91 -21.84
N VAL B 460 -7.93 -8.80 -22.03
CA VAL B 460 -8.85 -8.24 -21.03
C VAL B 460 -8.87 -9.11 -19.77
N ALA B 461 -9.08 -10.42 -19.99
CA ALA B 461 -9.18 -11.47 -18.95
C ALA B 461 -8.05 -11.55 -17.92
N ARG B 462 -6.81 -11.30 -18.34
CA ARG B 462 -5.68 -11.24 -17.41
C ARG B 462 -5.66 -10.02 -16.43
N TYR B 463 -6.44 -8.99 -16.72
CA TYR B 463 -6.57 -7.88 -15.76
C TYR B 463 -7.68 -8.02 -14.74
N ARG B 464 -8.32 -9.20 -14.80
CA ARG B 464 -9.40 -9.65 -13.91
C ARG B 464 -10.58 -8.68 -13.63
N PRO B 465 -11.33 -8.23 -14.69
CA PRO B 465 -12.45 -7.32 -14.35
C PRO B 465 -13.62 -7.99 -13.64
N ARG B 466 -14.48 -7.22 -12.96
CA ARG B 466 -15.66 -7.78 -12.30
C ARG B 466 -16.71 -8.09 -13.36
N ALA B 467 -16.77 -7.26 -14.38
CA ALA B 467 -17.73 -7.35 -15.46
C ALA B 467 -17.39 -8.59 -16.31
N PRO B 468 -18.42 -9.33 -16.77
CA PRO B 468 -18.24 -10.43 -17.72
C PRO B 468 -17.69 -9.94 -19.04
N ILE B 469 -16.83 -10.73 -19.65
CA ILE B 469 -16.33 -10.37 -20.94
C ILE B 469 -17.11 -11.11 -22.03
N ILE B 470 -17.98 -10.40 -22.73
CA ILE B 470 -18.70 -11.01 -23.84
C ILE B 470 -17.86 -10.97 -25.13
N ALA B 471 -17.27 -12.11 -25.47
CA ALA B 471 -16.47 -12.25 -26.70
C ALA B 471 -17.36 -12.65 -27.86
N VAL B 472 -17.45 -11.79 -28.86
CA VAL B 472 -18.22 -12.11 -30.05
C VAL B 472 -17.23 -12.60 -31.12
N THR B 473 -17.54 -13.73 -31.71
CA THR B 473 -16.71 -14.32 -32.77
C THR B 473 -17.62 -14.98 -33.78
N ARG B 474 -17.15 -15.03 -35.03
CA ARG B 474 -17.73 -15.90 -36.05
C ARG B 474 -16.99 -17.23 -36.17
N ASN B 475 -15.78 -17.29 -35.60
CA ASN B 475 -14.98 -18.52 -35.52
C ASN B 475 -15.54 -19.44 -34.43
N PRO B 476 -15.98 -20.66 -34.82
CA PRO B 476 -16.52 -21.68 -33.90
C PRO B 476 -15.55 -22.20 -32.83
N GLN B 477 -14.27 -22.37 -33.18
CA GLN B 477 -13.24 -22.89 -32.26
C GLN B 477 -12.85 -21.86 -31.20
N THR B 478 -12.76 -20.60 -31.65
CA THR B 478 -12.48 -19.45 -30.81
C THR B 478 -13.50 -19.35 -29.67
N ALA B 479 -14.78 -19.47 -30.01
CA ALA B 479 -15.91 -19.60 -29.07
C ALA B 479 -15.78 -20.77 -28.10
N ARG B 480 -15.35 -21.92 -28.61
CA ARG B 480 -15.08 -23.08 -27.77
C ARG B 480 -13.87 -22.91 -26.84
N GLN B 481 -12.71 -22.52 -27.38
CA GLN B 481 -11.46 -22.32 -26.59
C GLN B 481 -11.49 -21.12 -25.55
N ALA B 482 -12.45 -20.21 -25.72
CA ALA B 482 -12.60 -19.01 -24.82
C ALA B 482 -13.06 -19.30 -23.39
N HIS B 483 -13.64 -20.49 -23.20
CA HIS B 483 -13.96 -21.05 -21.88
C HIS B 483 -12.76 -21.27 -20.95
N LEU B 484 -11.55 -21.47 -21.52
CA LEU B 484 -10.28 -21.52 -20.75
C LEU B 484 -9.86 -20.26 -19.97
N TYR B 485 -10.49 -19.12 -20.19
CA TYR B 485 -9.98 -17.85 -19.64
C TYR B 485 -11.10 -17.27 -18.80
N ARG B 486 -10.79 -16.97 -17.54
CA ARG B 486 -11.73 -16.44 -16.54
C ARG B 486 -12.40 -15.16 -17.04
N GLY B 487 -13.72 -15.08 -16.96
CA GLY B 487 -14.37 -13.82 -17.32
C GLY B 487 -15.06 -13.86 -18.64
N ILE B 488 -14.60 -14.75 -19.51
CA ILE B 488 -15.05 -14.78 -20.89
C ILE B 488 -16.32 -15.60 -21.12
N PHE B 489 -17.34 -14.92 -21.66
CA PHE B 489 -18.59 -15.50 -22.07
C PHE B 489 -18.71 -15.40 -23.59
N PRO B 490 -18.25 -16.44 -24.29
CA PRO B 490 -18.21 -16.46 -25.76
C PRO B 490 -19.55 -16.67 -26.43
N VAL B 491 -19.86 -15.80 -27.39
CA VAL B 491 -21.03 -16.01 -28.24
C VAL B 491 -20.65 -16.13 -29.71
N LEU B 492 -21.25 -17.12 -30.36
CA LEU B 492 -20.96 -17.43 -31.74
C LEU B 492 -22.02 -16.81 -32.64
N CYS B 493 -21.61 -15.78 -33.37
CA CYS B 493 -22.53 -15.06 -34.24
C CYS B 493 -22.71 -15.83 -35.53
N LYS B 494 -23.96 -16.04 -35.92
CA LYS B 494 -24.32 -16.83 -37.09
C LYS B 494 -25.07 -16.01 -38.13
N ASP B 495 -25.29 -14.74 -37.81
CA ASP B 495 -25.75 -13.72 -38.74
C ASP B 495 -24.63 -13.54 -39.77
N PRO B 496 -24.99 -13.47 -41.08
CA PRO B 496 -24.03 -13.34 -42.18
C PRO B 496 -23.28 -12.01 -42.21
N VAL B 497 -22.16 -12.01 -42.94
CA VAL B 497 -21.27 -10.86 -43.11
C VAL B 497 -21.98 -9.76 -43.91
N GLN B 498 -22.09 -8.57 -43.33
CA GLN B 498 -22.63 -7.41 -44.05
C GLN B 498 -21.56 -6.84 -44.98
N GLU B 499 -22.01 -6.11 -46.01
CA GLU B 499 -21.11 -5.56 -47.03
C GLU B 499 -20.28 -4.40 -46.50
N ALA B 500 -20.94 -3.43 -45.85
CA ALA B 500 -20.21 -2.41 -45.11
C ALA B 500 -19.76 -3.01 -43.79
N TRP B 501 -18.45 -2.95 -43.56
CA TRP B 501 -17.79 -3.52 -42.39
C TRP B 501 -18.18 -2.82 -41.08
N ALA B 502 -18.43 -1.52 -41.15
CA ALA B 502 -18.94 -0.72 -40.04
C ALA B 502 -20.33 -1.17 -39.59
N GLU B 503 -21.17 -1.58 -40.54
CA GLU B 503 -22.46 -2.22 -40.26
C GLU B 503 -22.31 -3.63 -39.71
N ASP B 504 -21.25 -4.34 -40.14
CA ASP B 504 -20.99 -5.71 -39.69
C ASP B 504 -20.44 -5.72 -38.27
N VAL B 505 -19.70 -4.68 -37.94
CA VAL B 505 -19.24 -4.43 -36.58
C VAL B 505 -20.42 -4.08 -35.65
N ASP B 506 -21.31 -3.18 -36.10
CA ASP B 506 -22.50 -2.77 -35.35
C ASP B 506 -23.54 -3.88 -35.12
N LEU B 507 -23.66 -4.81 -36.07
CA LEU B 507 -24.48 -6.01 -35.95
C LEU B 507 -24.00 -6.95 -34.82
N ARG B 508 -22.69 -7.24 -34.83
CA ARG B 508 -22.04 -8.07 -33.81
C ARG B 508 -22.05 -7.45 -32.38
N VAL B 509 -21.97 -6.13 -32.29
CA VAL B 509 -22.10 -5.42 -31.01
C VAL B 509 -23.55 -5.52 -30.49
N ASN B 510 -24.51 -5.33 -31.39
CA ASN B 510 -25.93 -5.40 -31.06
C ASN B 510 -26.45 -6.78 -30.72
N PHE B 511 -25.79 -7.78 -31.30
CA PHE B 511 -25.96 -9.19 -30.96
C PHE B 511 -25.54 -9.46 -29.53
N ALA B 512 -24.37 -8.95 -29.14
CA ALA B 512 -23.89 -9.08 -27.76
C ALA B 512 -24.75 -8.33 -26.73
N MET B 513 -25.37 -7.22 -27.14
CA MET B 513 -26.38 -6.52 -26.35
C MET B 513 -27.61 -7.37 -26.08
N ASN B 514 -28.04 -8.11 -27.12
CA ASN B 514 -29.17 -9.03 -27.03
C ASN B 514 -28.94 -10.19 -26.07
N VAL B 515 -27.72 -10.75 -26.12
CA VAL B 515 -27.29 -11.86 -25.26
C VAL B 515 -27.35 -11.52 -23.78
N GLY B 516 -26.77 -10.38 -23.40
CA GLY B 516 -26.73 -9.96 -22.01
C GLY B 516 -28.07 -9.53 -21.45
N LYS B 517 -28.90 -8.96 -22.33
CA LYS B 517 -30.31 -8.69 -22.02
C LYS B 517 -31.12 -9.96 -21.76
N ALA B 518 -30.90 -10.98 -22.58
CA ALA B 518 -31.59 -12.24 -22.41
C ALA B 518 -31.05 -13.07 -21.26
N ARG B 519 -29.77 -12.92 -20.94
CA ARG B 519 -29.17 -13.70 -19.85
C ARG B 519 -29.09 -12.96 -18.51
N GLY B 520 -29.71 -11.79 -18.47
CA GLY B 520 -29.77 -10.98 -17.26
C GLY B 520 -28.48 -10.31 -16.81
N PHE B 521 -27.61 -9.96 -17.76
CA PHE B 521 -26.31 -9.34 -17.42
C PHE B 521 -26.48 -7.85 -17.24
N PHE B 522 -27.40 -7.28 -18.01
CA PHE B 522 -27.74 -5.87 -18.00
C PHE B 522 -29.11 -5.70 -18.63
N LYS B 523 -29.54 -4.46 -18.71
CA LYS B 523 -30.78 -4.05 -19.35
C LYS B 523 -30.54 -2.73 -20.05
N LYS B 524 -31.53 -2.28 -20.82
CA LYS B 524 -31.51 -1.06 -21.61
C LYS B 524 -31.15 0.17 -20.76
N GLY B 525 -30.15 0.91 -21.20
CA GLY B 525 -29.70 2.08 -20.49
C GLY B 525 -28.61 1.89 -19.45
N ASP B 526 -28.22 0.64 -19.19
CA ASP B 526 -26.95 0.37 -18.51
C ASP B 526 -25.78 0.72 -19.42
N VAL B 527 -24.63 0.94 -18.83
CA VAL B 527 -23.50 1.35 -19.60
C VAL B 527 -22.60 0.13 -19.65
N VAL B 528 -22.09 -0.20 -20.85
CA VAL B 528 -21.11 -1.27 -21.04
C VAL B 528 -19.85 -0.79 -21.79
N ILE B 529 -18.78 -1.57 -21.73
CA ILE B 529 -17.53 -1.28 -22.46
C ILE B 529 -17.53 -2.10 -23.76
N VAL B 530 -17.16 -1.48 -24.88
CA VAL B 530 -17.11 -2.17 -26.17
C VAL B 530 -15.68 -2.07 -26.75
N LEU B 531 -15.07 -3.21 -27.08
CA LEU B 531 -13.80 -3.27 -27.79
C LEU B 531 -13.88 -3.74 -29.24
N THR B 532 -13.40 -2.88 -30.14
CA THR B 532 -13.33 -3.12 -31.57
C THR B 532 -11.93 -2.71 -32.03
N GLY B 533 -11.61 -2.98 -33.29
CA GLY B 533 -10.39 -2.46 -33.86
C GLY B 533 -10.57 -1.58 -35.07
N TRP B 534 -9.47 -1.03 -35.56
CA TRP B 534 -9.52 -0.03 -36.63
C TRP B 534 -9.71 -0.59 -38.06
N ARG B 535 -9.43 -1.86 -38.29
CA ARG B 535 -9.62 -2.52 -39.63
C ARG B 535 -10.05 -4.00 -39.48
N PRO B 536 -10.63 -4.66 -40.53
CA PRO B 536 -10.85 -6.13 -40.37
C PRO B 536 -9.59 -6.98 -40.21
N GLY B 537 -9.74 -8.20 -39.71
CA GLY B 537 -8.58 -9.05 -39.51
C GLY B 537 -8.10 -9.03 -38.08
N SER B 538 -7.23 -9.97 -37.76
CA SER B 538 -6.79 -10.17 -36.39
C SER B 538 -5.61 -9.28 -35.99
N GLY B 539 -5.66 -8.73 -34.77
CA GLY B 539 -4.49 -8.04 -34.22
C GLY B 539 -4.62 -6.53 -34.09
N PHE B 540 -5.81 -5.99 -34.33
CA PHE B 540 -5.93 -4.54 -34.46
C PHE B 540 -6.82 -3.83 -33.43
N THR B 541 -7.24 -4.59 -32.41
CA THR B 541 -8.06 -4.07 -31.28
C THR B 541 -7.39 -2.91 -30.57
N ASN B 542 -7.91 -1.73 -30.81
CA ASN B 542 -7.28 -0.54 -30.31
C ASN B 542 -8.30 0.48 -29.88
N THR B 543 -9.58 0.14 -30.03
CA THR B 543 -10.70 1.05 -29.86
C THR B 543 -11.53 0.58 -28.68
N MET B 544 -11.63 1.44 -27.69
CA MET B 544 -12.45 1.22 -26.50
C MET B 544 -13.58 2.24 -26.53
N ARG B 545 -14.83 1.76 -26.44
CA ARG B 545 -15.98 2.64 -26.40
C ARG B 545 -16.89 2.40 -25.15
N VAL B 546 -17.31 3.49 -24.52
CA VAL B 546 -18.23 3.43 -23.39
C VAL B 546 -19.63 3.69 -23.94
N VAL B 547 -20.48 2.67 -23.94
CA VAL B 547 -21.69 2.63 -24.77
C VAL B 547 -22.94 2.33 -23.88
N PRO B 548 -24.07 3.09 -24.08
CA PRO B 548 -25.36 2.70 -23.50
C PRO B 548 -25.99 1.46 -24.14
N VAL B 549 -26.56 0.57 -23.35
CA VAL B 549 -27.31 -0.58 -23.86
C VAL B 549 -28.65 -0.11 -24.44
N PRO B 550 -28.92 -0.42 -25.73
CA PRO B 550 -30.18 -0.06 -26.40
C PRO B 550 -31.33 -1.02 -26.08
N GLN C 33 -7.14 16.38 16.14
CA GLN C 33 -7.68 17.58 16.84
C GLN C 33 -6.59 18.63 17.12
N THR C 34 -5.51 18.18 17.77
CA THR C 34 -4.26 18.91 17.92
C THR C 34 -3.23 18.12 17.12
N GLN C 35 -2.05 18.72 16.87
CA GLN C 35 -0.85 18.09 16.23
C GLN C 35 -1.01 17.36 14.87
N GLN C 36 -1.98 17.87 14.10
CA GLN C 36 -2.50 17.26 12.85
C GLN C 36 -2.93 15.79 12.96
N LEU C 37 -3.59 15.44 14.06
CA LEU C 37 -3.95 14.04 14.33
C LEU C 37 -5.07 13.49 13.45
N HIS C 38 -5.92 14.39 12.94
CA HIS C 38 -6.93 14.04 11.93
C HIS C 38 -6.25 13.69 10.61
N ALA C 39 -5.23 14.46 10.22
CA ALA C 39 -4.44 14.18 9.00
C ALA C 39 -3.59 12.91 9.11
N ALA C 40 -3.15 12.60 10.33
CA ALA C 40 -2.44 11.37 10.69
C ALA C 40 -3.25 10.12 10.43
N MET C 41 -4.57 10.20 10.63
CA MET C 41 -5.50 9.07 10.44
C MET C 41 -5.87 8.73 8.99
N ALA C 42 -5.42 9.54 8.03
CA ALA C 42 -5.79 9.37 6.62
C ALA C 42 -5.17 8.14 5.96
N ASP C 43 -5.96 7.49 5.12
CA ASP C 43 -5.59 6.23 4.47
C ASP C 43 -4.69 6.49 3.26
N THR C 44 -4.73 7.70 2.71
CA THR C 44 -3.90 8.08 1.58
C THR C 44 -3.04 9.35 1.86
N PHE C 45 -1.94 9.50 1.10
CA PHE C 45 -1.09 10.71 1.06
C PHE C 45 -1.88 11.94 0.61
N LEU C 46 -2.73 11.74 -0.40
CA LEU C 46 -3.65 12.77 -0.90
C LEU C 46 -4.59 13.33 0.15
N GLU C 47 -5.28 12.44 0.86
CA GLU C 47 -6.18 12.82 1.96
C GLU C 47 -5.48 13.40 3.19
N HIS C 48 -4.25 12.94 3.46
CA HIS C 48 -3.36 13.54 4.45
C HIS C 48 -3.11 15.05 4.20
N MET C 49 -2.73 15.37 2.96
CA MET C 49 -2.62 16.75 2.46
C MET C 49 -3.95 17.50 2.63
N CYS C 50 -5.07 16.89 2.18
CA CYS C 50 -6.44 17.44 2.33
C CYS C 50 -6.93 17.77 3.75
N ARG C 51 -6.42 17.04 4.73
CA ARG C 51 -6.83 17.24 6.10
C ARG C 51 -5.90 18.14 6.91
N LEU C 52 -4.82 18.64 6.29
CA LEU C 52 -3.90 19.59 6.96
C LEU C 52 -4.62 20.86 7.34
N ASP C 53 -4.43 21.26 8.60
CA ASP C 53 -5.32 22.16 9.29
C ASP C 53 -4.55 23.21 10.09
N ILE C 54 -4.73 24.47 9.66
CA ILE C 54 -4.16 25.66 10.31
C ILE C 54 -4.66 25.94 11.76
N ASP C 55 -5.81 25.39 12.14
CA ASP C 55 -6.35 25.51 13.50
C ASP C 55 -6.07 24.27 14.37
N SER C 56 -5.22 23.36 13.91
CA SER C 56 -4.77 22.22 14.70
C SER C 56 -3.37 22.51 15.24
N PRO C 57 -3.24 22.92 16.52
CA PRO C 57 -1.94 23.40 17.03
C PRO C 57 -0.94 22.29 17.33
N PRO C 58 0.36 22.55 17.10
CA PRO C 58 1.37 21.53 17.44
C PRO C 58 1.63 21.44 18.92
N ILE C 59 2.33 20.37 19.31
CA ILE C 59 3.00 20.26 20.62
C ILE C 59 4.11 21.32 20.75
N THR C 60 4.57 21.57 21.97
CA THR C 60 5.69 22.50 22.26
C THR C 60 7.05 22.04 21.69
N ALA C 61 7.20 20.71 21.51
CA ALA C 61 8.44 20.11 21.02
C ALA C 61 8.74 20.39 19.55
N ARG C 62 10.02 20.67 19.30
CA ARG C 62 10.53 20.89 17.96
C ARG C 62 11.74 19.96 17.77
N ASN C 63 11.62 19.04 16.81
CA ASN C 63 12.55 17.91 16.63
C ASN C 63 13.77 18.21 15.73
N THR C 64 13.63 19.18 14.83
CA THR C 64 14.63 19.49 13.84
C THR C 64 15.71 20.42 14.41
N GLY C 65 16.99 20.03 14.30
CA GLY C 65 18.10 20.87 14.79
C GLY C 65 18.27 22.15 14.00
N ILE C 66 18.53 23.24 14.69
CA ILE C 66 18.71 24.51 14.02
C ILE C 66 20.18 24.86 14.15
N ILE C 67 20.82 25.04 12.99
CA ILE C 67 22.24 25.34 12.94
C ILE C 67 22.41 26.81 12.58
N CYS C 68 23.16 27.56 13.38
CA CYS C 68 23.33 28.97 13.10
C CYS C 68 24.79 29.34 12.89
N THR C 69 25.07 30.02 11.79
CA THR C 69 26.39 30.51 11.50
C THR C 69 26.60 31.74 12.33
N ILE C 70 27.70 31.78 13.07
CA ILE C 70 27.94 32.89 13.99
C ILE C 70 28.86 33.85 13.26
N GLY C 71 28.55 35.14 13.33
CA GLY C 71 29.42 36.19 12.80
C GLY C 71 29.22 37.35 13.73
N PRO C 72 29.47 38.59 13.25
CA PRO C 72 29.36 39.86 14.02
C PRO C 72 28.00 40.21 14.61
N ALA C 73 26.92 39.75 13.97
CA ALA C 73 25.57 39.96 14.47
C ALA C 73 25.19 39.07 15.65
N SER C 74 25.94 37.99 15.89
CA SER C 74 25.52 37.03 16.87
C SER C 74 26.62 36.55 17.77
N ARG C 75 27.74 37.27 17.83
CA ARG C 75 28.96 36.74 18.43
C ARG C 75 29.11 36.97 19.92
N SER C 76 28.48 38.03 20.41
CA SER C 76 28.58 38.40 21.81
C SER C 76 27.87 37.37 22.67
N VAL C 77 28.35 37.21 23.91
CA VAL C 77 27.79 36.29 24.92
C VAL C 77 26.30 36.59 25.17
N GLU C 78 25.99 37.90 25.26
CA GLU C 78 24.64 38.44 25.38
C GLU C 78 23.69 38.08 24.24
N THR C 79 24.13 38.18 22.99
CA THR C 79 23.29 37.81 21.83
C THR C 79 23.14 36.29 21.72
N LEU C 80 24.25 35.55 21.93
CA LEU C 80 24.24 34.07 21.98
C LEU C 80 23.34 33.45 23.03
N LYS C 81 23.24 34.08 24.21
CA LYS C 81 22.25 33.69 25.23
C LYS C 81 20.80 33.75 24.69
N GLU C 82 20.48 34.83 24.00
CA GLU C 82 19.21 34.98 23.32
C GLU C 82 19.03 34.06 22.09
N MET C 83 20.13 33.71 21.42
CA MET C 83 20.10 32.74 20.31
C MET C 83 19.72 31.36 20.82
N ILE C 84 20.26 30.99 21.98
CA ILE C 84 19.96 29.74 22.68
C ILE C 84 18.49 29.71 23.11
N LYS C 85 18.03 30.81 23.72
CA LYS C 85 16.60 30.97 24.08
C LYS C 85 15.61 30.93 22.91
N SER C 86 16.03 31.45 21.76
CA SER C 86 15.25 31.34 20.53
C SER C 86 15.27 29.93 19.89
N GLY C 87 16.28 29.12 20.20
CA GLY C 87 16.31 27.73 19.78
C GLY C 87 17.48 27.20 18.96
N MET C 88 18.63 27.91 18.99
CA MET C 88 19.88 27.47 18.34
C MET C 88 20.44 26.22 19.01
N ASN C 89 20.79 25.23 18.21
CA ASN C 89 21.31 23.99 18.74
C ASN C 89 22.76 23.75 18.37
N VAL C 90 23.16 24.27 17.21
CA VAL C 90 24.53 24.14 16.76
C VAL C 90 25.02 25.51 16.33
N ALA C 91 26.16 25.92 16.86
CA ALA C 91 26.93 27.05 16.32
C ALA C 91 27.88 26.61 15.21
N ARG C 92 27.73 27.18 14.00
CA ARG C 92 28.62 26.88 12.89
C ARG C 92 29.65 28.00 12.74
N LEU C 93 30.92 27.63 12.69
CA LEU C 93 31.94 28.64 12.44
C LEU C 93 32.53 28.39 11.05
N ASN C 94 32.47 29.42 10.20
CA ASN C 94 33.02 29.30 8.86
C ASN C 94 34.50 29.68 8.77
N PHE C 95 35.34 28.67 8.49
CA PHE C 95 36.79 28.86 8.41
C PHE C 95 37.27 29.27 7.00
N SER C 96 36.33 29.65 6.13
CA SER C 96 36.64 30.47 4.94
C SER C 96 37.04 31.91 5.32
N HIS C 97 36.64 32.36 6.51
CA HIS C 97 37.05 33.65 7.04
C HIS C 97 37.68 33.43 8.41
N GLY C 98 38.55 34.34 8.81
CA GLY C 98 38.98 34.39 10.20
C GLY C 98 40.31 33.76 10.56
N THR C 99 40.89 34.24 11.64
CA THR C 99 42.10 33.66 12.15
C THR C 99 41.73 32.63 13.20
N HIS C 100 42.71 31.79 13.57
CA HIS C 100 42.56 30.85 14.69
C HIS C 100 42.30 31.51 16.04
N GLU C 101 42.91 32.69 16.30
CA GLU C 101 42.61 33.53 17.49
C GLU C 101 41.15 33.96 17.57
N TYR C 102 40.62 34.43 16.43
CA TYR C 102 39.23 34.87 16.28
C TYR C 102 38.23 33.74 16.54
N HIS C 103 38.48 32.58 15.93
CA HIS C 103 37.58 31.45 16.04
C HIS C 103 37.60 30.80 17.42
N ALA C 104 38.75 30.84 18.09
CA ALA C 104 38.87 30.36 19.48
C ALA C 104 38.13 31.29 20.45
N GLU C 105 38.10 32.58 20.14
CA GLU C 105 37.33 33.53 20.93
C GLU C 105 35.82 33.35 20.76
N THR C 106 35.38 33.01 19.55
CA THR C 106 33.95 32.73 19.26
C THR C 106 33.47 31.47 19.98
N ILE C 107 34.30 30.42 19.91
CA ILE C 107 34.12 29.15 20.62
C ILE C 107 33.95 29.34 22.15
N LYS C 108 34.82 30.19 22.72
CA LYS C 108 34.78 30.62 24.12
C LYS C 108 33.47 31.31 24.48
N ASN C 109 33.01 32.20 23.59
CA ASN C 109 31.73 32.91 23.74
C ASN C 109 30.49 31.99 23.66
N VAL C 110 30.56 30.97 22.79
CA VAL C 110 29.53 29.92 22.67
C VAL C 110 29.46 29.12 23.98
N ARG C 111 30.62 28.78 24.52
CA ARG C 111 30.73 28.00 25.77
C ARG C 111 30.33 28.78 27.03
N THR C 112 30.59 30.08 27.05
CA THR C 112 30.18 30.97 28.13
C THR C 112 28.63 31.12 28.19
N ALA C 113 28.03 31.31 27.03
CA ALA C 113 26.57 31.45 26.93
C ALA C 113 25.81 30.15 27.18
N THR C 114 26.34 29.02 26.70
CA THR C 114 25.83 27.67 27.00
C THR C 114 25.91 27.37 28.51
N GLU C 115 27.02 27.71 29.17
CA GLU C 115 27.18 27.40 30.59
C GLU C 115 26.51 28.39 31.55
N SER C 116 25.96 29.48 31.03
CA SER C 116 25.22 30.44 31.85
C SER C 116 23.85 29.94 32.32
N PHE C 117 23.31 28.94 31.63
CA PHE C 117 22.03 28.31 32.01
C PHE C 117 22.28 27.04 32.84
N ALA C 118 23.54 26.68 33.09
CA ALA C 118 23.91 25.38 33.72
C ALA C 118 23.61 25.22 35.22
N SER C 119 23.29 26.33 35.89
CA SER C 119 22.86 26.31 37.30
C SER C 119 21.41 25.84 37.49
N ASP C 120 20.65 25.79 36.38
CA ASP C 120 19.34 25.16 36.33
C ASP C 120 19.40 24.07 35.26
N PRO C 121 19.56 22.79 35.67
CA PRO C 121 19.68 21.65 34.76
C PRO C 121 18.39 21.26 34.01
N ILE C 122 17.25 21.72 34.53
CA ILE C 122 15.95 21.58 33.86
C ILE C 122 15.86 22.51 32.64
N LEU C 123 16.51 23.66 32.72
CA LEU C 123 16.51 24.62 31.62
C LEU C 123 17.73 24.52 30.70
N TYR C 124 18.75 23.73 31.09
CA TYR C 124 20.01 23.60 30.36
C TYR C 124 19.83 22.92 29.00
N ARG C 125 20.34 23.59 27.97
CA ARG C 125 20.38 23.01 26.64
C ARG C 125 21.82 22.91 26.20
N PRO C 126 22.24 21.70 25.75
CA PRO C 126 23.55 21.51 25.16
C PRO C 126 23.61 22.19 23.80
N VAL C 127 24.71 22.87 23.49
CA VAL C 127 24.90 23.54 22.19
C VAL C 127 26.13 22.96 21.51
N ALA C 128 26.00 22.39 20.31
CA ALA C 128 27.18 21.89 19.58
C ALA C 128 27.98 22.99 18.89
N VAL C 129 29.27 22.71 18.68
CA VAL C 129 30.16 23.62 17.95
C VAL C 129 30.60 22.92 16.66
N ALA C 130 30.41 23.58 15.53
CA ALA C 130 30.73 23.03 14.20
C ALA C 130 31.78 23.84 13.47
N LEU C 131 32.77 23.15 12.94
CA LEU C 131 33.82 23.79 12.12
C LEU C 131 33.48 23.56 10.66
N ASP C 132 33.30 24.64 9.89
CA ASP C 132 33.04 24.53 8.45
C ASP C 132 34.35 24.86 7.74
N THR C 133 34.90 23.89 6.99
CA THR C 133 36.20 24.05 6.34
C THR C 133 36.10 24.96 5.14
N LYS C 134 37.21 25.60 4.80
CA LYS C 134 37.31 26.48 3.62
C LYS C 134 37.23 25.67 2.33
N GLY C 135 38.07 24.64 2.21
CA GLY C 135 38.03 23.81 1.02
C GLY C 135 38.68 24.47 -0.18
N PRO C 136 38.47 23.90 -1.39
CA PRO C 136 39.03 24.48 -2.62
C PRO C 136 38.27 25.69 -3.16
N GLU C 137 38.35 26.83 -2.48
CA GLU C 137 37.71 28.07 -2.92
C GLU C 137 38.56 28.85 -3.89
N ILE C 138 37.92 29.41 -4.90
CA ILE C 138 38.55 30.37 -5.78
C ILE C 138 37.92 31.73 -5.48
N ARG C 139 38.78 32.73 -5.20
CA ARG C 139 38.34 34.10 -4.90
C ARG C 139 38.96 35.12 -5.84
N THR C 140 38.20 36.16 -6.18
CA THR C 140 38.76 37.31 -6.87
C THR C 140 39.62 38.25 -5.98
N GLY C 141 40.12 39.33 -6.54
CA GLY C 141 40.92 40.27 -5.78
C GLY C 141 40.14 41.48 -5.31
N LEU C 142 40.83 42.59 -5.07
CA LEU C 142 40.19 43.80 -4.53
C LEU C 142 39.89 44.81 -5.61
N ILE C 143 38.67 45.34 -5.60
CA ILE C 143 38.30 46.43 -6.50
C ILE C 143 38.90 47.77 -6.05
N LYS C 144 39.86 48.23 -6.87
CA LYS C 144 40.64 49.49 -6.70
C LYS C 144 41.19 49.75 -5.27
N GLY C 145 41.93 48.80 -4.72
CA GLY C 145 42.44 48.93 -3.34
C GLY C 145 41.50 48.66 -2.16
N SER C 146 40.22 48.45 -2.45
CA SER C 146 39.15 48.46 -1.45
C SER C 146 38.32 47.19 -1.38
N GLY C 147 38.08 46.72 -0.14
CA GLY C 147 37.15 45.61 0.11
C GLY C 147 35.64 45.90 0.01
N THR C 148 35.27 47.13 -0.32
CA THR C 148 33.87 47.48 -0.40
C THR C 148 33.43 48.09 -1.76
N ALA C 149 34.41 48.62 -2.53
CA ALA C 149 34.14 49.26 -3.84
C ALA C 149 33.58 48.33 -4.93
N GLU C 150 32.83 48.91 -5.84
CA GLU C 150 32.15 48.15 -6.88
C GLU C 150 32.31 48.80 -8.24
N VAL C 151 32.47 47.96 -9.27
CA VAL C 151 32.39 48.46 -10.64
C VAL C 151 31.21 47.84 -11.36
N GLU C 152 30.72 48.51 -12.39
CA GLU C 152 29.63 47.94 -13.16
C GLU C 152 30.19 47.15 -14.35
N LEU C 153 29.54 46.03 -14.65
CA LEU C 153 29.92 45.18 -15.78
C LEU C 153 28.78 45.18 -16.77
N LYS C 154 29.05 45.51 -18.02
CA LYS C 154 28.00 45.56 -19.04
C LYS C 154 27.90 44.27 -19.82
N LYS C 155 26.67 43.82 -20.08
CA LYS C 155 26.36 42.70 -20.97
C LYS C 155 26.86 43.00 -22.38
N GLY C 156 27.86 42.23 -22.80
CA GLY C 156 28.51 42.44 -24.08
C GLY C 156 29.96 42.88 -23.97
N ALA C 157 30.29 43.59 -22.88
CA ALA C 157 31.64 44.18 -22.69
C ALA C 157 32.73 43.15 -22.37
N THR C 158 33.97 43.61 -22.42
CA THR C 158 35.12 42.71 -22.33
C THR C 158 35.91 42.89 -21.04
N LEU C 159 36.25 41.76 -20.40
CA LEU C 159 36.99 41.76 -19.15
C LEU C 159 38.12 40.76 -19.23
N LYS C 160 39.33 41.18 -18.88
CA LYS C 160 40.47 40.29 -18.86
C LYS C 160 40.67 39.70 -17.47
N ILE C 161 40.79 38.38 -17.40
CA ILE C 161 41.16 37.73 -16.16
C ILE C 161 42.68 37.60 -16.08
N THR C 162 43.30 38.18 -15.05
CA THR C 162 44.75 38.04 -14.88
C THR C 162 45.14 37.18 -13.68
N LEU C 163 46.39 36.69 -13.67
CA LEU C 163 46.92 35.88 -12.58
C LEU C 163 48.13 36.55 -11.94
N ASP C 164 48.54 37.65 -12.57
CA ASP C 164 49.64 38.49 -12.13
C ASP C 164 49.30 39.23 -10.83
N ASN C 165 50.05 38.92 -9.78
CA ASN C 165 49.86 39.46 -8.43
C ASN C 165 50.10 40.96 -8.19
N ALA C 166 50.61 41.66 -9.21
CA ALA C 166 50.67 43.11 -9.22
C ALA C 166 49.28 43.75 -9.40
N TYR C 167 48.34 43.00 -10.00
CA TYR C 167 46.96 43.47 -10.13
C TYR C 167 46.00 42.93 -9.06
N MET C 168 46.55 42.28 -8.02
CA MET C 168 45.76 41.56 -7.02
C MET C 168 44.90 42.44 -6.10
N GLU C 169 45.28 43.71 -5.94
CA GLU C 169 44.46 44.67 -5.24
C GLU C 169 44.04 45.79 -6.20
N LYS C 170 44.10 45.52 -7.50
CA LYS C 170 43.80 46.56 -8.50
C LYS C 170 42.75 46.20 -9.56
N CYS C 171 41.75 45.39 -9.19
CA CYS C 171 40.68 44.96 -10.11
C CYS C 171 39.73 46.11 -10.45
N ASP C 172 39.23 46.13 -11.69
CA ASP C 172 38.17 47.08 -12.10
C ASP C 172 37.28 46.44 -13.16
N GLU C 173 36.62 47.30 -13.95
CA GLU C 173 35.78 46.86 -15.09
C GLU C 173 36.58 46.27 -16.27
N ASN C 174 37.88 46.59 -16.33
CA ASN C 174 38.77 46.11 -17.37
C ASN C 174 39.56 44.87 -16.97
N ILE C 175 40.14 44.84 -15.77
CA ILE C 175 40.84 43.61 -15.36
C ILE C 175 40.33 42.99 -14.05
N LEU C 176 40.51 41.67 -13.94
CA LEU C 176 40.11 40.94 -12.76
C LEU C 176 41.20 39.96 -12.37
N TRP C 177 41.64 40.01 -11.13
CA TRP C 177 42.62 39.04 -10.66
C TRP C 177 41.85 37.99 -9.89
N LEU C 178 42.29 36.73 -9.98
CA LEU C 178 41.84 35.72 -9.03
C LEU C 178 42.99 34.89 -8.47
N ASP C 179 42.72 34.13 -7.41
CA ASP C 179 43.77 33.37 -6.73
C ASP C 179 44.10 31.96 -7.27
N TYR C 180 43.28 31.44 -8.17
CA TYR C 180 43.51 30.11 -8.73
C TYR C 180 44.43 30.20 -9.94
N LYS C 181 45.70 29.90 -9.70
CA LYS C 181 46.77 30.03 -10.70
C LYS C 181 46.76 28.99 -11.83
N ASN C 182 46.01 27.89 -11.68
CA ASN C 182 45.86 26.92 -12.77
C ASN C 182 44.60 27.05 -13.61
N ILE C 183 43.95 28.23 -13.57
CA ILE C 183 42.64 28.46 -14.24
C ILE C 183 42.67 28.29 -15.78
N CYS C 184 43.79 28.67 -16.41
CA CYS C 184 44.02 28.58 -17.85
C CYS C 184 44.22 27.12 -18.30
N LYS C 185 44.71 26.29 -17.38
CA LYS C 185 44.90 24.87 -17.62
C LYS C 185 43.59 24.07 -17.55
N VAL C 186 42.55 24.59 -16.90
CA VAL C 186 41.31 23.82 -16.74
C VAL C 186 40.10 24.40 -17.48
N VAL C 187 40.30 25.50 -18.18
CA VAL C 187 39.20 26.18 -18.86
C VAL C 187 39.53 26.30 -20.37
N GLU C 188 38.52 26.11 -21.21
CA GLU C 188 38.69 26.17 -22.66
C GLU C 188 38.03 27.42 -23.25
N VAL C 189 38.22 27.59 -24.55
CA VAL C 189 37.59 28.68 -25.30
C VAL C 189 36.10 28.44 -25.47
N GLY C 190 35.30 29.23 -24.75
CA GLY C 190 33.84 29.05 -24.74
C GLY C 190 33.27 28.69 -23.37
N SER C 191 34.15 28.44 -22.40
CA SER C 191 33.76 28.06 -21.02
C SER C 191 33.07 29.20 -20.30
N LYS C 192 32.19 28.83 -19.37
CA LYS C 192 31.52 29.80 -18.52
C LYS C 192 32.15 29.87 -17.15
N ILE C 193 32.47 31.09 -16.74
CA ILE C 193 33.08 31.37 -15.46
C ILE C 193 32.08 32.23 -14.65
N TYR C 194 31.73 31.81 -13.43
CA TYR C 194 30.67 32.47 -12.64
C TYR C 194 31.26 33.16 -11.42
N VAL C 195 30.82 34.39 -11.14
CA VAL C 195 31.41 35.24 -10.08
C VAL C 195 30.25 35.74 -9.20
N ASP C 196 30.43 35.64 -7.86
CA ASP C 196 29.58 36.22 -6.80
C ASP C 196 28.21 35.57 -6.74
N ASP C 197 28.14 34.39 -6.10
CA ASP C 197 26.94 33.54 -5.98
C ASP C 197 26.28 33.23 -7.36
N GLY C 198 27.13 33.07 -8.38
CA GLY C 198 26.69 32.89 -9.78
C GLY C 198 25.92 34.00 -10.47
N LEU C 199 25.93 35.21 -9.91
CA LEU C 199 25.10 36.32 -10.43
C LEU C 199 25.73 36.97 -11.65
N ILE C 200 27.05 36.99 -11.69
CA ILE C 200 27.79 37.47 -12.85
C ILE C 200 28.34 36.27 -13.60
N SER C 201 28.05 36.17 -14.90
CA SER C 201 28.61 35.12 -15.73
C SER C 201 29.50 35.68 -16.84
N LEU C 202 30.60 34.99 -17.08
CA LEU C 202 31.56 35.37 -18.10
C LEU C 202 31.63 34.26 -19.11
N GLN C 203 32.05 34.57 -20.33
CA GLN C 203 32.35 33.54 -21.30
C GLN C 203 33.67 33.87 -21.98
N VAL C 204 34.63 32.94 -21.84
CA VAL C 204 35.96 33.03 -22.44
C VAL C 204 35.89 33.03 -23.96
N LYS C 205 36.46 34.07 -24.56
CA LYS C 205 36.53 34.22 -25.99
C LYS C 205 37.90 33.83 -26.53
N GLN C 206 38.94 34.14 -25.77
CA GLN C 206 40.31 33.69 -26.05
C GLN C 206 41.12 33.46 -24.78
N LYS C 207 42.12 32.59 -24.85
CA LYS C 207 42.96 32.32 -23.68
C LYS C 207 44.46 32.43 -23.95
N GLY C 208 45.14 33.20 -23.09
CA GLY C 208 46.59 33.26 -23.08
C GLY C 208 47.14 32.26 -22.07
N ALA C 209 48.47 32.31 -21.88
CA ALA C 209 49.17 31.40 -20.95
C ALA C 209 48.84 31.70 -19.47
N ASP C 210 48.98 32.97 -19.08
CA ASP C 210 48.65 33.40 -17.72
C ASP C 210 47.46 34.34 -17.68
N PHE C 211 46.72 34.42 -18.78
CA PHE C 211 45.51 35.24 -18.84
C PHE C 211 44.33 34.63 -19.60
N LEU C 212 43.13 35.11 -19.30
CA LEU C 212 41.94 34.80 -20.07
C LEU C 212 41.23 36.10 -20.48
N VAL C 213 40.89 36.25 -21.76
CA VAL C 213 40.03 37.34 -22.19
C VAL C 213 38.62 36.80 -22.28
N THR C 214 37.70 37.40 -21.50
CA THR C 214 36.31 36.96 -21.47
C THR C 214 35.35 38.01 -22.02
N GLU C 215 34.16 37.55 -22.39
CA GLU C 215 33.02 38.41 -22.65
C GLU C 215 32.01 38.25 -21.51
N VAL C 216 31.46 39.36 -21.04
CA VAL C 216 30.46 39.34 -19.98
C VAL C 216 29.10 38.91 -20.56
N GLU C 217 28.57 37.82 -20.03
CA GLU C 217 27.27 37.30 -20.43
C GLU C 217 26.17 37.96 -19.59
N ASN C 218 26.20 37.75 -18.28
CA ASN C 218 25.34 38.49 -17.35
C ASN C 218 26.14 39.47 -16.52
N GLY C 219 25.74 40.74 -16.60
CA GLY C 219 26.42 41.82 -15.90
C GLY C 219 25.86 42.10 -14.53
N GLY C 220 26.33 43.18 -13.92
CA GLY C 220 25.95 43.53 -12.58
C GLY C 220 27.09 44.26 -11.93
N SER C 221 26.89 44.59 -10.65
CA SER C 221 27.91 45.22 -9.82
C SER C 221 28.95 44.19 -9.38
N LEU C 222 30.20 44.38 -9.81
CA LEU C 222 31.31 43.52 -9.42
C LEU C 222 32.07 44.09 -8.23
N GLY C 223 32.04 43.38 -7.10
CA GLY C 223 32.72 43.84 -5.89
C GLY C 223 33.96 42.99 -5.59
N SER C 224 34.49 43.14 -4.38
CA SER C 224 35.80 42.59 -4.01
C SER C 224 35.72 41.22 -3.36
N LYS C 225 36.79 40.42 -3.56
CA LYS C 225 36.92 39.06 -2.96
C LYS C 225 35.71 38.12 -3.12
N LYS C 226 35.13 38.11 -4.31
CA LYS C 226 33.92 37.34 -4.60
C LYS C 226 34.29 35.90 -4.99
N GLY C 227 33.42 34.94 -4.72
CA GLY C 227 33.67 33.51 -5.03
C GLY C 227 33.52 33.19 -6.52
N VAL C 228 34.36 32.28 -7.01
CA VAL C 228 34.36 31.91 -8.43
C VAL C 228 34.05 30.43 -8.61
N ASN C 229 33.04 30.12 -9.43
CA ASN C 229 32.76 28.73 -9.74
C ASN C 229 33.07 28.42 -11.20
N LEU C 230 33.66 27.25 -11.42
CA LEU C 230 33.95 26.79 -12.77
C LEU C 230 33.29 25.44 -13.04
N PRO C 231 31.97 25.44 -13.36
CA PRO C 231 31.24 24.18 -13.64
C PRO C 231 31.66 23.53 -14.96
N GLY C 232 31.83 22.20 -14.95
CA GLY C 232 32.33 21.45 -16.12
C GLY C 232 33.83 21.19 -16.08
N ALA C 233 34.56 22.11 -15.44
CA ALA C 233 36.01 22.07 -15.33
C ALA C 233 36.44 21.11 -14.22
N ALA C 234 37.54 20.41 -14.47
CA ALA C 234 38.12 19.53 -13.47
C ALA C 234 39.19 20.31 -12.72
N VAL C 235 38.73 21.06 -11.70
CA VAL C 235 39.60 21.88 -10.84
C VAL C 235 40.56 21.02 -10.00
N ASP C 236 41.85 21.31 -10.14
CA ASP C 236 42.91 20.40 -9.65
C ASP C 236 43.47 20.83 -8.29
N LEU C 237 42.81 21.82 -7.70
CA LEU C 237 42.97 22.24 -6.31
C LEU C 237 42.71 21.07 -5.35
N PRO C 238 43.52 20.97 -4.27
CA PRO C 238 43.40 19.82 -3.35
C PRO C 238 42.08 19.81 -2.59
N ALA C 239 41.69 18.63 -2.15
CA ALA C 239 40.47 18.48 -1.41
C ALA C 239 40.75 18.92 0.00
N VAL C 240 41.87 18.42 0.52
CA VAL C 240 42.35 18.84 1.81
C VAL C 240 43.62 19.64 1.56
N SER C 241 43.51 20.96 1.68
CA SER C 241 44.65 21.83 1.50
C SER C 241 45.47 21.92 2.77
N GLU C 242 46.54 22.69 2.66
CA GLU C 242 47.52 22.93 3.70
C GLU C 242 46.91 23.79 4.79
N LYS C 243 46.14 24.80 4.39
CA LYS C 243 45.33 25.60 5.31
C LYS C 243 44.22 24.77 5.98
N ASP C 244 43.59 23.87 5.23
CA ASP C 244 42.58 22.93 5.74
C ASP C 244 43.12 21.93 6.74
N ILE C 245 44.37 21.47 6.54
CA ILE C 245 45.09 20.60 7.48
C ILE C 245 45.24 21.27 8.86
N GLN C 246 45.66 22.54 8.87
CA GLN C 246 45.81 23.29 10.14
C GLN C 246 44.51 23.66 10.81
N ASP C 247 43.46 23.82 10.02
CA ASP C 247 42.12 24.12 10.53
C ASP C 247 41.47 22.91 11.18
N LEU C 248 41.63 21.74 10.54
CA LEU C 248 41.18 20.46 11.08
C LEU C 248 41.90 20.07 12.36
N LYS C 249 43.21 20.37 12.43
CA LYS C 249 44.02 20.17 13.62
C LYS C 249 43.57 21.04 14.79
N PHE C 250 43.24 22.29 14.50
CA PHE C 250 42.74 23.27 15.47
C PHE C 250 41.38 22.87 16.09
N GLY C 251 40.52 22.27 15.27
CA GLY C 251 39.22 21.79 15.73
C GLY C 251 39.29 20.64 16.72
N VAL C 252 40.27 19.75 16.50
CA VAL C 252 40.68 18.71 17.47
C VAL C 252 41.13 19.36 18.79
N GLU C 253 41.95 20.40 18.69
CA GLU C 253 42.51 21.10 19.85
C GLU C 253 41.46 21.85 20.65
N GLN C 254 40.49 22.44 19.95
CA GLN C 254 39.38 23.19 20.55
C GLN C 254 38.19 22.35 20.97
N ASP C 255 38.28 21.05 20.67
CA ASP C 255 37.28 20.01 20.96
C ASP C 255 35.94 20.36 20.27
N VAL C 256 35.94 20.41 18.95
CA VAL C 256 34.69 20.65 18.22
C VAL C 256 33.93 19.32 18.12
N ASP C 257 32.62 19.40 17.84
CA ASP C 257 31.81 18.19 17.80
C ASP C 257 31.70 17.61 16.40
N MET C 258 31.77 18.47 15.42
CA MET C 258 31.59 18.07 14.04
C MET C 258 32.37 18.93 13.06
N VAL C 259 32.61 18.38 11.89
CA VAL C 259 33.32 19.09 10.85
C VAL C 259 32.39 19.14 9.65
N PHE C 260 32.19 20.34 9.09
CA PHE C 260 31.44 20.46 7.85
C PHE C 260 32.46 20.57 6.73
N ALA C 261 32.70 19.47 6.03
CA ALA C 261 33.81 19.45 5.06
C ALA C 261 33.36 19.88 3.69
N SER C 262 33.93 20.98 3.20
CA SER C 262 33.51 21.62 1.97
C SER C 262 34.02 20.93 0.74
N PHE C 263 33.18 20.92 -0.32
CA PHE C 263 33.48 20.40 -1.68
C PHE C 263 34.01 18.97 -1.82
N ILE C 264 33.46 18.07 -1.04
CA ILE C 264 33.75 16.63 -1.09
C ILE C 264 33.25 16.02 -2.40
N ARG C 265 34.17 15.44 -3.18
CA ARG C 265 33.86 14.92 -4.51
C ARG C 265 33.88 13.39 -4.61
N LYS C 266 34.69 12.76 -3.77
CA LYS C 266 34.80 11.28 -3.71
C LYS C 266 35.04 10.86 -2.27
N ALA C 267 35.04 9.54 -2.04
CA ALA C 267 35.22 8.97 -0.70
C ALA C 267 36.62 9.18 -0.15
N SER C 268 37.64 9.20 -1.04
CA SER C 268 39.03 9.47 -0.65
C SER C 268 39.29 10.88 -0.08
N ASP C 269 38.46 11.85 -0.45
CA ASP C 269 38.43 13.17 0.20
C ASP C 269 38.04 13.10 1.69
N VAL C 270 37.00 12.31 2.01
CA VAL C 270 36.54 12.07 3.40
C VAL C 270 37.54 11.24 4.21
N HIS C 271 38.18 10.27 3.53
CA HIS C 271 39.27 9.45 4.11
C HIS C 271 40.46 10.34 4.51
N GLU C 272 40.75 11.35 3.67
CA GLU C 272 41.78 12.35 3.94
C GLU C 272 41.46 13.24 5.15
N VAL C 273 40.21 13.68 5.28
CA VAL C 273 39.72 14.48 6.43
C VAL C 273 39.83 13.74 7.77
N ARG C 274 39.29 12.53 7.80
CA ARG C 274 39.48 11.53 8.87
C ARG C 274 40.93 11.21 9.30
N LYS C 275 41.85 11.24 8.33
CA LYS C 275 43.29 11.00 8.57
C LYS C 275 43.93 12.15 9.35
N VAL C 276 43.52 13.38 9.00
CA VAL C 276 44.05 14.62 9.62
C VAL C 276 43.47 14.77 11.03
N LEU C 277 42.21 14.34 11.20
CA LEU C 277 41.55 14.28 12.50
C LEU C 277 42.20 13.26 13.41
N GLY C 278 42.58 12.12 12.83
CA GLY C 278 43.37 11.08 13.50
C GLY C 278 42.63 10.30 14.57
N GLU C 279 43.42 9.69 15.46
CA GLU C 279 42.90 8.95 16.60
C GLU C 279 42.37 9.90 17.67
N LYS C 280 42.99 11.07 17.78
CA LYS C 280 42.65 12.05 18.78
C LYS C 280 41.35 12.80 18.46
N GLY C 281 41.01 12.86 17.17
CA GLY C 281 39.73 13.43 16.74
C GLY C 281 38.79 12.42 16.11
N LYS C 282 38.87 11.16 16.55
CA LYS C 282 38.06 10.06 16.01
C LYS C 282 36.58 10.11 16.39
N ASN C 283 36.25 10.83 17.46
CA ASN C 283 34.88 11.02 17.88
C ASN C 283 34.18 12.22 17.22
N ILE C 284 34.92 12.99 16.43
CA ILE C 284 34.39 14.17 15.74
C ILE C 284 33.63 13.71 14.49
N LYS C 285 32.36 14.13 14.39
CA LYS C 285 31.49 13.77 13.24
C LYS C 285 31.90 14.43 11.92
N ILE C 286 32.08 13.65 10.87
CA ILE C 286 32.39 14.26 9.58
C ILE C 286 31.15 14.35 8.70
N ILE C 287 30.70 15.59 8.53
CA ILE C 287 29.60 15.93 7.67
C ILE C 287 30.12 16.42 6.31
N SER C 288 29.87 15.63 5.25
CA SER C 288 30.34 16.00 3.92
C SER C 288 29.40 16.96 3.21
N LYS C 289 29.92 18.09 2.76
CA LYS C 289 29.07 19.08 2.09
C LYS C 289 29.14 18.74 0.62
N ILE C 290 27.98 18.45 0.04
CA ILE C 290 27.91 18.10 -1.37
C ILE C 290 27.48 19.35 -2.10
N GLU C 291 28.42 19.83 -2.90
CA GLU C 291 28.42 21.17 -3.47
C GLU C 291 28.68 21.17 -4.96
N ASN C 292 29.02 20.02 -5.55
CA ASN C 292 29.25 20.00 -7.00
C ASN C 292 28.67 18.78 -7.69
N HIS C 293 28.77 18.75 -9.02
CA HIS C 293 28.23 17.64 -9.84
C HIS C 293 28.82 16.28 -9.53
N GLU C 294 30.12 16.27 -9.26
CA GLU C 294 30.87 15.04 -9.02
C GLU C 294 30.52 14.46 -7.65
N GLY C 295 30.25 15.34 -6.68
CA GLY C 295 29.75 14.95 -5.36
C GLY C 295 28.38 14.26 -5.41
N VAL C 296 27.52 14.76 -6.29
CA VAL C 296 26.21 14.15 -6.56
C VAL C 296 26.35 12.79 -7.28
N ARG C 297 27.22 12.73 -8.28
CA ARG C 297 27.44 11.51 -9.08
C ARG C 297 28.06 10.38 -8.26
N ARG C 298 28.95 10.74 -7.34
CA ARG C 298 29.60 9.78 -6.48
C ARG C 298 29.01 9.74 -5.08
N PHE C 299 27.74 10.09 -4.92
CA PHE C 299 27.07 10.22 -3.60
C PHE C 299 27.11 9.03 -2.61
N ASP C 300 26.78 7.83 -3.11
CA ASP C 300 26.78 6.58 -2.34
C ASP C 300 28.13 6.25 -1.64
N GLU C 301 29.25 6.49 -2.32
CA GLU C 301 30.57 6.21 -1.73
C GLU C 301 30.97 7.27 -0.70
N ILE C 302 30.48 8.50 -0.90
CA ILE C 302 30.74 9.62 0.00
C ILE C 302 30.01 9.44 1.35
N LEU C 303 28.71 9.14 1.26
CA LEU C 303 27.82 8.82 2.41
C LEU C 303 28.28 7.65 3.29
N GLU C 304 28.76 6.58 2.65
CA GLU C 304 29.28 5.38 3.32
C GLU C 304 30.52 5.72 4.15
N ALA C 305 31.34 6.62 3.62
CA ALA C 305 32.56 7.09 4.27
C ALA C 305 32.32 8.17 5.35
N SER C 306 31.19 8.88 5.27
CA SER C 306 30.92 10.02 6.14
C SER C 306 30.00 9.69 7.30
N ASP C 307 29.96 10.59 8.28
CA ASP C 307 29.02 10.42 9.37
C ASP C 307 27.70 11.10 9.04
N GLY C 308 27.74 12.02 8.08
CA GLY C 308 26.54 12.64 7.53
C GLY C 308 26.79 13.58 6.37
N ILE C 309 25.74 14.23 5.91
CA ILE C 309 25.74 15.00 4.66
C ILE C 309 25.18 16.43 4.88
N MET C 310 25.81 17.46 4.33
CA MET C 310 25.13 18.73 4.13
C MET C 310 24.72 18.92 2.66
N VAL C 311 23.43 19.20 2.43
CA VAL C 311 22.96 19.65 1.12
C VAL C 311 23.34 21.12 1.02
N ALA C 312 24.51 21.37 0.41
CA ALA C 312 25.09 22.69 0.41
C ALA C 312 24.63 23.47 -0.82
N ARG C 313 23.42 24.05 -0.70
CA ARG C 313 22.68 24.51 -1.88
C ARG C 313 23.21 25.70 -2.65
N GLY C 314 24.04 26.51 -2.01
CA GLY C 314 24.71 27.68 -2.61
C GLY C 314 25.61 27.34 -3.77
N ASP C 315 26.67 26.60 -3.49
CA ASP C 315 27.61 26.22 -4.51
C ASP C 315 27.00 25.25 -5.51
N LEU C 316 26.20 24.31 -5.01
CA LEU C 316 25.45 23.31 -5.79
C LEU C 316 24.65 23.84 -6.96
N GLY C 317 23.83 24.87 -6.70
CA GLY C 317 23.09 25.58 -7.74
C GLY C 317 23.78 26.58 -8.62
N ILE C 318 25.08 26.73 -8.41
CA ILE C 318 25.92 27.34 -9.42
C ILE C 318 26.58 26.21 -10.24
N GLU C 319 27.00 25.13 -9.57
CA GLU C 319 27.72 24.01 -10.22
C GLU C 319 26.88 23.14 -11.15
N ILE C 320 25.63 22.92 -10.75
CA ILE C 320 24.63 22.21 -11.51
C ILE C 320 23.54 23.26 -11.80
N PRO C 321 22.70 23.05 -12.85
CA PRO C 321 21.60 23.98 -13.11
C PRO C 321 20.65 24.15 -11.92
N ALA C 322 20.32 25.41 -11.59
CA ALA C 322 19.57 25.79 -10.39
C ALA C 322 18.19 25.16 -10.29
N GLU C 323 17.57 24.92 -11.45
CA GLU C 323 16.33 24.16 -11.55
C GLU C 323 16.45 22.65 -11.19
N LYS C 324 17.66 22.13 -11.02
CA LYS C 324 17.84 20.73 -10.63
C LYS C 324 18.19 20.52 -9.15
N VAL C 325 18.25 21.58 -8.33
CA VAL C 325 18.76 21.52 -6.93
C VAL C 325 17.88 20.68 -6.01
N PHE C 326 16.57 20.87 -6.16
CA PHE C 326 15.54 20.10 -5.45
C PHE C 326 15.59 18.58 -5.66
N LEU C 327 15.98 18.14 -6.87
CA LEU C 327 16.17 16.71 -7.20
C LEU C 327 17.31 16.15 -6.38
N ALA C 328 18.46 16.83 -6.45
CA ALA C 328 19.64 16.59 -5.63
C ALA C 328 19.35 16.65 -4.15
N GLN C 329 18.57 17.63 -3.68
CA GLN C 329 18.17 17.71 -2.27
C GLN C 329 17.30 16.54 -1.82
N LYS C 330 16.28 16.20 -2.59
CA LYS C 330 15.38 15.12 -2.23
C LYS C 330 16.03 13.73 -2.32
N MET C 331 16.93 13.56 -3.29
CA MET C 331 17.79 12.38 -3.39
C MET C 331 18.62 12.17 -2.14
N MET C 332 19.31 13.22 -1.73
CA MET C 332 20.27 13.16 -0.64
C MET C 332 19.61 12.96 0.69
N ILE C 333 18.56 13.73 0.95
CA ILE C 333 17.77 13.57 2.17
C ILE C 333 17.15 12.17 2.26
N GLY C 334 16.54 11.73 1.16
CA GLY C 334 16.09 10.36 0.91
C GLY C 334 17.09 9.26 1.20
N ARG C 335 18.28 9.34 0.61
CA ARG C 335 19.30 8.28 0.82
C ARG C 335 19.91 8.28 2.24
N CYS C 336 19.95 9.45 2.87
CA CYS C 336 20.42 9.56 4.25
C CYS C 336 19.45 9.05 5.28
N ASN C 337 18.16 9.33 5.08
CA ASN C 337 17.05 8.76 5.87
C ASN C 337 17.05 7.21 5.77
N ARG C 338 17.27 6.71 4.55
CA ARG C 338 17.38 5.27 4.26
C ARG C 338 18.61 4.60 4.90
N ALA C 339 19.73 5.33 4.94
CA ALA C 339 20.96 4.84 5.58
C ALA C 339 21.02 5.17 7.06
N GLY C 340 20.12 6.01 7.54
CA GLY C 340 20.11 6.37 8.94
C GLY C 340 21.13 7.41 9.45
N LYS C 341 21.70 8.19 8.52
CA LYS C 341 22.77 9.14 8.84
C LYS C 341 22.23 10.57 8.69
N PRO C 342 22.66 11.53 9.56
CA PRO C 342 22.25 12.95 9.55
C PRO C 342 22.33 13.69 8.22
N VAL C 343 21.30 14.46 7.90
CA VAL C 343 21.33 15.27 6.70
C VAL C 343 20.93 16.69 7.06
N ILE C 344 21.72 17.64 6.60
CA ILE C 344 21.49 19.05 6.85
C ILE C 344 21.10 19.71 5.56
N CYS C 345 19.97 20.41 5.58
CA CYS C 345 19.63 21.31 4.50
C CYS C 345 20.13 22.68 4.82
N ALA C 346 20.82 23.28 3.86
CA ALA C 346 21.45 24.56 4.09
C ALA C 346 21.23 25.51 2.94
N THR C 347 21.34 26.80 3.28
CA THR C 347 21.67 27.95 2.40
C THR C 347 20.47 28.66 1.81
N GLN C 348 20.30 29.93 2.22
CA GLN C 348 19.25 30.90 1.75
C GLN C 348 17.85 30.49 2.10
N MET C 349 17.71 29.77 3.22
CA MET C 349 16.42 29.26 3.66
C MET C 349 15.55 30.40 4.13
N LEU C 350 16.13 31.40 4.78
CA LEU C 350 15.32 32.56 5.16
C LEU C 350 16.04 33.82 4.75
N GLU C 351 16.50 33.87 3.50
CA GLU C 351 17.49 34.84 3.01
C GLU C 351 17.13 36.31 3.09
N SER C 352 15.88 36.64 2.77
CA SER C 352 15.34 38.01 2.94
C SER C 352 15.31 38.50 4.39
N MET C 353 15.37 37.58 5.36
CA MET C 353 15.48 38.00 6.76
C MET C 353 16.79 38.63 7.25
N ILE C 354 17.81 38.66 6.39
CA ILE C 354 19.00 39.52 6.51
C ILE C 354 18.62 41.01 6.67
N LYS C 355 17.61 41.47 5.94
CA LYS C 355 17.15 42.87 5.98
C LYS C 355 15.74 43.11 6.53
N LYS C 356 14.93 42.06 6.63
CA LYS C 356 13.50 42.21 6.89
C LYS C 356 13.12 41.37 8.10
N PRO C 357 12.16 41.85 8.93
CA PRO C 357 11.80 41.07 10.11
C PRO C 357 10.93 39.81 9.89
N ARG C 358 10.40 39.63 8.68
CA ARG C 358 9.52 38.51 8.32
C ARG C 358 10.05 37.84 7.04
N PRO C 359 9.82 36.53 6.85
CA PRO C 359 10.36 35.99 5.60
C PRO C 359 9.39 36.12 4.44
N THR C 360 9.85 35.80 3.24
CA THR C 360 8.94 35.64 2.12
C THR C 360 8.19 34.31 2.14
N ARG C 361 7.23 34.15 1.23
CA ARG C 361 6.37 32.96 1.18
C ARG C 361 7.14 31.75 0.63
N ALA C 362 8.09 32.01 -0.26
CA ALA C 362 9.03 30.97 -0.72
C ALA C 362 9.89 30.39 0.39
N GLU C 363 10.36 31.29 1.26
CA GLU C 363 11.17 30.99 2.40
C GLU C 363 10.45 30.19 3.48
N GLY C 364 9.18 30.54 3.75
CA GLY C 364 8.30 29.79 4.66
C GLY C 364 8.05 28.36 4.18
N SER C 365 7.80 28.25 2.89
CA SER C 365 7.60 26.98 2.23
C SER C 365 8.83 26.07 2.15
N ASP C 366 10.02 26.64 1.93
CA ASP C 366 11.30 25.92 1.78
C ASP C 366 11.73 25.23 3.05
N VAL C 367 11.59 25.96 4.16
CA VAL C 367 11.87 25.45 5.52
C VAL C 367 10.96 24.27 5.83
N ALA C 368 9.69 24.47 5.54
CA ALA C 368 8.64 23.50 5.78
C ALA C 368 8.84 22.24 4.95
N ASN C 369 9.20 22.43 3.68
CA ASN C 369 9.46 21.30 2.79
C ASN C 369 10.76 20.57 3.04
N ALA C 370 11.79 21.24 3.58
CA ALA C 370 13.04 20.55 3.97
C ALA C 370 12.82 19.60 5.13
N VAL C 371 12.03 20.07 6.09
CA VAL C 371 11.63 19.29 7.27
C VAL C 371 10.72 18.12 6.86
N LEU C 372 9.78 18.39 5.97
CA LEU C 372 8.89 17.39 5.40
C LEU C 372 9.63 16.36 4.59
N ASP C 373 10.63 16.77 3.80
CA ASP C 373 11.52 15.83 3.09
C ASP C 373 12.22 14.87 4.04
N GLY C 374 12.70 15.40 5.18
CA GLY C 374 13.25 14.59 6.27
C GLY C 374 14.67 15.02 6.64
N ALA C 375 14.95 16.32 6.52
CA ALA C 375 16.23 16.87 6.95
C ALA C 375 16.24 16.87 8.46
N ASP C 376 17.33 16.39 9.04
CA ASP C 376 17.49 16.34 10.48
C ASP C 376 17.77 17.71 11.03
N CYS C 377 18.49 18.49 10.24
CA CYS C 377 18.85 19.83 10.59
C CYS C 377 18.62 20.79 9.45
N ILE C 378 18.25 22.02 9.81
CA ILE C 378 18.15 23.13 8.87
C ILE C 378 19.19 24.15 9.30
N MET C 379 19.67 24.97 8.36
CA MET C 379 20.72 25.93 8.67
C MET C 379 20.33 27.38 8.38
N LEU C 380 20.99 28.32 9.04
CA LEU C 380 20.95 29.72 8.70
C LEU C 380 22.40 30.17 8.52
N SER C 381 22.64 31.00 7.52
CA SER C 381 23.99 31.55 7.29
C SER C 381 24.11 33.03 7.55
N GLY C 382 24.00 33.87 6.51
CA GLY C 382 23.99 35.36 6.65
C GLY C 382 22.90 35.95 7.55
N GLU C 383 21.79 35.21 7.68
CA GLU C 383 20.66 35.50 8.57
C GLU C 383 21.03 35.59 10.04
N THR C 384 21.96 34.75 10.48
CA THR C 384 22.44 34.84 11.86
C THR C 384 23.82 35.51 11.97
N ALA C 385 24.67 35.31 10.96
CA ALA C 385 26.02 35.86 10.94
C ALA C 385 26.10 37.36 10.79
N LYS C 386 25.34 37.95 9.87
CA LYS C 386 25.50 39.38 9.57
C LYS C 386 24.27 40.24 9.59
N GLY C 387 23.10 39.62 9.59
CA GLY C 387 21.91 40.35 9.24
C GLY C 387 21.30 41.11 10.40
N ASP C 388 20.27 41.88 10.10
CA ASP C 388 19.63 42.79 11.06
C ASP C 388 18.69 42.10 12.02
N TYR C 389 18.26 40.88 11.68
CA TYR C 389 17.25 40.21 12.54
C TYR C 389 17.59 38.76 12.90
N PRO C 390 18.76 38.50 13.56
CA PRO C 390 19.13 37.10 13.77
C PRO C 390 18.27 36.28 14.74
N LEU C 391 17.70 36.90 15.78
CA LEU C 391 16.88 36.18 16.74
C LEU C 391 15.54 35.78 16.13
N GLU C 392 14.96 36.68 15.33
CA GLU C 392 13.68 36.45 14.65
C GLU C 392 13.80 35.36 13.59
N ALA C 393 14.96 35.24 12.98
CA ALA C 393 15.23 34.15 12.03
C ALA C 393 15.38 32.76 12.65
N VAL C 394 15.99 32.67 13.83
CA VAL C 394 16.06 31.42 14.60
C VAL C 394 14.65 31.00 15.03
N ARG C 395 13.89 31.98 15.54
CA ARG C 395 12.48 31.84 15.96
C ARG C 395 11.57 31.42 14.82
N MET C 396 11.82 31.96 13.63
CA MET C 396 11.03 31.65 12.45
C MET C 396 11.28 30.22 11.98
N GLN C 397 12.55 29.79 11.99
CA GLN C 397 12.92 28.39 11.75
C GLN C 397 12.32 27.43 12.76
N HIS C 398 12.28 27.86 14.05
CA HIS C 398 11.65 27.10 15.12
C HIS C 398 10.16 26.86 14.88
N LEU C 399 9.43 27.96 14.63
CA LEU C 399 7.99 27.94 14.39
C LEU C 399 7.59 27.14 13.17
N ILE C 400 8.30 27.30 12.05
CA ILE C 400 7.98 26.57 10.82
C ILE C 400 8.21 25.05 10.99
N ALA C 401 9.36 24.66 11.58
CA ALA C 401 9.75 23.24 11.72
C ALA C 401 8.84 22.45 12.62
N ARG C 402 8.37 23.11 13.68
CA ARG C 402 7.40 22.56 14.61
C ARG C 402 6.04 22.30 13.96
N GLU C 403 5.60 23.18 13.07
CA GLU C 403 4.38 22.98 12.29
C GLU C 403 4.58 21.89 11.24
N ALA C 404 5.76 21.85 10.63
CA ALA C 404 6.06 20.88 9.57
C ALA C 404 6.16 19.44 10.02
N GLU C 405 6.71 19.22 11.22
CA GLU C 405 6.85 17.85 11.67
C GLU C 405 5.58 17.21 12.24
N ALA C 406 4.61 18.04 12.61
CA ALA C 406 3.27 17.53 12.88
C ALA C 406 2.57 17.16 11.58
N ALA C 407 2.85 17.89 10.51
CA ALA C 407 2.29 17.60 9.17
C ALA C 407 2.87 16.37 8.42
N ILE C 408 3.92 15.76 8.96
CA ILE C 408 4.51 14.50 8.44
C ILE C 408 3.46 13.37 8.40
N TYR C 409 3.38 12.67 7.27
CA TYR C 409 2.55 11.49 7.18
C TYR C 409 3.29 10.25 7.72
N HIS C 410 3.27 10.10 9.05
CA HIS C 410 4.01 9.07 9.78
C HIS C 410 3.60 7.63 9.48
N LEU C 411 2.32 7.44 9.18
CA LEU C 411 1.74 6.15 8.79
C LEU C 411 2.40 5.53 7.56
N GLN C 412 2.57 6.33 6.51
CA GLN C 412 3.32 5.88 5.33
C GLN C 412 4.81 5.77 5.62
N LEU C 413 5.37 6.82 6.24
CA LEU C 413 6.79 6.95 6.58
C LEU C 413 7.39 5.80 7.42
N PHE C 414 6.77 5.50 8.56
CA PHE C 414 7.17 4.38 9.43
C PHE C 414 7.14 3.01 8.75
N GLU C 415 6.10 2.77 7.92
CA GLU C 415 5.95 1.51 7.17
C GLU C 415 7.04 1.32 6.10
N GLU C 416 7.38 2.39 5.40
CA GLU C 416 8.48 2.34 4.44
C GLU C 416 9.86 2.19 5.10
N LEU C 417 10.02 2.80 6.27
CA LEU C 417 11.28 2.74 7.01
C LEU C 417 11.50 1.36 7.64
N ARG C 418 10.40 0.72 8.05
CA ARG C 418 10.36 -0.67 8.52
C ARG C 418 10.85 -1.67 7.49
N ARG C 419 10.44 -1.48 6.23
CA ARG C 419 10.74 -2.41 5.15
C ARG C 419 12.18 -2.38 4.62
N LEU C 420 12.97 -1.37 5.00
CA LEU C 420 14.42 -1.40 4.79
C LEU C 420 15.10 -2.10 5.96
N ALA C 421 16.01 -3.02 5.61
CA ALA C 421 16.72 -3.96 6.53
C ALA C 421 15.86 -4.71 7.57
N PRO C 422 14.81 -5.45 7.14
CA PRO C 422 13.77 -5.87 8.10
C PRO C 422 14.09 -7.08 9.00
N ILE C 423 15.27 -7.70 8.81
CA ILE C 423 15.85 -8.68 9.72
C ILE C 423 17.29 -8.27 10.10
N THR C 424 17.54 -8.03 11.39
CA THR C 424 18.89 -7.93 11.94
C THR C 424 19.00 -8.92 13.08
N SER C 425 20.18 -9.06 13.67
CA SER C 425 20.32 -9.88 14.87
C SER C 425 20.66 -8.98 16.06
N ASP C 426 20.69 -7.68 15.80
CA ASP C 426 21.00 -6.66 16.79
C ASP C 426 19.80 -6.48 17.73
N PRO C 427 19.99 -6.73 19.04
CA PRO C 427 18.95 -6.61 20.07
C PRO C 427 18.52 -5.15 20.32
N THR C 428 19.45 -4.22 20.14
CA THR C 428 19.22 -2.80 20.33
C THR C 428 18.35 -2.23 19.22
N GLU C 429 18.53 -2.72 18.00
CA GLU C 429 17.73 -2.33 16.83
C GLU C 429 16.30 -2.87 16.93
N ALA C 430 16.17 -4.07 17.51
CA ALA C 430 14.87 -4.67 17.81
C ALA C 430 14.10 -3.88 18.86
N THR C 431 14.80 -3.45 19.92
CA THR C 431 14.24 -2.62 21.00
C THR C 431 13.79 -1.25 20.52
N ALA C 432 14.58 -0.65 19.63
CA ALA C 432 14.35 0.71 19.13
C ALA C 432 13.10 0.83 18.27
N VAL C 433 12.92 -0.12 17.34
CA VAL C 433 11.76 -0.16 16.45
C VAL C 433 10.46 -0.58 17.21
N GLY C 434 10.64 -1.31 18.32
CA GLY C 434 9.56 -1.78 19.16
C GLY C 434 9.04 -0.59 19.94
N ALA C 435 9.97 0.24 20.41
CA ALA C 435 9.69 1.45 21.17
C ALA C 435 8.98 2.52 20.36
N VAL C 436 9.37 2.68 19.09
CA VAL C 436 8.72 3.58 18.14
C VAL C 436 7.29 3.12 17.81
N GLU C 437 7.12 1.82 17.53
CA GLU C 437 5.80 1.21 17.34
C GLU C 437 4.85 1.34 18.55
N ALA C 438 5.41 1.09 19.74
CA ALA C 438 4.73 1.33 21.01
C ALA C 438 4.37 2.80 21.23
N SER C 439 5.24 3.72 20.81
CA SER C 439 4.99 5.17 20.95
C SER C 439 3.87 5.68 20.06
N PHE C 440 3.71 5.08 18.88
CA PHE C 440 2.59 5.39 17.98
C PHE C 440 1.26 4.88 18.51
N LYS C 441 1.26 3.64 19.03
CA LYS C 441 0.08 2.99 19.62
C LYS C 441 -0.55 3.76 20.82
N CYS C 442 0.29 4.35 21.65
CA CYS C 442 -0.23 5.11 22.76
C CYS C 442 -0.15 6.64 22.65
N CYS C 443 0.29 7.14 21.49
CA CYS C 443 0.53 8.58 21.19
C CYS C 443 1.31 9.28 22.29
N SER C 444 2.47 8.69 22.61
CA SER C 444 3.16 8.95 23.87
C SER C 444 3.80 10.33 23.90
N GLY C 445 4.02 10.85 25.10
CA GLY C 445 4.54 12.21 25.30
C GLY C 445 5.99 12.34 24.88
N ALA C 446 6.73 11.23 25.01
CA ALA C 446 8.13 11.09 24.63
C ALA C 446 8.57 9.63 24.57
N ILE C 447 9.75 9.42 24.01
CA ILE C 447 10.52 8.19 24.21
C ILE C 447 11.76 8.62 24.99
N ILE C 448 11.86 8.20 26.25
CA ILE C 448 13.05 8.49 27.07
C ILE C 448 14.09 7.39 26.85
N VAL C 449 15.30 7.77 26.42
CA VAL C 449 16.39 6.82 26.18
C VAL C 449 17.61 7.24 27.02
N LEU C 450 18.14 6.35 27.85
CA LEU C 450 19.44 6.62 28.49
C LEU C 450 20.46 6.15 27.49
N THR C 451 21.51 6.93 27.28
CA THR C 451 22.54 6.58 26.29
C THR C 451 23.90 7.11 26.68
N LYS C 452 24.96 6.33 26.47
CA LYS C 452 26.30 6.82 26.82
C LYS C 452 26.98 7.47 25.63
N SER C 453 26.95 6.79 24.50
CA SER C 453 27.56 7.26 23.27
C SER C 453 26.61 8.05 22.37
N GLY C 454 25.31 7.85 22.53
CA GLY C 454 24.35 8.47 21.61
C GLY C 454 23.60 7.45 20.83
N ARG C 455 24.28 6.32 20.54
CA ARG C 455 23.85 5.28 19.59
C ARG C 455 22.40 4.74 19.70
N SER C 456 21.98 4.43 20.93
CA SER C 456 20.64 3.89 21.20
C SER C 456 19.54 4.90 20.86
N ALA C 457 19.80 6.16 21.18
CA ALA C 457 18.91 7.24 20.79
C ALA C 457 18.96 7.53 19.28
N HIS C 458 20.13 7.34 18.64
CA HIS C 458 20.25 7.46 17.18
C HIS C 458 19.43 6.38 16.47
N GLN C 459 19.45 5.16 17.01
CA GLN C 459 18.66 4.04 16.48
C GLN C 459 17.14 4.22 16.53
N VAL C 460 16.64 4.91 17.54
CA VAL C 460 15.23 5.34 17.65
C VAL C 460 14.87 6.40 16.60
N ALA C 461 15.79 7.37 16.42
CA ALA C 461 15.65 8.51 15.52
C ALA C 461 15.47 8.18 14.04
N ARG C 462 16.15 7.11 13.60
CA ARG C 462 16.10 6.58 12.22
C ARG C 462 14.70 6.13 11.77
N TYR C 463 13.87 5.67 12.70
CA TYR C 463 12.51 5.26 12.37
C TYR C 463 11.46 6.38 12.40
N ARG C 464 11.92 7.61 12.59
CA ARG C 464 11.13 8.86 12.67
C ARG C 464 9.85 8.87 13.53
N PRO C 465 9.96 8.69 14.87
CA PRO C 465 8.71 8.74 15.64
C PRO C 465 8.11 10.14 15.76
N ARG C 466 6.81 10.21 16.05
CA ARG C 466 6.15 11.49 16.33
C ARG C 466 6.63 12.07 17.66
N ALA C 467 6.63 11.23 18.71
CA ALA C 467 7.07 11.61 20.08
C ALA C 467 8.55 12.00 20.12
N PRO C 468 8.89 13.12 20.83
CA PRO C 468 10.27 13.55 20.94
C PRO C 468 11.15 12.56 21.70
N ILE C 469 12.40 12.48 21.32
CA ILE C 469 13.31 11.55 21.97
C ILE C 469 14.13 12.28 23.01
N ILE C 470 13.75 12.17 24.27
CA ILE C 470 14.52 12.81 25.33
C ILE C 470 15.67 11.85 25.68
N ALA C 471 16.84 12.10 25.09
CA ALA C 471 18.05 11.36 25.42
C ALA C 471 18.81 11.90 26.63
N VAL C 472 18.88 11.07 27.67
CA VAL C 472 19.58 11.40 28.90
C VAL C 472 20.97 10.81 28.83
N THR C 473 21.94 11.68 29.08
CA THR C 473 23.34 11.30 29.08
C THR C 473 24.16 12.08 30.11
N ARG C 474 25.29 11.50 30.51
CA ARG C 474 26.27 12.19 31.36
C ARG C 474 27.47 12.65 30.54
N ASN C 475 27.58 12.12 29.33
CA ASN C 475 28.64 12.48 28.39
C ASN C 475 28.23 13.77 27.68
N PRO C 476 29.03 14.85 27.84
CA PRO C 476 28.78 16.15 27.20
C PRO C 476 28.92 16.17 25.67
N GLN C 477 29.81 15.37 25.09
CA GLN C 477 29.98 15.33 23.64
C GLN C 477 28.78 14.66 22.93
N THR C 478 28.30 13.57 23.55
CA THR C 478 27.08 12.83 23.19
C THR C 478 25.84 13.72 23.14
N ALA C 479 25.68 14.53 24.17
CA ALA C 479 24.63 15.55 24.29
C ALA C 479 24.69 16.60 23.17
N ARG C 480 25.89 17.03 22.79
CA ARG C 480 26.05 18.02 21.72
C ARG C 480 25.84 17.40 20.32
N GLN C 481 26.37 16.20 20.11
CA GLN C 481 26.28 15.51 18.82
C GLN C 481 24.90 14.94 18.50
N ALA C 482 24.05 14.79 19.54
CA ALA C 482 22.66 14.33 19.42
C ALA C 482 21.75 15.27 18.64
N HIS C 483 22.12 16.56 18.58
CA HIS C 483 21.44 17.58 17.78
C HIS C 483 21.47 17.34 16.25
N LEU C 484 22.40 16.53 15.77
CA LEU C 484 22.44 16.03 14.39
C LEU C 484 21.31 15.05 13.99
N TYR C 485 20.50 14.60 14.92
CA TYR C 485 19.50 13.60 14.60
C TYR C 485 18.15 14.18 14.98
N ARG C 486 17.25 14.17 14.00
CA ARG C 486 15.84 14.54 14.09
C ARG C 486 15.18 13.78 15.22
N GLY C 487 14.57 14.52 16.13
CA GLY C 487 13.86 13.86 17.20
C GLY C 487 14.47 14.07 18.54
N ILE C 488 15.78 14.19 18.56
CA ILE C 488 16.48 14.11 19.81
C ILE C 488 16.56 15.43 20.56
N PHE C 489 15.93 15.45 21.75
CA PHE C 489 16.10 16.50 22.72
C PHE C 489 17.09 16.03 23.80
N PRO C 490 18.37 16.44 23.70
CA PRO C 490 19.38 15.97 24.65
C PRO C 490 19.33 16.64 26.03
N VAL C 491 19.40 15.83 27.08
CA VAL C 491 19.56 16.39 28.41
C VAL C 491 20.87 15.90 29.04
N LEU C 492 21.64 16.85 29.59
CA LEU C 492 22.90 16.50 30.22
C LEU C 492 22.72 16.29 31.70
N CYS C 493 22.98 15.07 32.16
CA CYS C 493 22.86 14.77 33.58
C CYS C 493 24.21 15.01 34.23
N LYS C 494 24.23 15.82 35.29
CA LYS C 494 25.46 16.21 35.95
C LYS C 494 25.58 15.60 37.34
N ASP C 495 24.45 15.07 37.83
CA ASP C 495 24.32 14.33 39.10
C ASP C 495 25.27 13.13 39.17
N PRO C 496 25.90 12.89 40.35
CA PRO C 496 26.90 11.81 40.48
C PRO C 496 26.26 10.43 40.46
N VAL C 497 27.05 9.43 40.07
CA VAL C 497 26.60 8.05 39.88
C VAL C 497 26.22 7.42 41.23
N GLN C 498 24.94 7.07 41.35
CA GLN C 498 24.39 6.42 42.54
C GLN C 498 24.89 5.01 42.56
N GLU C 499 25.16 4.53 43.77
CA GLU C 499 25.70 3.20 44.04
C GLU C 499 24.71 2.12 43.65
N ALA C 500 23.44 2.38 43.94
CA ALA C 500 22.37 1.57 43.44
C ALA C 500 22.06 1.97 42.02
N TRP C 501 22.38 1.06 41.09
CA TRP C 501 22.21 1.28 39.66
C TRP C 501 20.75 1.42 39.22
N ALA C 502 19.87 0.65 39.86
CA ALA C 502 18.43 0.77 39.69
C ALA C 502 17.92 2.16 40.09
N GLU C 503 18.45 2.68 41.20
CA GLU C 503 18.16 4.05 41.65
C GLU C 503 18.81 5.12 40.78
N ASP C 504 19.96 4.78 40.18
CA ASP C 504 20.68 5.68 39.27
C ASP C 504 19.96 5.84 37.93
N VAL C 505 19.39 4.74 37.45
CA VAL C 505 18.52 4.72 36.27
C VAL C 505 17.28 5.59 36.49
N ASP C 506 16.62 5.40 37.62
CA ASP C 506 15.37 6.08 37.96
C ASP C 506 15.54 7.56 38.28
N LEU C 507 16.75 7.93 38.71
CA LEU C 507 17.16 9.32 38.83
C LEU C 507 17.25 10.00 37.47
N ARG C 508 17.77 9.28 36.47
CA ARG C 508 17.88 9.84 35.13
C ARG C 508 16.54 9.80 34.37
N VAL C 509 15.70 8.83 34.69
CA VAL C 509 14.38 8.73 34.09
C VAL C 509 13.47 9.85 34.64
N ASN C 510 13.54 10.12 35.95
CA ASN C 510 12.77 11.23 36.57
C ASN C 510 13.22 12.63 36.19
N PHE C 511 14.51 12.76 35.88
CA PHE C 511 15.07 14.01 35.39
C PHE C 511 14.50 14.34 34.01
N ALA C 512 14.39 13.33 33.14
CA ALA C 512 13.69 13.44 31.84
C ALA C 512 12.20 13.75 31.95
N MET C 513 11.54 13.17 32.96
CA MET C 513 10.13 13.51 33.32
C MET C 513 9.96 14.96 33.71
N ASN C 514 10.92 15.48 34.47
CA ASN C 514 10.88 16.85 34.97
C ASN C 514 11.17 17.89 33.90
N VAL C 515 12.07 17.56 32.98
CA VAL C 515 12.36 18.38 31.78
C VAL C 515 11.13 18.47 30.88
N GLY C 516 10.55 17.31 30.55
CA GLY C 516 9.38 17.24 29.68
C GLY C 516 8.10 17.87 30.20
N LYS C 517 7.92 17.84 31.52
CA LYS C 517 6.82 18.57 32.17
C LYS C 517 7.02 20.08 32.15
N ALA C 518 8.23 20.54 32.46
CA ALA C 518 8.55 21.98 32.47
C ALA C 518 8.59 22.60 31.08
N ARG C 519 8.99 21.81 30.08
CA ARG C 519 8.92 22.27 28.69
C ARG C 519 7.55 22.14 28.04
N GLY C 520 6.64 21.40 28.67
CA GLY C 520 5.29 21.24 28.14
C GLY C 520 5.16 20.14 27.11
N PHE C 521 6.04 19.14 27.18
CA PHE C 521 6.00 18.02 26.23
C PHE C 521 4.89 17.09 26.67
N PHE C 522 4.73 16.95 27.99
CA PHE C 522 3.68 16.14 28.59
C PHE C 522 3.30 16.67 29.97
N LYS C 523 2.30 16.07 30.59
CA LYS C 523 1.97 16.38 31.99
C LYS C 523 1.74 15.08 32.75
N LYS C 524 1.41 15.19 34.04
CA LYS C 524 1.22 14.05 34.95
C LYS C 524 0.05 13.16 34.53
N GLY C 525 0.31 11.85 34.40
CA GLY C 525 -0.71 10.91 33.97
C GLY C 525 -0.74 10.64 32.48
N ASP C 526 0.13 11.33 31.72
CA ASP C 526 0.36 10.98 30.32
C ASP C 526 1.25 9.75 30.28
N VAL C 527 1.24 9.10 29.12
CA VAL C 527 1.96 7.87 28.90
C VAL C 527 3.28 8.20 28.19
N VAL C 528 4.41 7.61 28.64
CA VAL C 528 5.71 7.72 27.95
C VAL C 528 6.40 6.35 27.77
N ILE C 529 7.36 6.31 26.86
CA ILE C 529 8.16 5.11 26.57
C ILE C 529 9.54 5.29 27.24
N VAL C 530 10.03 4.28 27.97
CA VAL C 530 11.37 4.35 28.59
C VAL C 530 12.31 3.26 28.01
N LEU C 531 13.48 3.69 27.51
CA LEU C 531 14.49 2.80 26.96
C LEU C 531 15.72 2.74 27.83
N THR C 532 16.04 1.54 28.31
CA THR C 532 17.23 1.27 29.12
C THR C 532 17.82 -0.05 28.67
N GLY C 533 18.95 -0.40 29.29
CA GLY C 533 19.47 -1.74 29.16
C GLY C 533 19.49 -2.50 30.47
N TRP C 534 20.03 -3.70 30.42
CA TRP C 534 19.92 -4.63 31.55
C TRP C 534 21.04 -4.49 32.58
N ARG C 535 22.12 -3.81 32.20
CA ARG C 535 23.29 -3.60 33.06
C ARG C 535 23.94 -2.25 32.68
N PRO C 536 24.85 -1.67 33.53
CA PRO C 536 25.53 -0.43 33.10
C PRO C 536 26.56 -0.60 31.99
N GLY C 537 26.98 0.53 31.41
CA GLY C 537 27.94 0.56 30.33
C GLY C 537 27.24 0.56 28.98
N SER C 538 27.96 0.99 27.95
CA SER C 538 27.44 1.10 26.58
C SER C 538 27.14 -0.25 25.93
N GLY C 539 26.12 -0.30 25.08
CA GLY C 539 25.91 -1.47 24.23
C GLY C 539 24.84 -2.45 24.64
N PHE C 540 24.19 -2.21 25.79
CA PHE C 540 23.29 -3.21 26.32
C PHE C 540 21.78 -2.88 26.28
N THR C 541 21.37 -1.83 25.54
CA THR C 541 19.94 -1.38 25.41
C THR C 541 18.97 -2.45 24.91
N ASN C 542 18.11 -2.89 25.81
CA ASN C 542 17.30 -4.06 25.51
C ASN C 542 15.90 -4.01 26.12
N THR C 543 15.64 -2.97 26.91
CA THR C 543 14.48 -2.92 27.78
C THR C 543 13.58 -1.74 27.42
N MET C 544 12.32 -2.07 27.10
CA MET C 544 11.32 -1.10 26.72
C MET C 544 10.20 -1.09 27.78
N ARG C 545 10.00 0.06 28.42
CA ARG C 545 8.95 0.22 29.44
C ARG C 545 7.93 1.29 29.10
N VAL C 546 6.64 0.96 29.27
CA VAL C 546 5.54 1.93 29.13
C VAL C 546 5.12 2.39 30.52
N VAL C 547 5.47 3.62 30.90
CA VAL C 547 5.19 4.10 32.26
C VAL C 547 4.30 5.37 32.23
N PRO C 548 3.53 5.63 33.31
CA PRO C 548 2.89 6.94 33.41
C PRO C 548 3.82 8.02 33.97
N VAL C 549 3.56 9.26 33.59
CA VAL C 549 4.31 10.41 34.10
C VAL C 549 3.82 10.74 35.51
N PRO C 550 4.73 10.73 36.50
CA PRO C 550 4.39 11.01 37.89
C PRO C 550 4.29 12.51 38.20
N GLN D 33 18.65 6.60 -17.74
CA GLN D 33 17.30 6.84 -18.34
C GLN D 33 16.91 8.32 -18.28
N THR D 34 15.86 8.66 -19.03
CA THR D 34 15.34 10.02 -19.13
C THR D 34 14.11 10.14 -18.25
N GLN D 35 13.63 11.39 -18.10
CA GLN D 35 12.34 11.81 -17.45
C GLN D 35 11.97 11.21 -16.07
N GLN D 36 13.02 10.99 -15.27
CA GLN D 36 13.02 10.23 -14.00
C GLN D 36 12.33 8.87 -13.99
N LEU D 37 12.50 8.12 -15.07
CA LEU D 37 11.80 6.85 -15.26
C LEU D 37 12.27 5.73 -14.34
N HIS D 38 13.53 5.82 -13.90
CA HIS D 38 14.07 4.95 -12.85
C HIS D 38 13.39 5.19 -11.50
N ALA D 39 13.19 6.46 -11.13
CA ALA D 39 12.38 6.85 -9.96
C ALA D 39 10.90 6.50 -10.08
N ALA D 40 10.39 6.49 -11.31
CA ALA D 40 9.01 6.08 -11.61
C ALA D 40 8.71 4.59 -11.32
N MET D 41 9.74 3.75 -11.43
CA MET D 41 9.64 2.30 -11.15
C MET D 41 9.66 1.91 -9.66
N ALA D 42 9.80 2.88 -8.75
CA ALA D 42 10.05 2.59 -7.34
C ALA D 42 8.84 2.13 -6.54
N ASP D 43 9.08 1.24 -5.60
CA ASP D 43 8.03 0.59 -4.83
C ASP D 43 7.50 1.46 -3.70
N THR D 44 8.31 2.40 -3.25
CA THR D 44 7.95 3.24 -2.10
C THR D 44 8.18 4.75 -2.38
N PHE D 45 7.58 5.62 -1.57
CA PHE D 45 7.74 7.10 -1.68
C PHE D 45 9.18 7.50 -1.38
N LEU D 46 9.78 6.85 -0.37
CA LEU D 46 11.18 7.06 0.01
C LEU D 46 12.19 6.64 -1.09
N GLU D 47 12.01 5.45 -1.66
CA GLU D 47 12.86 4.98 -2.78
C GLU D 47 12.69 5.81 -4.04
N HIS D 48 11.48 6.30 -4.29
CA HIS D 48 11.24 7.32 -5.34
C HIS D 48 12.10 8.58 -5.19
N MET D 49 12.13 9.13 -3.97
CA MET D 49 12.99 10.27 -3.60
C MET D 49 14.48 9.93 -3.80
N CYS D 50 14.92 8.74 -3.35
CA CYS D 50 16.31 8.24 -3.51
C CYS D 50 16.84 8.15 -4.93
N ARG D 51 15.94 7.92 -5.87
CA ARG D 51 16.31 7.71 -7.24
C ARG D 51 16.17 8.94 -8.10
N LEU D 52 15.85 10.09 -7.49
CA LEU D 52 15.79 11.37 -8.20
C LEU D 52 17.18 11.71 -8.69
N ASP D 53 17.25 11.98 -9.99
CA ASP D 53 18.51 12.02 -10.69
C ASP D 53 18.57 13.32 -11.48
N ILE D 54 19.60 14.12 -11.19
CA ILE D 54 19.89 15.35 -11.92
C ILE D 54 20.44 15.11 -13.33
N ASP D 55 20.91 13.90 -13.64
CA ASP D 55 21.43 13.63 -14.98
C ASP D 55 20.39 12.96 -15.88
N SER D 56 19.18 12.81 -15.36
CA SER D 56 18.08 12.28 -16.12
C SER D 56 17.33 13.44 -16.78
N PRO D 57 17.40 13.58 -18.11
CA PRO D 57 16.78 14.75 -18.72
C PRO D 57 15.27 14.62 -18.88
N PRO D 58 14.53 15.73 -18.66
CA PRO D 58 13.09 15.70 -18.93
C PRO D 58 12.74 15.75 -20.42
N ILE D 59 11.49 15.44 -20.75
CA ILE D 59 10.88 15.71 -22.07
C ILE D 59 10.74 17.21 -22.35
N THR D 60 10.39 17.57 -23.58
CA THR D 60 10.15 18.98 -23.98
C THR D 60 8.91 19.60 -23.31
N ALA D 61 7.91 18.77 -23.05
CA ALA D 61 6.60 19.20 -22.55
C ALA D 61 6.65 19.68 -21.11
N ARG D 62 6.15 20.89 -20.92
CA ARG D 62 5.98 21.48 -19.62
C ARG D 62 4.48 21.66 -19.44
N ASN D 63 3.97 21.02 -18.40
CA ASN D 63 2.54 20.84 -18.09
C ASN D 63 1.87 21.95 -17.22
N THR D 64 2.63 22.56 -16.31
CA THR D 64 2.10 23.58 -15.37
C THR D 64 1.98 24.91 -16.10
N GLY D 65 0.83 25.55 -15.99
CA GLY D 65 0.62 26.87 -16.59
C GLY D 65 1.34 27.99 -15.85
N ILE D 66 1.79 29.02 -16.59
CA ILE D 66 2.52 30.13 -16.00
C ILE D 66 1.71 31.42 -16.20
N ILE D 67 1.39 32.04 -15.08
CA ILE D 67 0.59 33.24 -15.05
C ILE D 67 1.53 34.40 -14.75
N CYS D 68 1.61 35.34 -15.68
CA CYS D 68 2.45 36.49 -15.47
C CYS D 68 1.61 37.73 -15.31
N THR D 69 1.91 38.50 -14.27
CA THR D 69 1.29 39.80 -14.05
C THR D 69 1.99 40.80 -14.95
N ILE D 70 1.21 41.51 -15.75
CA ILE D 70 1.76 42.49 -16.66
C ILE D 70 1.68 43.89 -16.03
N GLY D 71 2.79 44.62 -16.04
CA GLY D 71 2.83 46.02 -15.62
C GLY D 71 3.86 46.71 -16.52
N PRO D 72 4.48 47.83 -16.05
CA PRO D 72 5.44 48.67 -16.80
C PRO D 72 6.68 47.95 -17.38
N ALA D 73 7.17 46.94 -16.69
CA ALA D 73 8.33 46.15 -17.14
C ALA D 73 8.04 45.22 -18.32
N SER D 74 6.78 44.84 -18.52
CA SER D 74 6.48 43.82 -19.51
C SER D 74 5.28 44.11 -20.40
N ARG D 75 4.95 45.39 -20.57
CA ARG D 75 3.71 45.82 -21.24
C ARG D 75 3.80 46.00 -22.74
N SER D 76 5.01 46.18 -23.26
CA SER D 76 5.21 46.50 -24.68
C SER D 76 5.03 45.21 -25.48
N VAL D 77 4.56 45.37 -26.72
CA VAL D 77 4.39 44.31 -27.73
C VAL D 77 5.65 43.47 -27.91
N GLU D 78 6.79 44.16 -28.05
CA GLU D 78 8.15 43.58 -28.09
C GLU D 78 8.55 42.68 -26.90
N THR D 79 8.27 43.14 -25.68
CA THR D 79 8.55 42.34 -24.47
C THR D 79 7.55 41.18 -24.35
N LEU D 80 6.26 41.46 -24.59
CA LEU D 80 5.20 40.45 -24.56
C LEU D 80 5.36 39.29 -25.52
N LYS D 81 5.91 39.57 -26.71
CA LYS D 81 6.34 38.54 -27.68
C LYS D 81 7.40 37.60 -27.12
N GLU D 82 8.37 38.18 -26.39
CA GLU D 82 9.41 37.39 -25.74
C GLU D 82 8.88 36.66 -24.51
N MET D 83 7.92 37.29 -23.80
CA MET D 83 7.21 36.67 -22.66
C MET D 83 6.48 35.37 -23.04
N ILE D 84 5.81 35.39 -24.19
CA ILE D 84 5.17 34.22 -24.83
C ILE D 84 6.20 33.16 -25.21
N LYS D 85 7.30 33.60 -25.83
CA LYS D 85 8.41 32.72 -26.27
C LYS D 85 9.15 32.07 -25.10
N SER D 86 9.30 32.80 -24.00
CA SER D 86 9.86 32.25 -22.76
C SER D 86 8.88 31.37 -21.98
N GLY D 87 7.59 31.45 -22.29
CA GLY D 87 6.62 30.48 -21.77
C GLY D 87 5.38 30.93 -21.01
N MET D 88 5.01 32.22 -21.11
CA MET D 88 3.78 32.76 -20.48
C MET D 88 2.52 32.18 -21.09
N ASN D 89 1.63 31.67 -20.24
CA ASN D 89 0.39 31.10 -20.71
C ASN D 89 -0.81 32.02 -20.48
N VAL D 90 -0.76 32.76 -19.36
CA VAL D 90 -1.87 33.61 -18.91
C VAL D 90 -1.27 35.00 -18.55
N ALA D 91 -1.83 36.05 -19.12
CA ALA D 91 -1.50 37.42 -18.74
C ALA D 91 -2.49 37.88 -17.66
N ARG D 92 -1.99 38.10 -16.46
CA ARG D 92 -2.81 38.64 -15.35
C ARG D 92 -2.76 40.16 -15.29
N LEU D 93 -3.93 40.79 -15.15
CA LEU D 93 -4.01 42.22 -15.01
C LEU D 93 -4.62 42.51 -13.64
N ASN D 94 -3.85 43.18 -12.79
CA ASN D 94 -4.23 43.48 -11.42
C ASN D 94 -4.95 44.82 -11.41
N PHE D 95 -6.20 44.79 -10.96
CA PHE D 95 -7.02 45.98 -10.93
C PHE D 95 -7.03 46.63 -9.54
N SER D 96 -5.99 46.37 -8.75
CA SER D 96 -5.74 47.14 -7.52
C SER D 96 -5.24 48.53 -7.88
N HIS D 97 -4.45 48.60 -8.94
CA HIS D 97 -4.01 49.87 -9.50
C HIS D 97 -4.36 49.99 -10.99
N GLY D 98 -4.45 51.21 -11.48
CA GLY D 98 -4.58 51.46 -12.90
C GLY D 98 -6.00 51.62 -13.39
N THR D 99 -6.16 52.53 -14.35
CA THR D 99 -7.46 52.83 -14.93
C THR D 99 -7.79 51.83 -16.04
N HIS D 100 -9.03 51.91 -16.52
CA HIS D 100 -9.58 51.05 -17.57
C HIS D 100 -8.90 51.27 -18.93
N GLU D 101 -8.51 52.51 -19.20
CA GLU D 101 -7.69 52.86 -20.37
C GLU D 101 -6.30 52.22 -20.41
N TYR D 102 -5.63 52.20 -19.24
CA TYR D 102 -4.31 51.56 -19.06
C TYR D 102 -4.42 50.06 -19.27
N HIS D 103 -5.48 49.45 -18.73
CA HIS D 103 -5.67 48.01 -18.80
C HIS D 103 -6.10 47.53 -20.19
N ALA D 104 -6.91 48.32 -20.90
CA ALA D 104 -7.34 47.99 -22.28
C ALA D 104 -6.19 48.06 -23.26
N GLU D 105 -5.28 49.00 -23.05
CA GLU D 105 -4.05 49.15 -23.82
C GLU D 105 -3.10 47.96 -23.62
N THR D 106 -3.00 47.50 -22.36
CA THR D 106 -2.28 46.27 -21.98
C THR D 106 -2.84 45.01 -22.67
N ILE D 107 -4.16 44.81 -22.57
CA ILE D 107 -4.93 43.71 -23.23
C ILE D 107 -4.76 43.67 -24.76
N LYS D 108 -4.80 44.85 -25.38
CA LYS D 108 -4.53 45.06 -26.81
C LYS D 108 -3.13 44.62 -27.21
N ASN D 109 -2.13 45.00 -26.41
CA ASN D 109 -0.75 44.63 -26.62
C ASN D 109 -0.45 43.13 -26.41
N VAL D 110 -1.17 42.50 -25.49
CA VAL D 110 -1.13 41.04 -25.25
C VAL D 110 -1.59 40.31 -26.52
N ARG D 111 -2.73 40.75 -27.05
CA ARG D 111 -3.35 40.14 -28.24
C ARG D 111 -2.56 40.37 -29.53
N THR D 112 -2.03 41.59 -29.70
CA THR D 112 -1.07 41.96 -30.76
C THR D 112 0.17 41.04 -30.78
N ALA D 113 0.76 40.82 -29.62
CA ALA D 113 1.90 39.91 -29.49
C ALA D 113 1.56 38.44 -29.71
N THR D 114 0.39 38.00 -29.23
CA THR D 114 -0.13 36.65 -29.41
C THR D 114 -0.46 36.35 -30.87
N GLU D 115 -1.14 37.30 -31.52
CA GLU D 115 -1.56 37.10 -32.92
C GLU D 115 -0.46 37.24 -33.97
N SER D 116 0.73 37.69 -33.57
CA SER D 116 1.92 37.67 -34.41
C SER D 116 2.50 36.28 -34.67
N PHE D 117 2.08 35.30 -33.88
CA PHE D 117 2.46 33.91 -34.06
C PHE D 117 1.35 33.13 -34.77
N ALA D 118 0.24 33.81 -35.12
CA ALA D 118 -0.93 33.11 -35.69
C ALA D 118 -0.84 32.62 -37.14
N SER D 119 0.21 33.03 -37.86
CA SER D 119 0.47 32.61 -39.23
C SER D 119 0.81 31.11 -39.36
N ASP D 120 1.45 30.55 -38.34
CA ASP D 120 1.63 29.11 -38.22
C ASP D 120 0.81 28.57 -37.05
N PRO D 121 -0.37 27.96 -37.35
CA PRO D 121 -1.25 27.35 -36.33
C PRO D 121 -0.69 26.08 -35.69
N ILE D 122 0.30 25.45 -36.34
CA ILE D 122 1.11 24.36 -35.79
C ILE D 122 1.91 24.84 -34.57
N LEU D 123 2.56 25.99 -34.70
CA LEU D 123 3.38 26.52 -33.62
C LEU D 123 2.72 27.64 -32.82
N TYR D 124 1.43 27.91 -33.10
CA TYR D 124 0.65 28.95 -32.38
C TYR D 124 0.34 28.50 -30.96
N ARG D 125 0.56 29.42 -30.01
CA ARG D 125 0.27 29.16 -28.61
C ARG D 125 -0.79 30.14 -28.15
N PRO D 126 -1.94 29.63 -27.70
CA PRO D 126 -3.01 30.48 -27.13
C PRO D 126 -2.56 31.12 -25.82
N VAL D 127 -2.90 32.38 -25.62
CA VAL D 127 -2.51 33.12 -24.42
C VAL D 127 -3.78 33.66 -23.77
N ALA D 128 -4.02 33.28 -22.52
CA ALA D 128 -5.18 33.70 -21.79
C ALA D 128 -5.07 35.11 -21.19
N VAL D 129 -6.23 35.73 -20.97
CA VAL D 129 -6.33 37.02 -20.25
C VAL D 129 -7.14 36.83 -18.95
N ALA D 130 -6.55 37.25 -17.83
CA ALA D 130 -7.12 37.15 -16.49
C ALA D 130 -7.35 38.53 -15.86
N LEU D 131 -8.54 38.76 -15.33
CA LEU D 131 -8.77 39.99 -14.56
C LEU D 131 -8.69 39.70 -13.08
N ASP D 132 -7.70 40.26 -12.39
CA ASP D 132 -7.59 40.15 -10.93
C ASP D 132 -8.22 41.39 -10.27
N THR D 133 -9.32 41.19 -9.55
CA THR D 133 -9.99 42.29 -8.86
C THR D 133 -9.25 42.85 -7.63
N LYS D 134 -9.46 44.14 -7.34
CA LYS D 134 -8.96 44.85 -6.14
C LYS D 134 -9.51 44.25 -4.86
N GLY D 135 -10.84 44.15 -4.80
CA GLY D 135 -11.48 43.54 -3.66
C GLY D 135 -11.94 44.56 -2.64
N PRO D 136 -12.66 44.11 -1.61
CA PRO D 136 -12.96 44.90 -0.41
C PRO D 136 -11.69 45.27 0.37
N GLU D 137 -11.63 46.51 0.85
CA GLU D 137 -10.43 46.99 1.53
C GLU D 137 -10.76 47.70 2.83
N ILE D 138 -9.84 47.56 3.80
CA ILE D 138 -9.85 48.39 5.00
C ILE D 138 -8.59 49.26 5.00
N ARG D 139 -8.78 50.58 5.06
CA ARG D 139 -7.69 51.56 4.94
C ARG D 139 -7.60 52.56 6.10
N THR D 140 -6.38 53.00 6.40
CA THR D 140 -6.12 54.06 7.37
C THR D 140 -6.29 55.44 6.71
N GLY D 141 -6.51 56.46 7.52
CA GLY D 141 -6.63 57.83 7.01
C GLY D 141 -5.30 58.56 6.94
N ALA D 149 5.02 61.29 5.44
CA ALA D 149 4.41 61.49 6.75
C ALA D 149 4.41 60.20 7.56
N GLU D 150 5.32 60.12 8.54
CA GLU D 150 5.49 58.93 9.37
C GLU D 150 5.45 59.23 10.86
N VAL D 151 4.63 58.48 11.59
CA VAL D 151 4.53 58.57 13.05
C VAL D 151 4.99 57.22 13.63
N GLU D 152 5.96 57.26 14.54
CA GLU D 152 6.57 56.05 15.09
C GLU D 152 5.80 55.50 16.29
N LEU D 153 5.16 54.35 16.11
CA LEU D 153 4.46 53.65 17.20
C LEU D 153 5.43 52.94 18.14
N LYS D 154 5.30 53.23 19.43
CA LYS D 154 6.17 52.65 20.45
C LYS D 154 5.70 51.23 20.77
N LYS D 155 6.68 50.32 20.88
CA LYS D 155 6.45 48.91 21.28
C LYS D 155 5.92 48.80 22.71
N GLY D 156 4.61 48.58 22.83
CA GLY D 156 3.96 48.50 24.15
C GLY D 156 3.23 49.75 24.56
N ALA D 157 2.75 50.52 23.59
CA ALA D 157 2.02 51.77 23.84
C ALA D 157 0.51 51.62 23.62
N THR D 158 -0.23 52.70 23.89
CA THR D 158 -1.68 52.73 23.73
C THR D 158 -2.07 53.44 22.42
N LEU D 159 -2.72 52.71 21.53
CA LEU D 159 -3.28 53.29 20.31
C LEU D 159 -4.79 53.05 20.25
N LYS D 160 -5.55 54.13 20.13
CA LYS D 160 -7.00 54.05 20.06
C LYS D 160 -7.40 54.11 18.60
N ILE D 161 -8.28 53.20 18.18
CA ILE D 161 -8.93 53.34 16.89
C ILE D 161 -10.24 54.13 17.05
N THR D 162 -10.58 54.91 16.02
CA THR D 162 -11.82 55.69 16.01
C THR D 162 -12.52 55.58 14.67
N LEU D 163 -13.82 55.86 14.71
CA LEU D 163 -14.65 55.93 13.52
C LEU D 163 -15.06 57.38 13.31
N ASP D 164 -14.50 58.25 14.16
CA ASP D 164 -14.78 59.69 14.19
C ASP D 164 -14.16 60.39 12.97
N ASN D 165 -15.02 60.98 12.15
CA ASN D 165 -14.70 61.39 10.78
C ASN D 165 -13.82 62.64 10.60
N ALA D 166 -13.62 63.40 11.67
CA ALA D 166 -12.73 64.57 11.66
C ALA D 166 -11.25 64.20 11.88
N TYR D 167 -10.99 62.96 12.27
CA TYR D 167 -9.64 62.47 12.49
C TYR D 167 -9.10 61.65 11.30
N MET D 168 -9.69 61.85 10.12
CA MET D 168 -9.23 61.19 8.90
C MET D 168 -7.94 61.81 8.32
N GLU D 169 -7.72 63.09 8.62
CA GLU D 169 -6.45 63.75 8.31
C GLU D 169 -5.61 63.86 9.57
N LYS D 170 -6.19 63.48 10.71
CA LYS D 170 -5.55 63.61 12.02
C LYS D 170 -5.20 62.24 12.65
N CYS D 171 -4.38 61.47 11.93
CA CYS D 171 -3.86 60.20 12.42
C CYS D 171 -2.46 60.38 13.01
N ASP D 172 -2.28 59.88 14.22
CA ASP D 172 -1.00 59.96 14.95
C ASP D 172 -0.78 58.70 15.80
N GLU D 173 0.06 58.81 16.84
CA GLU D 173 0.36 57.68 17.75
C GLU D 173 -0.71 57.42 18.82
N ASN D 174 -1.66 58.33 18.94
CA ASN D 174 -2.78 58.21 19.89
C ASN D 174 -4.11 57.87 19.21
N ILE D 175 -4.40 58.56 18.11
CA ILE D 175 -5.69 58.43 17.37
C ILE D 175 -5.49 57.85 15.95
N LEU D 176 -6.30 56.85 15.58
CA LEU D 176 -6.28 56.27 14.22
C LEU D 176 -7.71 56.07 13.65
N TRP D 177 -7.91 56.45 12.39
CA TRP D 177 -9.22 56.31 11.72
C TRP D 177 -9.22 55.19 10.66
N LEU D 178 -10.34 54.45 10.56
CA LEU D 178 -10.56 53.42 9.52
C LEU D 178 -11.79 53.70 8.65
N ASP D 179 -11.79 53.23 7.41
CA ASP D 179 -12.94 53.41 6.50
C ASP D 179 -14.06 52.36 6.64
N TYR D 180 -13.75 51.28 7.35
CA TYR D 180 -14.72 50.25 7.73
C TYR D 180 -15.52 50.74 8.92
N LYS D 181 -16.84 50.57 8.85
CA LYS D 181 -17.75 51.08 9.87
C LYS D 181 -18.27 50.00 10.82
N ASN D 182 -18.15 48.75 10.41
CA ASN D 182 -18.59 47.64 11.27
C ASN D 182 -17.42 46.89 11.90
N ILE D 183 -16.34 47.63 12.20
CA ILE D 183 -15.08 47.10 12.75
C ILE D 183 -15.24 46.54 14.18
N CYS D 184 -15.92 47.30 15.03
CA CYS D 184 -16.08 46.97 16.46
C CYS D 184 -17.01 45.80 16.79
N LYS D 185 -17.86 45.41 15.85
CA LYS D 185 -18.76 44.26 16.03
C LYS D 185 -18.10 42.92 15.63
N VAL D 186 -17.24 42.96 14.62
CA VAL D 186 -16.59 41.74 14.12
C VAL D 186 -15.29 41.38 14.86
N VAL D 187 -14.83 42.31 15.70
CA VAL D 187 -13.57 42.17 16.45
C VAL D 187 -13.91 42.02 17.95
N GLU D 188 -13.32 41.02 18.61
CA GLU D 188 -13.56 40.80 20.04
C GLU D 188 -12.52 41.48 20.95
N VAL D 189 -12.68 41.29 22.26
CA VAL D 189 -11.66 41.74 23.22
C VAL D 189 -10.47 40.76 23.18
N GLY D 190 -9.29 41.28 22.85
CA GLY D 190 -8.11 40.45 22.72
C GLY D 190 -7.82 40.04 21.28
N SER D 191 -8.67 40.49 20.36
CA SER D 191 -8.48 40.25 18.92
C SER D 191 -7.37 41.14 18.35
N LYS D 192 -6.68 40.63 17.34
CA LYS D 192 -5.53 41.34 16.75
C LYS D 192 -5.91 42.19 15.54
N ILE D 193 -5.27 43.36 15.42
CA ILE D 193 -5.45 44.27 14.28
C ILE D 193 -4.09 44.52 13.62
N TYR D 194 -3.95 44.15 12.36
CA TYR D 194 -2.69 44.34 11.62
C TYR D 194 -2.81 45.55 10.71
N VAL D 195 -1.78 46.41 10.67
CA VAL D 195 -1.76 47.60 9.80
C VAL D 195 -0.50 47.53 8.92
N ASP D 196 -0.70 47.70 7.60
CA ASP D 196 0.34 47.85 6.55
C ASP D 196 1.19 46.62 6.34
N ASP D 197 0.63 45.66 5.60
CA ASP D 197 1.20 44.33 5.32
C ASP D 197 1.63 43.47 6.53
N GLY D 198 0.97 43.68 7.67
CA GLY D 198 1.36 43.07 8.94
C GLY D 198 2.68 43.50 9.57
N LEU D 199 3.18 44.68 9.19
CA LEU D 199 4.41 45.25 9.81
C LEU D 199 4.10 45.78 11.20
N ILE D 200 2.93 46.39 11.35
CA ILE D 200 2.43 46.91 12.62
C ILE D 200 1.32 45.98 13.11
N SER D 201 1.48 45.41 14.30
CA SER D 201 0.45 44.57 14.91
C SER D 201 -0.08 45.18 16.20
N LEU D 202 -1.41 45.35 16.26
CA LEU D 202 -2.08 45.86 17.46
C LEU D 202 -2.88 44.74 18.13
N GLN D 203 -3.18 44.90 19.42
CA GLN D 203 -4.10 43.99 20.10
C GLN D 203 -5.08 44.74 20.99
N VAL D 204 -6.37 44.59 20.69
CA VAL D 204 -7.51 45.31 21.33
C VAL D 204 -7.71 44.99 22.82
N LYS D 205 -7.61 46.01 23.67
CA LYS D 205 -7.85 45.84 25.10
C LYS D 205 -9.31 46.05 25.54
N GLN D 206 -9.99 47.05 24.98
CA GLN D 206 -11.40 47.28 25.34
C GLN D 206 -12.28 47.66 24.14
N LYS D 207 -13.38 46.94 23.99
CA LYS D 207 -14.33 47.12 22.88
C LYS D 207 -15.56 47.93 23.27
N GLY D 208 -16.07 48.71 22.33
CA GLY D 208 -17.24 49.55 22.54
C GLY D 208 -18.16 49.56 21.33
N ALA D 209 -18.53 50.76 20.89
CA ALA D 209 -19.42 50.94 19.74
C ALA D 209 -18.85 51.92 18.70
N ASP D 210 -18.35 53.06 19.17
CA ASP D 210 -17.73 54.07 18.29
C ASP D 210 -16.21 53.93 18.24
N PHE D 211 -15.66 53.01 19.03
CA PHE D 211 -14.22 52.93 19.28
C PHE D 211 -13.68 51.56 19.67
N LEU D 212 -12.35 51.43 19.55
CA LEU D 212 -11.58 50.36 20.20
C LEU D 212 -10.29 51.00 20.74
N VAL D 213 -9.83 50.53 21.89
CA VAL D 213 -8.52 50.92 22.40
C VAL D 213 -7.60 49.70 22.42
N THR D 214 -6.49 49.80 21.68
CA THR D 214 -5.57 48.68 21.46
C THR D 214 -4.24 48.85 22.23
N GLU D 215 -3.41 47.81 22.15
CA GLU D 215 -2.02 47.87 22.62
C GLU D 215 -1.10 47.50 21.46
N VAL D 216 -0.06 48.32 21.27
CA VAL D 216 0.88 48.12 20.16
C VAL D 216 1.85 46.98 20.47
N GLU D 217 1.63 45.84 19.83
CA GLU D 217 2.42 44.64 20.07
C GLU D 217 3.70 44.63 19.20
N ASN D 218 3.52 44.85 17.90
CA ASN D 218 4.65 45.12 16.99
C ASN D 218 4.64 46.57 16.56
N GLY D 219 5.79 47.22 16.68
CA GLY D 219 5.94 48.61 16.28
C GLY D 219 6.46 48.77 14.87
N GLY D 220 6.73 50.02 14.51
CA GLY D 220 7.06 50.42 13.14
C GLY D 220 6.40 51.76 12.88
N SER D 221 6.77 52.41 11.78
CA SER D 221 6.25 53.74 11.46
C SER D 221 4.87 53.72 10.79
N LEU D 222 3.90 54.38 11.43
CA LEU D 222 2.53 54.49 10.92
C LEU D 222 2.43 55.57 9.84
N GLY D 223 1.73 55.26 8.75
CA GLY D 223 1.62 56.17 7.60
C GLY D 223 0.20 56.42 7.13
N SER D 224 0.07 57.06 5.98
CA SER D 224 -1.23 57.38 5.37
C SER D 224 -1.63 56.42 4.27
N LYS D 225 -2.93 56.10 4.23
CA LYS D 225 -3.61 55.18 3.28
C LYS D 225 -3.02 53.76 3.22
N LYS D 226 -2.88 53.15 4.39
CA LYS D 226 -2.22 51.85 4.51
C LYS D 226 -3.21 50.75 4.90
N GLY D 227 -2.98 49.55 4.39
CA GLY D 227 -3.91 48.42 4.48
C GLY D 227 -4.08 47.85 5.87
N VAL D 228 -5.33 47.62 6.25
CA VAL D 228 -5.65 47.03 7.57
C VAL D 228 -6.18 45.60 7.44
N ASN D 229 -5.57 44.66 8.16
CA ASN D 229 -6.07 43.29 8.20
C ASN D 229 -6.61 42.92 9.58
N LEU D 230 -7.66 42.10 9.59
CA LEU D 230 -8.28 41.59 10.83
C LEU D 230 -8.27 40.06 10.90
N PRO D 231 -7.22 39.46 11.51
CA PRO D 231 -7.07 38.01 11.69
C PRO D 231 -8.13 37.36 12.59
N GLY D 232 -8.80 36.35 12.03
CA GLY D 232 -9.80 35.58 12.77
C GLY D 232 -11.24 36.01 12.54
N ALA D 233 -11.43 37.29 12.21
CA ALA D 233 -12.74 37.93 12.07
C ALA D 233 -13.53 37.49 10.82
N ALA D 234 -14.85 37.53 10.91
CA ALA D 234 -15.71 37.32 9.75
C ALA D 234 -16.18 38.69 9.26
N VAL D 235 -15.48 39.23 8.27
CA VAL D 235 -15.68 40.62 7.81
C VAL D 235 -16.92 40.72 6.92
N ASP D 236 -17.83 41.61 7.28
CA ASP D 236 -19.12 41.78 6.57
C ASP D 236 -19.11 42.84 5.45
N LEU D 237 -17.91 43.25 5.02
CA LEU D 237 -17.67 44.05 3.81
C LEU D 237 -18.15 43.30 2.56
N PRO D 238 -18.72 44.01 1.54
CA PRO D 238 -19.39 43.27 0.47
C PRO D 238 -18.43 42.53 -0.46
N ALA D 239 -18.95 41.50 -1.11
CA ALA D 239 -18.20 40.55 -1.93
C ALA D 239 -17.57 41.22 -3.11
N VAL D 240 -18.38 42.06 -3.74
CA VAL D 240 -17.91 42.98 -4.72
C VAL D 240 -18.01 44.40 -4.14
N SER D 241 -16.97 45.19 -4.35
CA SER D 241 -17.06 46.63 -4.11
C SER D 241 -17.66 47.30 -5.33
N GLU D 242 -17.93 48.61 -5.22
CA GLU D 242 -18.52 49.41 -6.30
C GLU D 242 -17.56 49.59 -7.47
N LYS D 243 -16.27 49.66 -7.14
CA LYS D 243 -15.20 49.60 -8.11
C LYS D 243 -15.14 48.23 -8.81
N ASP D 244 -15.27 47.15 -8.03
CA ASP D 244 -15.20 45.74 -8.53
C ASP D 244 -16.24 45.42 -9.59
N ILE D 245 -17.50 45.80 -9.33
CA ILE D 245 -18.66 45.68 -10.22
C ILE D 245 -18.41 46.29 -11.62
N GLN D 246 -17.85 47.50 -11.63
CA GLN D 246 -17.50 48.18 -12.88
C GLN D 246 -16.34 47.52 -13.61
N ASP D 247 -15.39 47.02 -12.82
CA ASP D 247 -14.21 46.34 -13.35
C ASP D 247 -14.53 44.97 -13.93
N LEU D 248 -15.50 44.28 -13.31
CA LEU D 248 -15.99 42.99 -13.78
C LEU D 248 -16.76 43.11 -15.08
N LYS D 249 -17.53 44.18 -15.19
CA LYS D 249 -18.34 44.49 -16.37
C LYS D 249 -17.44 44.87 -17.53
N PHE D 250 -16.38 45.61 -17.23
CA PHE D 250 -15.25 45.89 -18.15
C PHE D 250 -14.53 44.61 -18.62
N GLY D 251 -14.42 43.62 -17.73
CA GLY D 251 -13.93 42.28 -18.08
C GLY D 251 -14.76 41.54 -19.14
N VAL D 252 -16.08 41.67 -19.02
CA VAL D 252 -17.03 41.11 -19.99
C VAL D 252 -16.88 41.76 -21.38
N GLU D 253 -16.70 43.09 -21.38
CA GLU D 253 -16.47 43.91 -22.59
C GLU D 253 -15.20 43.52 -23.32
N GLN D 254 -14.15 43.30 -22.55
CA GLN D 254 -12.81 43.10 -23.08
C GLN D 254 -12.47 41.66 -23.42
N ASP D 255 -13.47 40.77 -23.26
CA ASP D 255 -13.46 39.35 -23.54
C ASP D 255 -12.40 38.59 -22.74
N VAL D 256 -12.36 38.79 -21.42
CA VAL D 256 -11.34 38.12 -20.60
C VAL D 256 -11.77 36.67 -20.34
N ASP D 257 -10.79 35.78 -20.19
CA ASP D 257 -11.09 34.35 -20.04
C ASP D 257 -11.36 33.87 -18.64
N MET D 258 -10.85 34.59 -17.64
CA MET D 258 -11.01 34.21 -16.25
C MET D 258 -11.01 35.43 -15.35
N VAL D 259 -11.62 35.26 -14.19
CA VAL D 259 -11.63 36.28 -13.15
C VAL D 259 -10.93 35.69 -11.94
N PHE D 260 -9.88 36.36 -11.48
CA PHE D 260 -9.23 35.96 -10.23
C PHE D 260 -9.89 36.87 -9.19
N ALA D 261 -10.83 36.35 -8.39
CA ALA D 261 -11.66 37.21 -7.49
C ALA D 261 -11.11 37.31 -6.07
N SER D 262 -10.77 38.53 -5.65
CA SER D 262 -10.14 38.80 -4.34
C SER D 262 -11.06 38.60 -3.14
N PHE D 263 -10.47 38.14 -2.02
CA PHE D 263 -11.06 38.13 -0.66
C PHE D 263 -12.36 37.31 -0.52
N ILE D 264 -12.40 36.14 -1.16
CA ILE D 264 -13.60 35.30 -1.17
C ILE D 264 -13.72 34.58 0.16
N ARG D 265 -14.80 34.87 0.90
CA ARG D 265 -14.97 34.38 2.26
C ARG D 265 -15.95 33.22 2.40
N LYS D 266 -16.84 33.06 1.42
CA LYS D 266 -18.00 32.15 1.49
C LYS D 266 -18.54 31.91 0.09
N ALA D 267 -19.48 30.97 -0.04
CA ALA D 267 -20.12 30.66 -1.32
C ALA D 267 -20.99 31.77 -1.91
N SER D 268 -21.66 32.55 -1.04
CA SER D 268 -22.41 33.80 -1.41
C SER D 268 -21.58 34.77 -2.25
N ASP D 269 -20.31 34.91 -1.87
CA ASP D 269 -19.36 35.79 -2.51
C ASP D 269 -19.04 35.47 -3.96
N VAL D 270 -18.91 34.18 -4.26
CA VAL D 270 -18.72 33.63 -5.61
C VAL D 270 -19.98 33.88 -6.43
N HIS D 271 -21.14 33.64 -5.79
CA HIS D 271 -22.48 33.78 -6.41
C HIS D 271 -22.79 35.23 -6.79
N GLU D 272 -22.31 36.16 -5.95
CA GLU D 272 -22.37 37.60 -6.24
C GLU D 272 -21.50 38.02 -7.42
N VAL D 273 -20.30 37.42 -7.59
CA VAL D 273 -19.39 37.71 -8.71
C VAL D 273 -20.02 37.20 -10.00
N ARG D 274 -20.54 35.97 -9.92
CA ARG D 274 -21.31 35.27 -10.97
C ARG D 274 -22.54 36.03 -11.46
N LYS D 275 -23.28 36.63 -10.52
CA LYS D 275 -24.45 37.45 -10.84
C LYS D 275 -24.05 38.72 -11.58
N VAL D 276 -22.93 39.34 -11.17
CA VAL D 276 -22.40 40.58 -11.78
C VAL D 276 -21.89 40.34 -13.21
N LEU D 277 -21.24 39.18 -13.42
CA LEU D 277 -20.79 38.74 -14.76
C LEU D 277 -21.95 38.45 -15.72
N GLY D 278 -23.08 38.00 -15.18
CA GLY D 278 -24.35 37.91 -15.89
C GLY D 278 -24.40 36.80 -16.91
N GLU D 279 -25.32 36.91 -17.88
CA GLU D 279 -25.43 35.90 -18.95
C GLU D 279 -24.35 36.05 -20.00
N LYS D 280 -23.89 37.29 -20.21
CA LYS D 280 -22.88 37.60 -21.21
C LYS D 280 -21.49 37.09 -20.79
N GLY D 281 -21.24 37.08 -19.48
CA GLY D 281 -19.97 36.59 -18.96
C GLY D 281 -20.01 35.21 -18.32
N LYS D 282 -20.92 34.35 -18.77
CA LYS D 282 -21.20 33.10 -18.05
C LYS D 282 -20.18 31.96 -18.28
N ASN D 283 -19.35 32.09 -19.32
CA ASN D 283 -18.31 31.09 -19.62
C ASN D 283 -16.93 31.50 -19.11
N ILE D 284 -16.86 32.73 -18.59
CA ILE D 284 -15.67 33.26 -17.93
C ILE D 284 -15.53 32.57 -16.58
N LYS D 285 -14.40 31.88 -16.38
CA LYS D 285 -14.11 31.14 -15.13
C LYS D 285 -13.93 32.05 -13.91
N ILE D 286 -14.52 31.66 -12.79
CA ILE D 286 -14.27 32.36 -11.55
C ILE D 286 -13.30 31.59 -10.66
N ILE D 287 -12.14 32.20 -10.46
CA ILE D 287 -11.12 31.62 -9.63
C ILE D 287 -11.13 32.38 -8.32
N SER D 288 -11.53 31.71 -7.23
CA SER D 288 -11.61 32.40 -5.93
C SER D 288 -10.24 32.52 -5.27
N LYS D 289 -9.90 33.73 -4.83
CA LYS D 289 -8.66 33.95 -4.10
C LYS D 289 -8.93 33.74 -2.63
N ILE D 290 -8.22 32.76 -2.07
CA ILE D 290 -8.34 32.45 -0.66
C ILE D 290 -7.24 33.19 0.08
N GLU D 291 -7.68 34.15 0.90
CA GLU D 291 -6.83 35.24 1.38
C GLU D 291 -6.87 35.42 2.89
N ASN D 292 -7.79 34.75 3.58
CA ASN D 292 -7.90 34.90 5.06
C ASN D 292 -8.30 33.60 5.75
N HIS D 293 -8.49 33.67 7.07
CA HIS D 293 -8.91 32.54 7.93
C HIS D 293 -10.27 32.01 7.55
N GLU D 294 -11.21 32.92 7.28
CA GLU D 294 -12.59 32.54 7.00
C GLU D 294 -12.71 31.79 5.68
N GLY D 295 -11.96 32.26 4.67
CA GLY D 295 -11.85 31.59 3.37
C GLY D 295 -11.26 30.18 3.44
N VAL D 296 -10.27 29.99 4.31
CA VAL D 296 -9.64 28.68 4.54
C VAL D 296 -10.60 27.74 5.27
N ARG D 297 -11.27 28.26 6.31
CA ARG D 297 -12.25 27.51 7.12
C ARG D 297 -13.50 27.11 6.36
N ARG D 298 -13.88 27.92 5.38
CA ARG D 298 -15.04 27.60 4.56
C ARG D 298 -14.63 27.16 3.17
N PHE D 299 -13.47 26.48 3.07
CA PHE D 299 -12.88 26.12 1.76
C PHE D 299 -13.79 25.29 0.85
N ASP D 300 -14.46 24.30 1.45
CA ASP D 300 -15.32 23.35 0.74
C ASP D 300 -16.52 23.96 0.04
N GLU D 301 -17.23 24.89 0.72
CA GLU D 301 -18.38 25.60 0.08
C GLU D 301 -17.91 26.60 -0.99
N ILE D 302 -16.67 27.11 -0.84
CA ILE D 302 -16.10 28.03 -1.83
C ILE D 302 -15.68 27.27 -3.11
N LEU D 303 -14.98 26.15 -2.90
CA LEU D 303 -14.50 25.26 -3.97
C LEU D 303 -15.65 24.72 -4.85
N GLU D 304 -16.68 24.21 -4.20
CA GLU D 304 -17.91 23.80 -4.87
C GLU D 304 -18.58 24.92 -5.70
N ALA D 305 -18.62 26.14 -5.16
CA ALA D 305 -19.18 27.29 -5.90
C ALA D 305 -18.29 27.86 -7.02
N SER D 306 -16.97 27.74 -6.90
CA SER D 306 -16.03 28.37 -7.85
C SER D 306 -15.61 27.45 -8.97
N ASP D 307 -14.99 28.02 -9.99
CA ASP D 307 -14.40 27.23 -11.09
C ASP D 307 -12.94 26.86 -10.81
N GLY D 308 -12.34 27.52 -9.84
CA GLY D 308 -11.02 27.19 -9.39
C GLY D 308 -10.55 28.03 -8.22
N ILE D 309 -9.31 27.82 -7.77
CA ILE D 309 -8.81 28.43 -6.52
C ILE D 309 -7.45 29.09 -6.74
N MET D 310 -7.27 30.29 -6.19
CA MET D 310 -5.93 30.79 -5.95
C MET D 310 -5.55 30.83 -4.47
N VAL D 311 -4.45 30.14 -4.17
CA VAL D 311 -3.75 30.29 -2.92
C VAL D 311 -2.97 31.61 -3.00
N ALA D 312 -3.62 32.66 -2.49
CA ALA D 312 -3.07 33.98 -2.56
C ALA D 312 -2.27 34.19 -1.30
N ARG D 313 -1.04 33.70 -1.31
CA ARG D 313 -0.22 33.58 -0.11
C ARG D 313 0.27 34.89 0.49
N GLY D 314 0.36 35.92 -0.37
CA GLY D 314 0.57 37.33 0.00
C GLY D 314 -0.26 37.79 1.16
N ASP D 315 -1.56 37.97 0.91
CA ASP D 315 -2.49 38.35 1.96
C ASP D 315 -2.77 37.29 3.02
N LEU D 316 -2.70 36.01 2.62
CA LEU D 316 -2.91 34.87 3.51
C LEU D 316 -1.87 34.85 4.61
N GLY D 317 -0.60 35.07 4.24
CA GLY D 317 0.51 35.24 5.17
C GLY D 317 0.56 36.50 6.01
N ILE D 318 -0.30 37.47 5.68
CA ILE D 318 -0.55 38.59 6.53
C ILE D 318 -1.67 38.17 7.51
N GLU D 319 -2.75 37.56 7.02
CA GLU D 319 -3.90 37.22 7.87
C GLU D 319 -3.72 36.02 8.80
N ILE D 320 -3.00 34.98 8.37
CA ILE D 320 -2.75 33.84 9.26
C ILE D 320 -1.26 33.91 9.69
N PRO D 321 -0.83 33.14 10.74
CA PRO D 321 0.63 33.04 10.98
C PRO D 321 1.43 32.49 9.80
N ALA D 322 2.59 33.11 9.56
CA ALA D 322 3.42 32.86 8.37
C ALA D 322 3.99 31.43 8.32
N GLU D 323 4.24 30.85 9.49
CA GLU D 323 4.55 29.42 9.62
C GLU D 323 3.41 28.42 9.27
N LYS D 324 2.18 28.90 9.08
CA LYS D 324 1.04 28.03 8.78
C LYS D 324 0.61 28.00 7.33
N VAL D 325 1.20 28.86 6.51
CA VAL D 325 0.77 29.08 5.11
C VAL D 325 0.92 27.82 4.22
N PHE D 326 2.00 27.06 4.45
CA PHE D 326 2.21 25.76 3.77
C PHE D 326 1.14 24.69 4.02
N LEU D 327 0.56 24.69 5.25
CA LEU D 327 -0.52 23.79 5.63
C LEU D 327 -1.73 24.15 4.81
N ALA D 328 -2.05 25.45 4.75
CA ALA D 328 -3.13 26.00 3.92
C ALA D 328 -2.92 25.76 2.44
N GLN D 329 -1.68 25.88 1.95
CA GLN D 329 -1.32 25.58 0.55
C GLN D 329 -1.56 24.12 0.15
N LYS D 330 -0.95 23.19 0.90
CA LYS D 330 -1.11 21.74 0.67
C LYS D 330 -2.54 21.20 0.84
N MET D 331 -3.27 21.75 1.80
CA MET D 331 -4.72 21.50 1.93
C MET D 331 -5.54 21.86 0.70
N MET D 332 -5.40 23.09 0.25
CA MET D 332 -6.18 23.57 -0.86
C MET D 332 -5.77 22.93 -2.18
N ILE D 333 -4.47 22.67 -2.38
CA ILE D 333 -4.00 21.99 -3.59
C ILE D 333 -4.51 20.54 -3.66
N GLY D 334 -4.38 19.83 -2.54
CA GLY D 334 -4.93 18.48 -2.33
C GLY D 334 -6.41 18.34 -2.67
N ARG D 335 -7.22 19.22 -2.07
CA ARG D 335 -8.67 19.18 -2.24
C ARG D 335 -9.10 19.59 -3.65
N CYS D 336 -8.35 20.48 -4.27
CA CYS D 336 -8.62 20.84 -5.66
C CYS D 336 -8.26 19.74 -6.63
N ASN D 337 -7.19 19.00 -6.30
CA ASN D 337 -6.78 17.80 -7.03
C ASN D 337 -7.84 16.69 -6.91
N ARG D 338 -8.46 16.62 -5.72
CA ARG D 338 -9.51 15.68 -5.37
C ARG D 338 -10.81 16.04 -6.11
N ALA D 339 -11.12 17.34 -6.18
CA ALA D 339 -12.27 17.84 -6.93
C ALA D 339 -12.09 17.89 -8.45
N GLY D 340 -10.86 17.98 -8.93
CA GLY D 340 -10.63 18.18 -10.37
C GLY D 340 -10.76 19.63 -10.84
N LYS D 341 -10.70 20.57 -9.89
CA LYS D 341 -10.78 22.00 -10.24
C LYS D 341 -9.38 22.64 -10.15
N PRO D 342 -9.04 23.59 -11.04
CA PRO D 342 -7.76 24.31 -11.05
C PRO D 342 -7.33 24.96 -9.75
N VAL D 343 -6.04 24.82 -9.45
CA VAL D 343 -5.47 25.53 -8.32
C VAL D 343 -4.20 26.27 -8.75
N ILE D 344 -4.14 27.55 -8.39
CA ILE D 344 -3.01 28.44 -8.64
C ILE D 344 -2.23 28.71 -7.35
N CYS D 345 -0.94 28.43 -7.40
CA CYS D 345 -0.02 28.91 -6.37
C CYS D 345 0.56 30.26 -6.74
N ALA D 346 0.47 31.19 -5.79
CA ALA D 346 0.82 32.56 -6.08
C ALA D 346 1.68 33.21 -5.01
N THR D 347 2.43 34.23 -5.43
CA THR D 347 3.07 35.28 -4.62
C THR D 347 4.41 34.88 -4.02
N GLN D 348 5.43 35.65 -4.41
CA GLN D 348 6.83 35.63 -3.93
C GLN D 348 7.53 34.34 -4.27
N MET D 349 7.12 33.69 -5.35
CA MET D 349 7.72 32.45 -5.79
C MET D 349 9.13 32.63 -6.26
N LEU D 350 9.43 33.74 -6.94
CA LEU D 350 10.80 34.07 -7.30
C LEU D 350 11.10 35.54 -6.98
N GLU D 351 10.76 35.96 -5.76
CA GLU D 351 10.77 37.38 -5.34
C GLU D 351 12.08 38.16 -5.52
N SER D 352 13.22 37.52 -5.26
CA SER D 352 14.55 38.11 -5.50
C SER D 352 14.90 38.40 -6.96
N MET D 353 14.16 37.78 -7.89
CA MET D 353 14.33 38.05 -9.31
C MET D 353 13.86 39.39 -9.85
N ILE D 354 13.09 40.14 -9.06
CA ILE D 354 12.82 41.58 -9.28
C ILE D 354 14.13 42.39 -9.42
N LYS D 355 15.09 42.12 -8.54
CA LYS D 355 16.40 42.76 -8.66
C LYS D 355 17.55 41.87 -9.20
N LYS D 356 17.46 40.55 -9.06
CA LYS D 356 18.60 39.66 -9.41
C LYS D 356 18.31 38.74 -10.63
N PRO D 357 19.33 38.35 -11.43
CA PRO D 357 18.97 37.48 -12.59
C PRO D 357 18.88 35.96 -12.33
N ARG D 358 19.12 35.55 -11.09
CA ARG D 358 19.06 34.14 -10.66
C ARG D 358 18.23 34.14 -9.37
N PRO D 359 17.45 33.08 -9.12
CA PRO D 359 16.68 33.14 -7.87
C PRO D 359 17.47 32.61 -6.69
N THR D 360 16.92 32.79 -5.48
CA THR D 360 17.50 32.16 -4.32
C THR D 360 17.15 30.67 -4.27
N ARG D 361 17.77 29.93 -3.36
CA ARG D 361 17.54 28.47 -3.31
C ARG D 361 16.21 28.13 -2.66
N ALA D 362 15.72 29.00 -1.77
CA ALA D 362 14.35 28.89 -1.28
C ALA D 362 13.34 28.99 -2.38
N GLU D 363 13.58 29.91 -3.30
CA GLU D 363 12.70 30.22 -4.42
C GLU D 363 12.60 29.13 -5.46
N GLY D 364 13.74 28.54 -5.82
CA GLY D 364 13.75 27.33 -6.68
C GLY D 364 13.00 26.16 -6.09
N SER D 365 13.22 25.94 -4.79
CA SER D 365 12.51 24.96 -4.00
C SER D 365 11.00 25.20 -3.86
N ASP D 366 10.58 26.46 -3.77
CA ASP D 366 9.14 26.83 -3.68
C ASP D 366 8.37 26.47 -4.93
N VAL D 367 8.98 26.72 -6.09
CA VAL D 367 8.35 26.48 -7.38
C VAL D 367 8.23 24.97 -7.61
N ALA D 368 9.29 24.23 -7.31
CA ALA D 368 9.31 22.78 -7.49
C ALA D 368 8.32 22.03 -6.62
N ASN D 369 8.31 22.37 -5.33
CA ASN D 369 7.36 21.86 -4.38
C ASN D 369 5.89 22.25 -4.61
N ALA D 370 5.60 23.39 -5.22
CA ALA D 370 4.23 23.73 -5.60
C ALA D 370 3.76 22.85 -6.76
N VAL D 371 4.66 22.60 -7.71
CA VAL D 371 4.39 21.75 -8.84
C VAL D 371 4.27 20.30 -8.36
N LEU D 372 5.17 19.90 -7.45
CA LEU D 372 5.11 18.57 -6.83
C LEU D 372 3.86 18.33 -6.01
N ASP D 373 3.41 19.34 -5.23
CA ASP D 373 2.14 19.32 -4.49
C ASP D 373 0.95 19.05 -5.41
N GLY D 374 0.97 19.58 -6.63
CA GLY D 374 -0.11 19.40 -7.57
C GLY D 374 -0.77 20.68 -8.07
N ALA D 375 -0.09 21.82 -7.95
CA ALA D 375 -0.65 23.09 -8.45
C ALA D 375 -0.66 23.08 -9.97
N ASP D 376 -1.82 23.42 -10.51
CA ASP D 376 -2.04 23.46 -11.93
C ASP D 376 -1.34 24.65 -12.52
N CYS D 377 -1.38 25.78 -11.81
CA CYS D 377 -0.64 26.94 -12.25
C CYS D 377 0.24 27.58 -11.22
N ILE D 378 1.30 28.20 -11.72
CA ILE D 378 2.23 28.96 -10.91
C ILE D 378 2.20 30.41 -11.41
N MET D 379 2.37 31.37 -10.49
CA MET D 379 2.18 32.79 -10.77
C MET D 379 3.45 33.62 -10.54
N LEU D 380 3.61 34.68 -11.35
CA LEU D 380 4.61 35.69 -11.15
C LEU D 380 3.88 37.02 -10.93
N SER D 381 4.29 37.78 -9.92
CA SER D 381 3.68 39.11 -9.70
C SER D 381 4.62 40.25 -10.06
N GLY D 382 5.34 40.78 -9.07
CA GLY D 382 6.28 41.90 -9.28
C GLY D 382 7.52 41.53 -10.11
N GLU D 383 7.84 40.23 -10.12
CA GLU D 383 8.79 39.60 -11.03
C GLU D 383 8.54 39.86 -12.50
N THR D 384 7.29 39.87 -12.91
CA THR D 384 7.04 40.23 -14.29
C THR D 384 6.44 41.63 -14.42
N ALA D 385 5.75 42.10 -13.39
CA ALA D 385 5.10 43.42 -13.47
C ALA D 385 6.03 44.63 -13.37
N LYS D 386 7.04 44.59 -12.49
CA LYS D 386 7.88 45.77 -12.28
C LYS D 386 9.40 45.54 -12.26
N GLY D 387 9.83 44.28 -12.19
CA GLY D 387 11.23 43.99 -11.95
C GLY D 387 12.15 44.04 -13.14
N ASP D 388 13.44 43.87 -12.89
CA ASP D 388 14.48 44.10 -13.88
C ASP D 388 14.71 42.90 -14.78
N TYR D 389 14.22 41.73 -14.38
CA TYR D 389 14.46 40.51 -15.16
C TYR D 389 13.17 39.70 -15.41
N PRO D 390 12.18 40.25 -16.17
CA PRO D 390 10.93 39.47 -16.27
C PRO D 390 11.02 38.21 -17.12
N LEU D 391 11.86 38.26 -18.15
CA LEU D 391 12.04 37.15 -19.08
C LEU D 391 12.74 35.98 -18.43
N GLU D 392 13.72 36.29 -17.58
CA GLU D 392 14.48 35.31 -16.83
C GLU D 392 13.63 34.60 -15.78
N ALA D 393 12.70 35.31 -15.17
CA ALA D 393 11.76 34.72 -14.20
C ALA D 393 10.75 33.74 -14.82
N VAL D 394 10.24 34.05 -16.02
CA VAL D 394 9.37 33.15 -16.80
C VAL D 394 10.11 31.87 -17.20
N ARG D 395 11.33 32.05 -17.72
CA ARG D 395 12.24 30.95 -18.07
C ARG D 395 12.55 30.03 -16.93
N MET D 396 12.78 30.61 -15.75
CA MET D 396 13.08 29.87 -14.54
C MET D 396 11.87 29.11 -14.04
N GLN D 397 10.70 29.71 -14.12
CA GLN D 397 9.46 28.99 -13.80
C GLN D 397 9.18 27.82 -14.76
N HIS D 398 9.51 27.99 -16.05
CA HIS D 398 9.38 26.94 -17.08
C HIS D 398 10.34 25.77 -16.84
N LEU D 399 11.60 26.11 -16.52
CA LEU D 399 12.66 25.16 -16.27
C LEU D 399 12.43 24.34 -15.01
N ILE D 400 12.00 25.00 -13.93
CA ILE D 400 11.78 24.32 -12.66
C ILE D 400 10.57 23.38 -12.76
N ALA D 401 9.46 23.87 -13.34
CA ALA D 401 8.21 23.11 -13.46
C ALA D 401 8.35 21.82 -14.25
N ARG D 402 9.07 21.90 -15.38
CA ARG D 402 9.35 20.76 -16.27
C ARG D 402 10.17 19.68 -15.58
N GLU D 403 11.16 20.11 -14.80
CA GLU D 403 12.02 19.25 -13.99
C GLU D 403 11.20 18.59 -12.85
N ALA D 404 10.31 19.37 -12.22
CA ALA D 404 9.41 18.85 -11.17
C ALA D 404 8.24 17.96 -11.60
N GLU D 405 7.77 18.15 -12.83
CA GLU D 405 6.73 17.28 -13.38
C GLU D 405 7.23 15.84 -13.63
N ALA D 406 8.50 15.73 -14.03
CA ALA D 406 9.20 14.47 -14.20
C ALA D 406 9.40 13.70 -12.89
N ALA D 407 9.55 14.43 -11.78
CA ALA D 407 9.85 13.90 -10.46
C ALA D 407 8.63 13.50 -9.64
N ILE D 408 7.45 13.69 -10.21
CA ILE D 408 6.16 13.30 -9.61
C ILE D 408 6.12 11.76 -9.51
N TYR D 409 5.68 11.24 -8.36
CA TYR D 409 5.53 9.81 -8.20
C TYR D 409 4.13 9.39 -8.65
N HIS D 410 3.97 9.28 -9.96
CA HIS D 410 2.73 8.90 -10.64
C HIS D 410 2.17 7.53 -10.26
N LEU D 411 3.04 6.57 -9.90
CA LEU D 411 2.63 5.27 -9.35
C LEU D 411 1.74 5.35 -8.09
N GLN D 412 2.14 6.13 -7.09
CA GLN D 412 1.26 6.38 -5.92
C GLN D 412 0.11 7.31 -6.28
N LEU D 413 0.43 8.37 -7.05
CA LEU D 413 -0.53 9.44 -7.34
C LEU D 413 -1.74 8.97 -8.15
N PHE D 414 -1.52 8.19 -9.21
CA PHE D 414 -2.63 7.62 -10.01
C PHE D 414 -3.46 6.60 -9.23
N GLU D 415 -2.80 5.81 -8.38
CA GLU D 415 -3.46 4.89 -7.44
C GLU D 415 -4.39 5.55 -6.44
N GLU D 416 -3.96 6.67 -5.87
CA GLU D 416 -4.75 7.38 -4.86
C GLU D 416 -5.92 8.17 -5.42
N LEU D 417 -5.69 8.87 -6.54
CA LEU D 417 -6.74 9.61 -7.28
C LEU D 417 -7.90 8.74 -7.78
N ARG D 418 -7.58 7.53 -8.28
CA ARG D 418 -8.56 6.52 -8.66
C ARG D 418 -9.44 6.01 -7.52
N ARG D 419 -8.77 5.59 -6.44
CA ARG D 419 -9.38 5.12 -5.18
C ARG D 419 -10.33 6.14 -4.56
N LEU D 420 -9.94 7.41 -4.62
CA LEU D 420 -10.73 8.46 -3.99
C LEU D 420 -11.92 8.95 -4.80
N ALA D 421 -11.79 8.98 -6.13
CA ALA D 421 -12.86 9.44 -7.04
C ALA D 421 -13.93 8.35 -7.16
N PRO D 422 -15.23 8.75 -7.15
CA PRO D 422 -16.25 7.74 -6.95
C PRO D 422 -16.64 6.97 -8.22
N ILE D 423 -17.38 5.90 -8.02
CA ILE D 423 -17.98 5.16 -9.11
C ILE D 423 -19.16 5.99 -9.60
N THR D 424 -19.14 6.40 -10.88
CA THR D 424 -20.25 7.20 -11.48
C THR D 424 -20.71 6.62 -12.79
N SER D 425 -21.78 7.16 -13.36
CA SER D 425 -22.25 6.68 -14.66
C SER D 425 -22.04 7.71 -15.79
N ASP D 426 -21.07 8.61 -15.63
CA ASP D 426 -20.71 9.48 -16.72
C ASP D 426 -19.73 8.74 -17.63
N PRO D 427 -20.05 8.66 -18.94
CA PRO D 427 -19.24 7.94 -19.92
C PRO D 427 -17.91 8.59 -20.21
N THR D 428 -17.87 9.92 -20.09
CA THR D 428 -16.66 10.70 -20.36
C THR D 428 -15.60 10.50 -19.27
N GLU D 429 -16.08 10.32 -18.04
CA GLU D 429 -15.26 10.09 -16.85
C GLU D 429 -14.59 8.73 -16.90
N ALA D 430 -15.37 7.72 -17.29
CA ALA D 430 -14.87 6.35 -17.49
C ALA D 430 -13.86 6.30 -18.63
N THR D 431 -14.12 7.06 -19.70
CA THR D 431 -13.20 7.22 -20.85
C THR D 431 -11.91 7.94 -20.49
N ALA D 432 -12.01 9.00 -19.68
CA ALA D 432 -10.86 9.75 -19.18
C ALA D 432 -9.90 8.92 -18.35
N VAL D 433 -10.42 8.19 -17.36
CA VAL D 433 -9.59 7.29 -16.54
C VAL D 433 -8.98 6.10 -17.33
N GLY D 434 -9.71 5.60 -18.35
CA GLY D 434 -9.21 4.53 -19.24
C GLY D 434 -8.06 4.98 -20.12
N ALA D 435 -8.18 6.20 -20.65
CA ALA D 435 -7.12 6.91 -21.39
C ALA D 435 -5.83 7.15 -20.61
N VAL D 436 -5.96 7.54 -19.34
CA VAL D 436 -4.82 7.80 -18.46
C VAL D 436 -4.15 6.48 -18.06
N GLU D 437 -4.96 5.47 -17.76
CA GLU D 437 -4.48 4.09 -17.56
C GLU D 437 -3.70 3.51 -18.76
N ALA D 438 -4.29 3.61 -19.95
CA ALA D 438 -3.64 3.25 -21.21
C ALA D 438 -2.36 4.04 -21.47
N SER D 439 -2.35 5.35 -21.18
CA SER D 439 -1.14 6.17 -21.34
C SER D 439 0.06 5.78 -20.46
N PHE D 440 -0.20 5.29 -19.25
CA PHE D 440 0.85 4.80 -18.37
C PHE D 440 1.37 3.42 -18.80
N LYS D 441 0.48 2.60 -19.34
CA LYS D 441 0.83 1.23 -19.80
C LYS D 441 1.72 1.22 -21.06
N CYS D 442 1.57 2.22 -21.91
CA CYS D 442 2.43 2.25 -23.10
C CYS D 442 3.52 3.31 -23.10
N CYS D 443 3.62 4.03 -21.98
CA CYS D 443 4.43 5.24 -21.79
C CYS D 443 4.25 6.20 -22.97
N SER D 444 3.03 6.69 -23.09
CA SER D 444 2.54 7.36 -24.27
C SER D 444 3.21 8.70 -24.54
N GLY D 445 3.29 9.06 -25.82
CA GLY D 445 3.83 10.35 -26.23
C GLY D 445 2.88 11.50 -25.90
N ALA D 446 1.56 11.24 -26.00
CA ALA D 446 0.49 12.17 -25.62
C ALA D 446 -0.86 11.49 -25.46
N ILE D 447 -1.80 12.24 -24.89
CA ILE D 447 -3.21 11.95 -24.95
C ILE D 447 -3.88 13.07 -25.73
N ILE D 448 -4.36 12.76 -26.93
CA ILE D 448 -4.92 13.76 -27.79
C ILE D 448 -6.42 13.69 -27.53
N VAL D 449 -7.04 14.83 -27.20
CA VAL D 449 -8.44 14.89 -26.80
C VAL D 449 -9.13 15.94 -27.67
N LEU D 450 -10.22 15.60 -28.36
CA LEU D 450 -11.00 16.60 -29.06
C LEU D 450 -11.98 17.19 -28.05
N THR D 451 -12.12 18.52 -28.00
CA THR D 451 -13.03 19.14 -27.02
C THR D 451 -13.63 20.47 -27.52
N LYS D 452 -14.89 20.74 -27.19
CA LYS D 452 -15.52 22.00 -27.58
C LYS D 452 -15.44 22.98 -26.41
N SER D 453 -15.74 22.48 -25.21
CA SER D 453 -15.87 23.32 -24.04
C SER D 453 -14.67 23.25 -23.13
N GLY D 454 -13.77 22.29 -23.36
CA GLY D 454 -12.69 22.09 -22.41
C GLY D 454 -12.80 20.79 -21.64
N ARG D 455 -14.04 20.41 -21.28
CA ARG D 455 -14.36 19.40 -20.22
C ARG D 455 -13.74 18.00 -20.32
N SER D 456 -13.75 17.42 -21.53
CA SER D 456 -13.17 16.09 -21.81
C SER D 456 -11.69 16.06 -21.52
N ALA D 457 -10.99 17.11 -21.95
CA ALA D 457 -9.60 17.37 -21.53
C ALA D 457 -9.39 17.70 -20.03
N HIS D 458 -10.31 18.47 -19.43
CA HIS D 458 -10.29 18.73 -17.95
C HIS D 458 -10.39 17.45 -17.12
N GLN D 459 -11.24 16.53 -17.60
CA GLN D 459 -11.47 15.24 -16.98
C GLN D 459 -10.27 14.29 -17.09
N VAL D 460 -9.48 14.40 -18.15
CA VAL D 460 -8.22 13.67 -18.31
C VAL D 460 -7.16 14.20 -17.33
N ALA D 461 -7.02 15.52 -17.29
CA ALA D 461 -6.09 16.27 -16.43
C ALA D 461 -6.14 15.99 -14.94
N ARG D 462 -7.35 15.70 -14.44
CA ARG D 462 -7.58 15.41 -13.04
C ARG D 462 -7.05 14.04 -12.56
N TYR D 463 -6.71 13.14 -13.48
CA TYR D 463 -6.09 11.88 -13.09
C TYR D 463 -4.58 11.88 -13.25
N ARG D 464 -4.06 13.07 -13.55
CA ARG D 464 -2.62 13.41 -13.61
C ARG D 464 -1.67 12.52 -14.44
N PRO D 465 -1.92 12.37 -15.78
CA PRO D 465 -0.98 11.55 -16.56
C PRO D 465 0.41 12.19 -16.73
N ARG D 466 1.40 11.35 -17.02
CA ARG D 466 2.74 11.81 -17.33
C ARG D 466 2.71 12.50 -18.70
N ALA D 467 1.97 11.88 -19.61
CA ALA D 467 1.89 12.29 -21.00
C ALA D 467 1.13 13.62 -21.09
N PRO D 468 1.64 14.56 -21.93
CA PRO D 468 0.99 15.84 -22.25
C PRO D 468 -0.38 15.61 -22.88
N ILE D 469 -1.35 16.44 -22.50
CA ILE D 469 -2.68 16.32 -23.07
C ILE D 469 -2.84 17.38 -24.14
N ILE D 470 -2.89 16.96 -25.38
CA ILE D 470 -3.10 17.91 -26.48
C ILE D 470 -4.60 18.07 -26.71
N ALA D 471 -5.14 19.19 -26.27
CA ALA D 471 -6.55 19.47 -26.46
C ALA D 471 -6.75 20.26 -27.73
N VAL D 472 -7.48 19.65 -28.65
CA VAL D 472 -7.65 20.19 -29.97
C VAL D 472 -9.04 20.76 -30.00
N THR D 473 -9.12 22.00 -30.44
CA THR D 473 -10.37 22.73 -30.39
C THR D 473 -10.47 23.76 -31.49
N ARG D 474 -11.69 24.09 -31.87
CA ARG D 474 -11.94 25.17 -32.81
C ARG D 474 -12.33 26.42 -32.03
N ASN D 475 -12.58 26.26 -30.73
CA ASN D 475 -13.12 27.32 -29.88
C ASN D 475 -11.95 28.08 -29.23
N PRO D 476 -11.83 29.39 -29.53
CA PRO D 476 -10.72 30.23 -29.07
C PRO D 476 -10.66 30.47 -27.55
N GLN D 477 -11.82 30.60 -26.91
CA GLN D 477 -11.92 30.75 -25.46
C GLN D 477 -11.53 29.47 -24.70
N THR D 478 -11.98 28.32 -25.21
CA THR D 478 -11.60 26.99 -24.71
C THR D 478 -10.08 26.76 -24.74
N ALA D 479 -9.46 27.14 -25.85
CA ALA D 479 -8.00 27.14 -26.01
C ALA D 479 -7.27 28.03 -25.02
N ARG D 480 -7.82 29.21 -24.72
CA ARG D 480 -7.22 30.08 -23.71
C ARG D 480 -7.45 29.56 -22.30
N GLN D 481 -8.65 29.02 -22.04
CA GLN D 481 -8.99 28.56 -20.68
C GLN D 481 -8.34 27.24 -20.25
N ALA D 482 -7.81 26.49 -21.21
CA ALA D 482 -7.17 25.21 -20.98
C ALA D 482 -5.83 25.31 -20.23
N HIS D 483 -5.17 26.47 -20.33
CA HIS D 483 -3.97 26.81 -19.53
C HIS D 483 -4.10 26.76 -18.00
N LEU D 484 -5.33 26.89 -17.50
CA LEU D 484 -5.67 26.62 -16.09
C LEU D 484 -5.52 25.19 -15.56
N TYR D 485 -5.28 24.21 -16.43
CA TYR D 485 -5.35 22.82 -16.01
C TYR D 485 -4.03 22.15 -16.35
N ARG D 486 -3.40 21.57 -15.33
CA ARG D 486 -2.12 20.87 -15.44
C ARG D 486 -2.13 19.83 -16.56
N GLY D 487 -1.18 19.93 -17.48
CA GLY D 487 -1.03 18.85 -18.48
C GLY D 487 -1.60 19.19 -19.82
N ILE D 488 -2.43 20.22 -19.87
CA ILE D 488 -3.15 20.51 -21.07
C ILE D 488 -2.36 21.41 -22.01
N PHE D 489 -2.10 20.92 -23.21
CA PHE D 489 -1.45 21.72 -24.22
C PHE D 489 -2.46 22.06 -25.31
N PRO D 490 -3.12 23.22 -25.19
CA PRO D 490 -4.23 23.58 -26.10
C PRO D 490 -3.82 24.01 -27.48
N VAL D 491 -4.42 23.41 -28.50
CA VAL D 491 -4.20 23.86 -29.87
C VAL D 491 -5.50 24.31 -30.54
N LEU D 492 -5.39 25.40 -31.27
CA LEU D 492 -6.54 26.02 -31.89
C LEU D 492 -6.54 25.66 -33.36
N CYS D 493 -7.51 24.86 -33.75
CA CYS D 493 -7.55 24.38 -35.12
C CYS D 493 -8.29 25.39 -35.97
N LYS D 494 -7.64 25.85 -37.03
CA LYS D 494 -8.13 26.91 -37.90
C LYS D 494 -8.55 26.36 -39.25
N ASP D 495 -8.34 25.05 -39.44
CA ASP D 495 -8.70 24.32 -40.67
C ASP D 495 -10.23 24.31 -40.86
N PRO D 496 -10.70 24.46 -42.12
CA PRO D 496 -12.13 24.42 -42.39
C PRO D 496 -12.74 23.04 -42.18
N VAL D 497 -14.02 23.04 -41.82
CA VAL D 497 -14.81 21.86 -41.52
C VAL D 497 -14.94 20.97 -42.76
N GLN D 498 -14.47 19.72 -42.65
CA GLN D 498 -14.60 18.71 -43.72
C GLN D 498 -16.03 18.26 -43.89
N GLU D 499 -16.34 17.68 -45.05
CA GLU D 499 -17.72 17.36 -45.40
C GLU D 499 -18.32 16.11 -44.75
N ALA D 500 -17.48 15.13 -44.44
CA ALA D 500 -17.89 13.99 -43.65
C ALA D 500 -17.35 14.23 -42.25
N TRP D 501 -18.17 13.94 -41.23
CA TRP D 501 -17.87 14.22 -39.81
C TRP D 501 -16.71 13.41 -39.27
N ALA D 502 -16.65 12.12 -39.64
CA ALA D 502 -15.55 11.21 -39.29
C ALA D 502 -14.20 11.67 -39.86
N GLU D 503 -14.23 12.22 -41.07
CA GLU D 503 -13.08 12.85 -41.69
C GLU D 503 -12.64 14.16 -41.01
N ASP D 504 -13.60 14.93 -40.51
CA ASP D 504 -13.30 16.18 -39.79
C ASP D 504 -12.63 15.93 -38.43
N VAL D 505 -13.00 14.80 -37.83
CA VAL D 505 -12.45 14.32 -36.59
C VAL D 505 -11.01 13.86 -36.82
N ASP D 506 -10.81 13.00 -37.84
CA ASP D 506 -9.47 12.56 -38.30
C ASP D 506 -8.50 13.67 -38.67
N LEU D 507 -9.01 14.73 -39.33
CA LEU D 507 -8.24 15.94 -39.64
C LEU D 507 -7.75 16.66 -38.37
N ARG D 508 -8.64 16.75 -37.38
CA ARG D 508 -8.31 17.34 -36.08
C ARG D 508 -7.31 16.52 -35.27
N VAL D 509 -7.38 15.19 -35.37
CA VAL D 509 -6.42 14.26 -34.75
C VAL D 509 -5.03 14.43 -35.41
N ASN D 510 -5.04 14.49 -36.74
CA ASN D 510 -3.85 14.77 -37.54
C ASN D 510 -3.13 16.08 -37.30
N PHE D 511 -3.91 17.11 -37.01
CA PHE D 511 -3.38 18.41 -36.64
C PHE D 511 -2.60 18.33 -35.33
N ALA D 512 -3.13 17.58 -34.37
CA ALA D 512 -2.43 17.31 -33.13
C ALA D 512 -1.24 16.38 -33.24
N MET D 513 -1.28 15.47 -34.23
CA MET D 513 -0.09 14.69 -34.58
C MET D 513 1.02 15.64 -35.02
N ASN D 514 0.69 16.57 -35.92
CA ASN D 514 1.62 17.57 -36.45
C ASN D 514 2.20 18.54 -35.45
N VAL D 515 1.40 18.94 -34.45
CA VAL D 515 1.88 19.80 -33.35
C VAL D 515 2.97 19.13 -32.49
N GLY D 516 2.66 17.93 -31.97
CA GLY D 516 3.58 17.20 -31.09
C GLY D 516 4.88 16.73 -31.75
N LYS D 517 4.81 16.45 -33.05
CA LYS D 517 6.00 16.24 -33.88
C LYS D 517 6.86 17.49 -34.08
N ALA D 518 6.23 18.66 -34.12
CA ALA D 518 6.95 19.91 -34.36
C ALA D 518 7.37 20.62 -33.08
N ARG D 519 6.76 20.22 -31.97
CA ARG D 519 7.17 20.74 -30.68
C ARG D 519 8.01 19.73 -29.92
N GLY D 520 8.31 18.61 -30.59
CA GLY D 520 9.22 17.60 -30.11
C GLY D 520 8.70 16.67 -29.04
N PHE D 521 7.37 16.49 -28.97
CA PHE D 521 6.74 15.71 -27.90
C PHE D 521 6.85 14.24 -28.26
N PHE D 522 6.70 13.94 -29.55
CA PHE D 522 6.80 12.58 -30.05
C PHE D 522 7.30 12.56 -31.48
N LYS D 523 7.63 11.38 -31.99
CA LYS D 523 8.03 11.25 -33.38
C LYS D 523 7.15 10.19 -34.06
N LYS D 524 7.46 9.89 -35.33
CA LYS D 524 6.75 8.90 -36.12
C LYS D 524 6.94 7.49 -35.54
N GLY D 525 5.82 6.83 -35.26
CA GLY D 525 5.85 5.48 -34.73
C GLY D 525 5.79 5.43 -33.22
N ASP D 526 5.72 6.59 -32.56
CA ASP D 526 5.43 6.65 -31.12
C ASP D 526 3.95 6.37 -30.88
N VAL D 527 3.63 5.78 -29.76
CA VAL D 527 2.29 5.34 -29.56
C VAL D 527 1.58 6.47 -28.80
N VAL D 528 0.42 6.93 -29.30
CA VAL D 528 -0.37 7.96 -28.59
C VAL D 528 -1.81 7.53 -28.28
N ILE D 529 -2.43 8.23 -27.32
CA ILE D 529 -3.82 7.97 -26.93
C ILE D 529 -4.71 9.03 -27.56
N VAL D 530 -5.83 8.62 -28.15
CA VAL D 530 -6.70 9.51 -28.88
C VAL D 530 -8.10 9.38 -28.29
N LEU D 531 -8.63 10.53 -27.83
CA LEU D 531 -9.97 10.65 -27.26
C LEU D 531 -10.89 11.44 -28.14
N THR D 532 -12.04 10.84 -28.47
CA THR D 532 -13.06 11.45 -29.35
C THR D 532 -14.45 11.00 -28.87
N GLY D 533 -15.50 11.45 -29.53
CA GLY D 533 -16.82 10.97 -29.21
C GLY D 533 -17.62 10.40 -30.36
N TRP D 534 -18.86 10.02 -30.11
CA TRP D 534 -19.59 9.22 -31.10
C TRP D 534 -20.51 10.05 -32.01
N ARG D 535 -20.74 11.30 -31.64
CA ARG D 535 -21.61 12.21 -32.39
C ARG D 535 -21.07 13.62 -32.13
N PRO D 536 -21.35 14.62 -33.01
CA PRO D 536 -20.89 15.99 -32.72
C PRO D 536 -21.61 16.67 -31.54
N GLY D 537 -20.98 17.67 -30.95
CA GLY D 537 -21.58 18.31 -29.79
C GLY D 537 -20.91 17.88 -28.51
N SER D 538 -20.97 18.76 -27.50
CA SER D 538 -20.43 18.52 -26.16
C SER D 538 -21.17 17.42 -25.42
N GLY D 539 -20.44 16.69 -24.59
CA GLY D 539 -21.06 15.75 -23.63
C GLY D 539 -21.02 14.31 -24.12
N PHE D 540 -20.36 14.06 -25.25
CA PHE D 540 -20.44 12.72 -25.86
C PHE D 540 -19.13 11.97 -26.03
N THR D 541 -18.06 12.40 -25.35
CA THR D 541 -16.77 11.74 -25.42
C THR D 541 -16.89 10.40 -24.74
N ASN D 542 -16.63 9.37 -25.51
CA ASN D 542 -16.85 8.03 -25.05
C ASN D 542 -15.85 7.06 -25.66
N THR D 543 -14.95 7.56 -26.52
CA THR D 543 -14.13 6.71 -27.44
C THR D 543 -12.62 6.92 -27.27
N MET D 544 -11.92 5.85 -26.88
CA MET D 544 -10.51 5.87 -26.60
C MET D 544 -9.77 5.03 -27.64
N ARG D 545 -8.84 5.65 -28.35
CA ARG D 545 -8.01 4.91 -29.33
C ARG D 545 -6.53 4.98 -29.07
N VAL D 546 -5.89 3.84 -29.26
CA VAL D 546 -4.46 3.75 -29.09
C VAL D 546 -3.85 3.61 -30.51
N VAL D 547 -3.11 4.62 -30.93
CA VAL D 547 -2.58 4.65 -32.30
C VAL D 547 -1.11 5.01 -32.38
N PRO D 548 -0.37 4.36 -33.30
CA PRO D 548 0.95 4.88 -33.66
C PRO D 548 0.83 6.19 -34.43
N VAL D 549 1.75 7.12 -34.14
CA VAL D 549 1.88 8.37 -34.87
C VAL D 549 2.39 8.08 -36.27
N PRO D 550 1.63 8.50 -37.31
CA PRO D 550 1.97 8.30 -38.73
C PRO D 550 3.16 9.15 -39.21
#